data_6L1R
# 
_entry.id   6L1R 
# 
_audit_conform.dict_name       mmcif_pdbx.dic 
_audit_conform.dict_version    5.380 
_audit_conform.dict_location   http://mmcif.pdb.org/dictionaries/ascii/mmcif_pdbx.dic 
# 
loop_
_database_2.database_id 
_database_2.database_code 
_database_2.pdbx_database_accession 
_database_2.pdbx_DOI 
PDB   6L1R         pdb_00006l1r 10.2210/pdb6l1r/pdb 
WWPDB D_1300013461 ?            ?                   
# 
_pdbx_database_status.status_code                     REL 
_pdbx_database_status.status_code_sf                  REL 
_pdbx_database_status.status_code_mr                  ? 
_pdbx_database_status.entry_id                        6L1R 
_pdbx_database_status.recvd_initial_deposition_date   2019-09-30 
_pdbx_database_status.SG_entry                        N 
_pdbx_database_status.deposit_site                    PDBJ 
_pdbx_database_status.process_site                    PDBJ 
_pdbx_database_status.status_code_cs                  ? 
_pdbx_database_status.methods_development_category    ? 
_pdbx_database_status.pdb_format_compatible           Y 
_pdbx_database_status.status_code_nmr_data            ? 
# 
loop_
_audit_author.name 
_audit_author.pdbx_ordinal 
_audit_author.identifier_ORCID 
'Li, H.Y.'  1 ? 
'Hu, T.T.'  2 ? 
'Dou, Y.S.' 3 ? 
'Su, D.'    4 ? 
# 
_citation.abstract                  ? 
_citation.abstract_id_CAS           ? 
_citation.book_id_ISBN              ? 
_citation.book_publisher            ? 
_citation.book_publisher_city       ? 
_citation.book_title                ? 
_citation.coordinate_linkage        ? 
_citation.country                   ? 
_citation.database_id_Medline       ? 
_citation.details                   ? 
_citation.id                        primary 
_citation.journal_abbrev            'To Be Published' 
_citation.journal_id_ASTM           ? 
_citation.journal_id_CSD            0353 
_citation.journal_id_ISSN           ? 
_citation.journal_full              ? 
_citation.journal_issue             ? 
_citation.journal_volume            ? 
_citation.language                  ? 
_citation.page_first                ? 
_citation.page_last                 ? 
_citation.title                     'Crystal structure of N-terminal domain of human SSRP1' 
_citation.year                      ? 
_citation.database_id_CSD           ? 
_citation.pdbx_database_id_DOI      ? 
_citation.pdbx_database_id_PubMed   ? 
_citation.unpublished_flag          ? 
# 
loop_
_citation_author.citation_id 
_citation_author.name 
_citation_author.ordinal 
_citation_author.identifier_ORCID 
primary 'Li, H.Y.'  1 ? 
primary 'Hu, T.T.'  2 ? 
primary 'Dou, Y.S.' 3 ? 
primary 'Su, D.'    4 ? 
# 
_cell.angle_alpha                  90.000 
_cell.angle_alpha_esd              ? 
_cell.angle_beta                   90.000 
_cell.angle_beta_esd               ? 
_cell.angle_gamma                  90.000 
_cell.angle_gamma_esd              ? 
_cell.entry_id                     6L1R 
_cell.details                      ? 
_cell.formula_units_Z              ? 
_cell.length_a                     37.825 
_cell.length_a_esd                 ? 
_cell.length_b                     37.825 
_cell.length_b_esd                 ? 
_cell.length_c                     68.089 
_cell.length_c_esd                 ? 
_cell.volume                       97414.528 
_cell.volume_esd                   ? 
_cell.Z_PDB                        4 
_cell.reciprocal_angle_alpha       ? 
_cell.reciprocal_angle_beta        ? 
_cell.reciprocal_angle_gamma       ? 
_cell.reciprocal_angle_alpha_esd   ? 
_cell.reciprocal_angle_beta_esd    ? 
_cell.reciprocal_angle_gamma_esd   ? 
_cell.reciprocal_length_a          ? 
_cell.reciprocal_length_b          ? 
_cell.reciprocal_length_c          ? 
_cell.reciprocal_length_a_esd      ? 
_cell.reciprocal_length_b_esd      ? 
_cell.reciprocal_length_c_esd      ? 
_cell.pdbx_unique_axis             ? 
# 
_symmetry.entry_id                         6L1R 
_symmetry.cell_setting                     ? 
_symmetry.Int_Tables_number                78 
_symmetry.space_group_name_Hall            'P 4cw' 
_symmetry.space_group_name_H-M             'P 43' 
_symmetry.pdbx_full_space_group_name_H-M   ? 
# 
loop_
_entity.id 
_entity.type 
_entity.src_method 
_entity.pdbx_description 
_entity.formula_weight 
_entity.pdbx_number_of_molecules 
_entity.pdbx_ec 
_entity.pdbx_mutation 
_entity.pdbx_fragment 
_entity.details 
1 polymer man 'FACT complex subunit SSRP1' 11833.473 1   ? ? ? ? 
2 water   nat water                        18.015    192 ? ? ? ? 
# 
_entity_poly.entity_id                      1 
_entity_poly.type                           'polypeptide(L)' 
_entity_poly.nstd_linkage                   no 
_entity_poly.nstd_monomer                   no 
_entity_poly.pdbx_seq_one_letter_code       
;GPMAETLEFNDVYQEVKGSMNDGRLRLSRQGIIFKNSKTGKVDNIQAGELTEGIWRRVALGHGLKLLTKNGHVYKYDGFR
ESEFEKLSDFFKTHYRLELMEK
;
_entity_poly.pdbx_seq_one_letter_code_can   
;GPMAETLEFNDVYQEVKGSMNDGRLRLSRQGIIFKNSKTGKVDNIQAGELTEGIWRRVALGHGLKLLTKNGHVYKYDGFR
ESEFEKLSDFFKTHYRLELMEK
;
_entity_poly.pdbx_strand_id                 A 
_entity_poly.pdbx_target_identifier         ? 
# 
loop_
_entity_poly_seq.entity_id 
_entity_poly_seq.num 
_entity_poly_seq.mon_id 
_entity_poly_seq.hetero 
1 1   GLY n 
1 2   PRO n 
1 3   MET n 
1 4   ALA n 
1 5   GLU n 
1 6   THR n 
1 7   LEU n 
1 8   GLU n 
1 9   PHE n 
1 10  ASN n 
1 11  ASP n 
1 12  VAL n 
1 13  TYR n 
1 14  GLN n 
1 15  GLU n 
1 16  VAL n 
1 17  LYS n 
1 18  GLY n 
1 19  SER n 
1 20  MET n 
1 21  ASN n 
1 22  ASP n 
1 23  GLY n 
1 24  ARG n 
1 25  LEU n 
1 26  ARG n 
1 27  LEU n 
1 28  SER n 
1 29  ARG n 
1 30  GLN n 
1 31  GLY n 
1 32  ILE n 
1 33  ILE n 
1 34  PHE n 
1 35  LYS n 
1 36  ASN n 
1 37  SER n 
1 38  LYS n 
1 39  THR n 
1 40  GLY n 
1 41  LYS n 
1 42  VAL n 
1 43  ASP n 
1 44  ASN n 
1 45  ILE n 
1 46  GLN n 
1 47  ALA n 
1 48  GLY n 
1 49  GLU n 
1 50  LEU n 
1 51  THR n 
1 52  GLU n 
1 53  GLY n 
1 54  ILE n 
1 55  TRP n 
1 56  ARG n 
1 57  ARG n 
1 58  VAL n 
1 59  ALA n 
1 60  LEU n 
1 61  GLY n 
1 62  HIS n 
1 63  GLY n 
1 64  LEU n 
1 65  LYS n 
1 66  LEU n 
1 67  LEU n 
1 68  THR n 
1 69  LYS n 
1 70  ASN n 
1 71  GLY n 
1 72  HIS n 
1 73  VAL n 
1 74  TYR n 
1 75  LYS n 
1 76  TYR n 
1 77  ASP n 
1 78  GLY n 
1 79  PHE n 
1 80  ARG n 
1 81  GLU n 
1 82  SER n 
1 83  GLU n 
1 84  PHE n 
1 85  GLU n 
1 86  LYS n 
1 87  LEU n 
1 88  SER n 
1 89  ASP n 
1 90  PHE n 
1 91  PHE n 
1 92  LYS n 
1 93  THR n 
1 94  HIS n 
1 95  TYR n 
1 96  ARG n 
1 97  LEU n 
1 98  GLU n 
1 99  LEU n 
1 100 MET n 
1 101 GLU n 
1 102 LYS n 
# 
_entity_src_gen.entity_id                          1 
_entity_src_gen.pdbx_src_id                        1 
_entity_src_gen.pdbx_alt_source_flag               sample 
_entity_src_gen.pdbx_seq_type                      'Biological sequence' 
_entity_src_gen.pdbx_beg_seq_num                   1 
_entity_src_gen.pdbx_end_seq_num                   102 
_entity_src_gen.gene_src_common_name               Human 
_entity_src_gen.gene_src_genus                     ? 
_entity_src_gen.pdbx_gene_src_gene                 'SSRP1, FACT80' 
_entity_src_gen.gene_src_species                   ? 
_entity_src_gen.gene_src_strain                    ? 
_entity_src_gen.gene_src_tissue                    ? 
_entity_src_gen.gene_src_tissue_fraction           ? 
_entity_src_gen.gene_src_details                   ? 
_entity_src_gen.pdbx_gene_src_fragment             ? 
_entity_src_gen.pdbx_gene_src_scientific_name      'Homo sapiens' 
_entity_src_gen.pdbx_gene_src_ncbi_taxonomy_id     9606 
_entity_src_gen.pdbx_gene_src_variant              ? 
_entity_src_gen.pdbx_gene_src_cell_line            ? 
_entity_src_gen.pdbx_gene_src_atcc                 ? 
_entity_src_gen.pdbx_gene_src_organ                ? 
_entity_src_gen.pdbx_gene_src_organelle            ? 
_entity_src_gen.pdbx_gene_src_cell                 ? 
_entity_src_gen.pdbx_gene_src_cellular_location    ? 
_entity_src_gen.host_org_common_name               ? 
_entity_src_gen.pdbx_host_org_scientific_name      'Escherichia coli' 
_entity_src_gen.pdbx_host_org_ncbi_taxonomy_id     562 
_entity_src_gen.host_org_genus                     ? 
_entity_src_gen.pdbx_host_org_gene                 ? 
_entity_src_gen.pdbx_host_org_organ                ? 
_entity_src_gen.host_org_species                   ? 
_entity_src_gen.pdbx_host_org_tissue               ? 
_entity_src_gen.pdbx_host_org_tissue_fraction      ? 
_entity_src_gen.pdbx_host_org_strain               ? 
_entity_src_gen.pdbx_host_org_variant              ? 
_entity_src_gen.pdbx_host_org_cell_line            ? 
_entity_src_gen.pdbx_host_org_atcc                 ? 
_entity_src_gen.pdbx_host_org_culture_collection   ? 
_entity_src_gen.pdbx_host_org_cell                 ? 
_entity_src_gen.pdbx_host_org_organelle            ? 
_entity_src_gen.pdbx_host_org_cellular_location    ? 
_entity_src_gen.pdbx_host_org_vector_type          ? 
_entity_src_gen.pdbx_host_org_vector               ? 
_entity_src_gen.host_org_details                   ? 
_entity_src_gen.expression_system_id               ? 
_entity_src_gen.plasmid_name                       ? 
_entity_src_gen.plasmid_details                    ? 
_entity_src_gen.pdbx_description                   ? 
# 
_struct_ref.id                         1 
_struct_ref.db_name                    UNP 
_struct_ref.db_code                    SSRP1_HUMAN 
_struct_ref.pdbx_db_accession          Q08945 
_struct_ref.pdbx_db_isoform            ? 
_struct_ref.entity_id                  1 
_struct_ref.pdbx_seq_one_letter_code   
;MAETLEFNDVYQEVKGSMNDGRLRLSRQGIIFKNSKTGKVDNIQAGELTEGIWRRVALGHGLKLLTKNGHVYKYDGFRES
EFEKLSDFFKTHYRLELMEK
;
_struct_ref.pdbx_align_begin           1 
# 
_struct_ref_seq.align_id                      1 
_struct_ref_seq.ref_id                        1 
_struct_ref_seq.pdbx_PDB_id_code              6L1R 
_struct_ref_seq.pdbx_strand_id                A 
_struct_ref_seq.seq_align_beg                 3 
_struct_ref_seq.pdbx_seq_align_beg_ins_code   ? 
_struct_ref_seq.seq_align_end                 102 
_struct_ref_seq.pdbx_seq_align_end_ins_code   ? 
_struct_ref_seq.pdbx_db_accession             Q08945 
_struct_ref_seq.db_align_beg                  1 
_struct_ref_seq.pdbx_db_align_beg_ins_code    ? 
_struct_ref_seq.db_align_end                  100 
_struct_ref_seq.pdbx_db_align_end_ins_code    ? 
_struct_ref_seq.pdbx_auth_seq_align_beg       1 
_struct_ref_seq.pdbx_auth_seq_align_end       100 
# 
loop_
_struct_ref_seq_dif.align_id 
_struct_ref_seq_dif.pdbx_pdb_id_code 
_struct_ref_seq_dif.mon_id 
_struct_ref_seq_dif.pdbx_pdb_strand_id 
_struct_ref_seq_dif.seq_num 
_struct_ref_seq_dif.pdbx_pdb_ins_code 
_struct_ref_seq_dif.pdbx_seq_db_name 
_struct_ref_seq_dif.pdbx_seq_db_accession_code 
_struct_ref_seq_dif.db_mon_id 
_struct_ref_seq_dif.pdbx_seq_db_seq_num 
_struct_ref_seq_dif.details 
_struct_ref_seq_dif.pdbx_auth_seq_num 
_struct_ref_seq_dif.pdbx_ordinal 
1 6L1R GLY A 1 ? UNP Q08945 ? ? 'expression tag' -1 1 
1 6L1R PRO A 2 ? UNP Q08945 ? ? 'expression tag' 0  2 
# 
loop_
_chem_comp.id 
_chem_comp.type 
_chem_comp.mon_nstd_flag 
_chem_comp.name 
_chem_comp.pdbx_synonyms 
_chem_comp.formula 
_chem_comp.formula_weight 
ALA 'L-peptide linking' y ALANINE         ? 'C3 H7 N O2'     89.093  
ARG 'L-peptide linking' y ARGININE        ? 'C6 H15 N4 O2 1' 175.209 
ASN 'L-peptide linking' y ASPARAGINE      ? 'C4 H8 N2 O3'    132.118 
ASP 'L-peptide linking' y 'ASPARTIC ACID' ? 'C4 H7 N O4'     133.103 
GLN 'L-peptide linking' y GLUTAMINE       ? 'C5 H10 N2 O3'   146.144 
GLU 'L-peptide linking' y 'GLUTAMIC ACID' ? 'C5 H9 N O4'     147.129 
GLY 'peptide linking'   y GLYCINE         ? 'C2 H5 N O2'     75.067  
HIS 'L-peptide linking' y HISTIDINE       ? 'C6 H10 N3 O2 1' 156.162 
HOH non-polymer         . WATER           ? 'H2 O'           18.015  
ILE 'L-peptide linking' y ISOLEUCINE      ? 'C6 H13 N O2'    131.173 
LEU 'L-peptide linking' y LEUCINE         ? 'C6 H13 N O2'    131.173 
LYS 'L-peptide linking' y LYSINE          ? 'C6 H15 N2 O2 1' 147.195 
MET 'L-peptide linking' y METHIONINE      ? 'C5 H11 N O2 S'  149.211 
PHE 'L-peptide linking' y PHENYLALANINE   ? 'C9 H11 N O2'    165.189 
PRO 'L-peptide linking' y PROLINE         ? 'C5 H9 N O2'     115.130 
SER 'L-peptide linking' y SERINE          ? 'C3 H7 N O3'     105.093 
THR 'L-peptide linking' y THREONINE       ? 'C4 H9 N O3'     119.119 
TRP 'L-peptide linking' y TRYPTOPHAN      ? 'C11 H12 N2 O2'  204.225 
TYR 'L-peptide linking' y TYROSINE        ? 'C9 H11 N O3'    181.189 
VAL 'L-peptide linking' y VALINE          ? 'C5 H11 N O2'    117.146 
# 
_exptl.absorpt_coefficient_mu     ? 
_exptl.absorpt_correction_T_max   ? 
_exptl.absorpt_correction_T_min   ? 
_exptl.absorpt_correction_type    ? 
_exptl.absorpt_process_details    ? 
_exptl.entry_id                   6L1R 
_exptl.crystals_number            1 
_exptl.details                    ? 
_exptl.method                     'X-RAY DIFFRACTION' 
_exptl.method_details             ? 
# 
_exptl_crystal.colour                      ? 
_exptl_crystal.density_diffrn              ? 
_exptl_crystal.density_Matthews            2.07 
_exptl_crystal.density_method              ? 
_exptl_crystal.density_percent_sol         40.52 
_exptl_crystal.description                 ? 
_exptl_crystal.F_000                       ? 
_exptl_crystal.id                          1 
_exptl_crystal.preparation                 ? 
_exptl_crystal.size_max                    ? 
_exptl_crystal.size_mid                    ? 
_exptl_crystal.size_min                    ? 
_exptl_crystal.size_rad                    ? 
_exptl_crystal.colour_lustre               ? 
_exptl_crystal.colour_modifier             ? 
_exptl_crystal.colour_primary              ? 
_exptl_crystal.density_meas                ? 
_exptl_crystal.density_meas_esd            ? 
_exptl_crystal.density_meas_gt             ? 
_exptl_crystal.density_meas_lt             ? 
_exptl_crystal.density_meas_temp           ? 
_exptl_crystal.density_meas_temp_esd       ? 
_exptl_crystal.density_meas_temp_gt        ? 
_exptl_crystal.density_meas_temp_lt        ? 
_exptl_crystal.pdbx_crystal_image_url      ? 
_exptl_crystal.pdbx_crystal_image_format   ? 
_exptl_crystal.pdbx_mosaicity              ? 
_exptl_crystal.pdbx_mosaicity_esd          ? 
# 
_exptl_crystal_grow.apparatus       ? 
_exptl_crystal_grow.atmosphere      ? 
_exptl_crystal_grow.crystal_id      1 
_exptl_crystal_grow.details         ? 
_exptl_crystal_grow.method          'VAPOR DIFFUSION, HANGING DROP' 
_exptl_crystal_grow.method_ref      ? 
_exptl_crystal_grow.pH              ? 
_exptl_crystal_grow.pressure        ? 
_exptl_crystal_grow.pressure_esd    ? 
_exptl_crystal_grow.seeding         ? 
_exptl_crystal_grow.seeding_ref     ? 
_exptl_crystal_grow.temp            287 
_exptl_crystal_grow.temp_details    ? 
_exptl_crystal_grow.temp_esd        ? 
_exptl_crystal_grow.time            ? 
_exptl_crystal_grow.pdbx_details    '30%(w/v) PEG 1500, 40% 1,2-Butanediol' 
_exptl_crystal_grow.pdbx_pH_range   ? 
# 
_diffrn.ambient_environment              ? 
_diffrn.ambient_temp                     100 
_diffrn.ambient_temp_details             ? 
_diffrn.ambient_temp_esd                 ? 
_diffrn.crystal_id                       1 
_diffrn.crystal_support                  ? 
_diffrn.crystal_treatment                ? 
_diffrn.details                          ? 
_diffrn.id                               1 
_diffrn.ambient_pressure                 ? 
_diffrn.ambient_pressure_esd             ? 
_diffrn.ambient_pressure_gt              ? 
_diffrn.ambient_pressure_lt              ? 
_diffrn.ambient_temp_gt                  ? 
_diffrn.ambient_temp_lt                  ? 
_diffrn.pdbx_serial_crystal_experiment   N 
# 
_diffrn_detector.details                      ? 
_diffrn_detector.detector                     CCD 
_diffrn_detector.diffrn_id                    1 
_diffrn_detector.type                         'AGILENT EOS CCD' 
_diffrn_detector.area_resol_mean              ? 
_diffrn_detector.dtime                        ? 
_diffrn_detector.pdbx_frames_total            ? 
_diffrn_detector.pdbx_collection_time_total   ? 
_diffrn_detector.pdbx_collection_date         2014-05-23 
_diffrn_detector.pdbx_frequency               ? 
# 
_diffrn_radiation.collimation                      ? 
_diffrn_radiation.diffrn_id                        1 
_diffrn_radiation.filter_edge                      ? 
_diffrn_radiation.inhomogeneity                    ? 
_diffrn_radiation.monochromator                    ? 
_diffrn_radiation.polarisn_norm                    ? 
_diffrn_radiation.polarisn_ratio                   ? 
_diffrn_radiation.probe                            ? 
_diffrn_radiation.type                             ? 
_diffrn_radiation.xray_symbol                      ? 
_diffrn_radiation.wavelength_id                    1 
_diffrn_radiation.pdbx_monochromatic_or_laue_m_l   M 
_diffrn_radiation.pdbx_wavelength_list             ? 
_diffrn_radiation.pdbx_wavelength                  ? 
_diffrn_radiation.pdbx_diffrn_protocol             'SINGLE WAVELENGTH' 
_diffrn_radiation.pdbx_analyzer                    ? 
_diffrn_radiation.pdbx_scattering_type             x-ray 
# 
_diffrn_radiation_wavelength.id           1 
_diffrn_radiation_wavelength.wavelength   1.5418 
_diffrn_radiation_wavelength.wt           1.0 
# 
_diffrn_source.current                     ? 
_diffrn_source.details                     ? 
_diffrn_source.diffrn_id                   1 
_diffrn_source.power                       ? 
_diffrn_source.size                        ? 
_diffrn_source.source                      'ROTATING ANODE' 
_diffrn_source.target                      ? 
_diffrn_source.type                        'RIGAKU MICROMAX-002+' 
_diffrn_source.voltage                     ? 
_diffrn_source.take-off_angle              ? 
_diffrn_source.pdbx_wavelength_list        1.5418 
_diffrn_source.pdbx_wavelength             ? 
_diffrn_source.pdbx_synchrotron_beamline   ? 
_diffrn_source.pdbx_synchrotron_site       ? 
# 
_reflns.B_iso_Wilson_estimate            10.7597929655 
_reflns.entry_id                         6L1R 
_reflns.data_reduction_details           ? 
_reflns.data_reduction_method            ? 
_reflns.d_resolution_high                1.798 
_reflns.d_resolution_low                 16.417 
_reflns.details                          ? 
_reflns.limit_h_max                      ? 
_reflns.limit_h_min                      ? 
_reflns.limit_k_max                      ? 
_reflns.limit_k_min                      ? 
_reflns.limit_l_max                      ? 
_reflns.limit_l_min                      ? 
_reflns.number_all                       ? 
_reflns.number_obs                       8686 
_reflns.observed_criterion               ? 
_reflns.observed_criterion_F_max         ? 
_reflns.observed_criterion_F_min         ? 
_reflns.observed_criterion_I_max         ? 
_reflns.observed_criterion_I_min         ? 
_reflns.observed_criterion_sigma_F       ? 
_reflns.observed_criterion_sigma_I       ? 
_reflns.percent_possible_obs             95.7 
_reflns.R_free_details                   ? 
_reflns.Rmerge_F_all                     ? 
_reflns.Rmerge_F_obs                     ? 
_reflns.Friedel_coverage                 ? 
_reflns.number_gt                        ? 
_reflns.threshold_expression             ? 
_reflns.pdbx_redundancy                  3.4 
_reflns.pdbx_Rmerge_I_obs                ? 
_reflns.pdbx_Rmerge_I_all                ? 
_reflns.pdbx_Rsym_value                  ? 
_reflns.pdbx_netI_over_av_sigmaI         ? 
_reflns.pdbx_netI_over_sigmaI            18.16 
_reflns.pdbx_res_netI_over_av_sigmaI_2   ? 
_reflns.pdbx_res_netI_over_sigmaI_2      ? 
_reflns.pdbx_chi_squared                 ? 
_reflns.pdbx_scaling_rejects             ? 
_reflns.pdbx_d_res_high_opt              ? 
_reflns.pdbx_d_res_low_opt               ? 
_reflns.pdbx_d_res_opt_method            ? 
_reflns.phase_calculation_details        ? 
_reflns.pdbx_Rrim_I_all                  ? 
_reflns.pdbx_Rpim_I_all                  ? 
_reflns.pdbx_d_opt                       ? 
_reflns.pdbx_number_measured_all         ? 
_reflns.pdbx_diffrn_id                   1 
_reflns.pdbx_ordinal                     1 
_reflns.pdbx_CC_half                     0.423 
_reflns.pdbx_CC_star                     ? 
_reflns.pdbx_R_split                     ? 
# 
_reflns_shell.d_res_high                  1.8 
_reflns_shell.d_res_low                   1.88 
_reflns_shell.meanI_over_sigI_all         ? 
_reflns_shell.meanI_over_sigI_obs         ? 
_reflns_shell.number_measured_all         ? 
_reflns_shell.number_measured_obs         ? 
_reflns_shell.number_possible             ? 
_reflns_shell.number_unique_all           ? 
_reflns_shell.number_unique_obs           873 
_reflns_shell.percent_possible_all        ? 
_reflns_shell.percent_possible_obs        ? 
_reflns_shell.Rmerge_F_all                ? 
_reflns_shell.Rmerge_F_obs                ? 
_reflns_shell.Rmerge_I_all                ? 
_reflns_shell.Rmerge_I_obs                ? 
_reflns_shell.meanI_over_sigI_gt          ? 
_reflns_shell.meanI_over_uI_all           ? 
_reflns_shell.meanI_over_uI_gt            ? 
_reflns_shell.number_measured_gt          ? 
_reflns_shell.number_unique_gt            ? 
_reflns_shell.percent_possible_gt         ? 
_reflns_shell.Rmerge_F_gt                 ? 
_reflns_shell.Rmerge_I_gt                 ? 
_reflns_shell.pdbx_redundancy             ? 
_reflns_shell.pdbx_Rsym_value             ? 
_reflns_shell.pdbx_chi_squared            ? 
_reflns_shell.pdbx_netI_over_sigmaI_all   ? 
_reflns_shell.pdbx_netI_over_sigmaI_obs   ? 
_reflns_shell.pdbx_Rrim_I_all             ? 
_reflns_shell.pdbx_Rpim_I_all             ? 
_reflns_shell.pdbx_rejects                ? 
_reflns_shell.pdbx_ordinal                1 
_reflns_shell.pdbx_diffrn_id              1 
_reflns_shell.pdbx_CC_half                0.360 
_reflns_shell.pdbx_CC_star                ? 
_reflns_shell.pdbx_R_split                ? 
# 
_refine.aniso_B[1][1]                            ? 
_refine.aniso_B[1][2]                            ? 
_refine.aniso_B[1][3]                            ? 
_refine.aniso_B[2][2]                            ? 
_refine.aniso_B[2][3]                            ? 
_refine.aniso_B[3][3]                            ? 
_refine.B_iso_max                                ? 
_refine.B_iso_mean                               15.5626470588 
_refine.B_iso_min                                ? 
_refine.correlation_coeff_Fo_to_Fc               ? 
_refine.correlation_coeff_Fo_to_Fc_free          ? 
_refine.details                                  ? 
_refine.diff_density_max                         ? 
_refine.diff_density_max_esd                     ? 
_refine.diff_density_min                         ? 
_refine.diff_density_min_esd                     ? 
_refine.diff_density_rms                         ? 
_refine.diff_density_rms_esd                     ? 
_refine.entry_id                                 6L1R 
_refine.pdbx_refine_id                           'X-RAY DIFFRACTION' 
_refine.ls_abs_structure_details                 ? 
_refine.ls_abs_structure_Flack                   ? 
_refine.ls_abs_structure_Flack_esd               ? 
_refine.ls_abs_structure_Rogers                  ? 
_refine.ls_abs_structure_Rogers_esd              ? 
_refine.ls_d_res_high                            1.79843948699 
_refine.ls_d_res_low                             16.4166396232 
_refine.ls_extinction_coef                       ? 
_refine.ls_extinction_coef_esd                   ? 
_refine.ls_extinction_expression                 ? 
_refine.ls_extinction_method                     ? 
_refine.ls_goodness_of_fit_all                   ? 
_refine.ls_goodness_of_fit_all_esd               ? 
_refine.ls_goodness_of_fit_obs                   ? 
_refine.ls_goodness_of_fit_obs_esd               ? 
_refine.ls_hydrogen_treatment                    ? 
_refine.ls_matrix_type                           ? 
_refine.ls_number_constraints                    ? 
_refine.ls_number_parameters                     ? 
_refine.ls_number_reflns_all                     ? 
_refine.ls_number_reflns_obs                     7324 
_refine.ls_number_reflns_R_free                  730 
_refine.ls_number_reflns_R_work                  ? 
_refine.ls_number_restraints                     ? 
_refine.ls_percent_reflns_obs                    81.9973130318 
_refine.ls_percent_reflns_R_free                 9.9672310213 
_refine.ls_R_factor_all                          ? 
_refine.ls_R_factor_obs                          0.1764664673 
_refine.ls_R_factor_R_free                       0.209999091504 
_refine.ls_R_factor_R_free_error                 ? 
_refine.ls_R_factor_R_free_error_details         ? 
_refine.ls_R_factor_R_work                       0.172823808993 
_refine.ls_R_Fsqd_factor_obs                     ? 
_refine.ls_R_I_factor_obs                        ? 
_refine.ls_redundancy_reflns_all                 ? 
_refine.ls_redundancy_reflns_obs                 ? 
_refine.ls_restrained_S_all                      ? 
_refine.ls_restrained_S_obs                      ? 
_refine.ls_shift_over_esd_max                    ? 
_refine.ls_shift_over_esd_mean                   ? 
_refine.ls_structure_factor_coef                 ? 
_refine.ls_weighting_details                     ? 
_refine.ls_weighting_scheme                      ? 
_refine.ls_wR_factor_all                         ? 
_refine.ls_wR_factor_obs                         ? 
_refine.ls_wR_factor_R_free                      ? 
_refine.ls_wR_factor_R_work                      ? 
_refine.occupancy_max                            ? 
_refine.occupancy_min                            ? 
_refine.solvent_model_details                    ? 
_refine.solvent_model_param_bsol                 ? 
_refine.solvent_model_param_ksol                 ? 
_refine.pdbx_R_complete                          ? 
_refine.ls_R_factor_gt                           ? 
_refine.ls_goodness_of_fit_gt                    ? 
_refine.ls_goodness_of_fit_ref                   ? 
_refine.ls_shift_over_su_max                     ? 
_refine.ls_shift_over_su_max_lt                  ? 
_refine.ls_shift_over_su_mean                    ? 
_refine.ls_shift_over_su_mean_lt                 ? 
_refine.pdbx_ls_sigma_I                          ? 
_refine.pdbx_ls_sigma_F                          1.38290989401 
_refine.pdbx_ls_sigma_Fsqd                       ? 
_refine.pdbx_data_cutoff_high_absF               ? 
_refine.pdbx_data_cutoff_high_rms_absF           ? 
_refine.pdbx_data_cutoff_low_absF                ? 
_refine.pdbx_isotropic_thermal_model             ? 
_refine.pdbx_ls_cross_valid_method               'FREE R-VALUE' 
_refine.pdbx_method_to_determine_struct          'MOLECULAR REPLACEMENT' 
_refine.pdbx_starting_model                      4KHB 
_refine.pdbx_stereochemistry_target_values       ? 
_refine.pdbx_R_Free_selection_details            ? 
_refine.pdbx_stereochem_target_val_spec_case     ? 
_refine.pdbx_overall_ESU_R                       ? 
_refine.pdbx_overall_ESU_R_Free                  ? 
_refine.pdbx_solvent_vdw_probe_radii             1.11 
_refine.pdbx_solvent_ion_probe_radii             ? 
_refine.pdbx_solvent_shrinkage_radii             0.9 
_refine.pdbx_real_space_R                        ? 
_refine.pdbx_density_correlation                 ? 
_refine.pdbx_pd_number_of_powder_patterns        ? 
_refine.pdbx_pd_number_of_points                 ? 
_refine.pdbx_pd_meas_number_of_points            ? 
_refine.pdbx_pd_proc_ls_prof_R_factor            ? 
_refine.pdbx_pd_proc_ls_prof_wR_factor           ? 
_refine.pdbx_pd_Marquardt_correlation_coeff      ? 
_refine.pdbx_pd_Fsqrd_R_factor                   ? 
_refine.pdbx_pd_ls_matrix_band_width             ? 
_refine.pdbx_overall_phase_error                 20.704718731 
_refine.pdbx_overall_SU_R_free_Cruickshank_DPI   ? 
_refine.pdbx_overall_SU_R_free_Blow_DPI          ? 
_refine.pdbx_overall_SU_R_Blow_DPI               ? 
_refine.pdbx_TLS_residual_ADP_flag               ? 
_refine.pdbx_diffrn_id                           1 
_refine.overall_SU_B                             ? 
_refine.overall_SU_ML                            0.138150384822 
_refine.overall_SU_R_Cruickshank_DPI             ? 
_refine.overall_SU_R_free                        ? 
_refine.overall_FOM_free_R_set                   ? 
_refine.overall_FOM_work_R_set                   ? 
_refine.pdbx_average_fsc_overall                 ? 
_refine.pdbx_average_fsc_work                    ? 
_refine.pdbx_average_fsc_free                    ? 
# 
_refine_hist.pdbx_refine_id                   'X-RAY DIFFRACTION' 
_refine_hist.cycle_id                         LAST 
_refine_hist.details                          ? 
_refine_hist.d_res_high                       1.79843948699 
_refine_hist.d_res_low                        16.4166396232 
_refine_hist.number_atoms_solvent             192 
_refine_hist.number_atoms_total               1020 
_refine_hist.number_reflns_all                ? 
_refine_hist.number_reflns_obs                ? 
_refine_hist.number_reflns_R_free             ? 
_refine_hist.number_reflns_R_work             ? 
_refine_hist.R_factor_all                     ? 
_refine_hist.R_factor_obs                     ? 
_refine_hist.R_factor_R_free                  ? 
_refine_hist.R_factor_R_work                  ? 
_refine_hist.pdbx_number_residues_total       ? 
_refine_hist.pdbx_B_iso_mean_ligand           ? 
_refine_hist.pdbx_B_iso_mean_solvent          ? 
_refine_hist.pdbx_number_atoms_protein        828 
_refine_hist.pdbx_number_atoms_nucleic_acid   0 
_refine_hist.pdbx_number_atoms_ligand         0 
_refine_hist.pdbx_number_atoms_lipid          ? 
_refine_hist.pdbx_number_atoms_carb           ? 
_refine_hist.pdbx_pseudo_atom_details         ? 
# 
loop_
_refine_ls_restr.pdbx_refine_id 
_refine_ls_restr.criterion 
_refine_ls_restr.dev_ideal 
_refine_ls_restr.dev_ideal_target 
_refine_ls_restr.number 
_refine_ls_restr.rejects 
_refine_ls_restr.type 
_refine_ls_restr.weight 
_refine_ls_restr.pdbx_restraint_function 
'X-RAY DIFFRACTION' ? 0.00849814384064 ? 843  ? f_bond_d           ? ? 
'X-RAY DIFFRACTION' ? 1.05747075657    ? 1124 ? f_angle_d          ? ? 
'X-RAY DIFFRACTION' ? 0.0754506145466  ? 116  ? f_chiral_restr     ? ? 
'X-RAY DIFFRACTION' ? 0.00404817746959 ? 144  ? f_plane_restr      ? ? 
'X-RAY DIFFRACTION' ? 23.1838092187    ? 323  ? f_dihedral_angle_d ? ? 
# 
loop_
_refine_ls_shell.pdbx_refine_id 
_refine_ls_shell.d_res_high 
_refine_ls_shell.d_res_low 
_refine_ls_shell.number_reflns_all 
_refine_ls_shell.number_reflns_obs 
_refine_ls_shell.number_reflns_R_free 
_refine_ls_shell.number_reflns_R_work 
_refine_ls_shell.percent_reflns_obs 
_refine_ls_shell.percent_reflns_R_free 
_refine_ls_shell.R_factor_all 
_refine_ls_shell.R_factor_obs 
_refine_ls_shell.R_factor_R_free 
_refine_ls_shell.R_factor_R_free_error 
_refine_ls_shell.R_factor_R_work 
_refine_ls_shell.redundancy_reflns_all 
_refine_ls_shell.redundancy_reflns_obs 
_refine_ls_shell.wR_factor_all 
_refine_ls_shell.wR_factor_obs 
_refine_ls_shell.wR_factor_R_free 
_refine_ls_shell.wR_factor_R_work 
_refine_ls_shell.pdbx_R_complete 
_refine_ls_shell.pdbx_total_number_of_bins_used 
_refine_ls_shell.pdbx_phase_error 
_refine_ls_shell.pdbx_fsc_work 
_refine_ls_shell.pdbx_fsc_free 
'X-RAY DIFFRACTION' 1.79843948699 1.9371        . . 88  810  50.7344632768 . . . 0.276547047657 . 0.21998416403  . . . . . . . . . 
. . 
'X-RAY DIFFRACTION' 1.9371        2.1317        . . 126 1138 70.9315375982 . . . 0.224932630858 . 0.190677402676 . . . . . . . . . 
. . 
'X-RAY DIFFRACTION' 2.1317        2.4393        . . 160 1423 88.7331838565 . . . 0.231137547692 . 0.184530964291 . . . . . . . . . 
. . 
'X-RAY DIFFRACTION' 2.4393        3.0699        . . 176 1605 99.8878295008 . . . 0.235707828954 . 0.181161353825 . . . . . . . . . 
. . 
'X-RAY DIFFRACTION' 3.0699        16.4166396232 . . 180 1618 99.3370165746 . . . 0.171734364506 . 0.149744201364 . . . . . . . . . 
. . 
# 
_struct.entry_id                     6L1R 
_struct.title                        'Crystal structure of N-terminal domain of human SSRP1' 
_struct.pdbx_model_details           ? 
_struct.pdbx_formula_weight          ? 
_struct.pdbx_formula_weight_method   ? 
_struct.pdbx_model_type_details      ? 
_struct.pdbx_CASP_flag               N 
# 
_struct_keywords.entry_id        6L1R 
_struct_keywords.text            'Histone chaperone, CHAPERONE' 
_struct_keywords.pdbx_keywords   CHAPERONE 
# 
loop_
_struct_asym.id 
_struct_asym.pdbx_blank_PDB_chainid_flag 
_struct_asym.pdbx_modified 
_struct_asym.entity_id 
_struct_asym.details 
A N N 1 ? 
B N N 2 ? 
# 
loop_
_struct_conf.conf_type_id 
_struct_conf.id 
_struct_conf.pdbx_PDB_helix_id 
_struct_conf.beg_label_comp_id 
_struct_conf.beg_label_asym_id 
_struct_conf.beg_label_seq_id 
_struct_conf.pdbx_beg_PDB_ins_code 
_struct_conf.end_label_comp_id 
_struct_conf.end_label_asym_id 
_struct_conf.end_label_seq_id 
_struct_conf.pdbx_end_PDB_ins_code 
_struct_conf.beg_auth_comp_id 
_struct_conf.beg_auth_asym_id 
_struct_conf.beg_auth_seq_id 
_struct_conf.end_auth_comp_id 
_struct_conf.end_auth_asym_id 
_struct_conf.end_auth_seq_id 
_struct_conf.pdbx_PDB_helix_class 
_struct_conf.details 
_struct_conf.pdbx_PDB_helix_length 
HELX_P HELX_P1 AA1 ARG A 80 ? SER A 82 ? ARG A 78 SER A 80 5 ? 3  
HELX_P HELX_P2 AA2 GLU A 83 ? TYR A 95 ? GLU A 81 TYR A 93 1 ? 13 
# 
_struct_conf_type.id          HELX_P 
_struct_conf_type.criteria    ? 
_struct_conf_type.reference   ? 
# 
_struct_sheet.id               AA1 
_struct_sheet.type             ? 
_struct_sheet.number_strands   8 
_struct_sheet.details          ? 
# 
loop_
_struct_sheet_order.sheet_id 
_struct_sheet_order.range_id_1 
_struct_sheet_order.range_id_2 
_struct_sheet_order.offset 
_struct_sheet_order.sense 
AA1 1 2 ? anti-parallel 
AA1 2 3 ? anti-parallel 
AA1 3 4 ? anti-parallel 
AA1 4 5 ? anti-parallel 
AA1 5 6 ? anti-parallel 
AA1 6 7 ? anti-parallel 
AA1 7 8 ? parallel      
# 
loop_
_struct_sheet_range.sheet_id 
_struct_sheet_range.id 
_struct_sheet_range.beg_label_comp_id 
_struct_sheet_range.beg_label_asym_id 
_struct_sheet_range.beg_label_seq_id 
_struct_sheet_range.pdbx_beg_PDB_ins_code 
_struct_sheet_range.end_label_comp_id 
_struct_sheet_range.end_label_asym_id 
_struct_sheet_range.end_label_seq_id 
_struct_sheet_range.pdbx_end_PDB_ins_code 
_struct_sheet_range.beg_auth_comp_id 
_struct_sheet_range.beg_auth_asym_id 
_struct_sheet_range.beg_auth_seq_id 
_struct_sheet_range.end_auth_comp_id 
_struct_sheet_range.end_auth_asym_id 
_struct_sheet_range.end_auth_seq_id 
AA1 1 VAL A 42  ? GLN A 46  ? VAL A 40 GLN A 44 
AA1 2 GLY A 31  ? ASN A 36  ? GLY A 29 ASN A 34 
AA1 3 SER A 19  ? LEU A 27  ? SER A 17 LEU A 25 
AA1 4 LEU A 7   ? VAL A 16  ? LEU A 5  VAL A 14 
AA1 5 VAL A 73  ? PHE A 79  ? VAL A 71 PHE A 77 
AA1 6 HIS A 62  ? THR A 68  ? HIS A 60 THR A 66 
AA1 7 LEU A 50  ? ARG A 57  ? LEU A 48 ARG A 55 
AA1 8 MET A 100 ? GLU A 101 ? MET A 98 GLU A 99 
# 
loop_
_pdbx_struct_sheet_hbond.sheet_id 
_pdbx_struct_sheet_hbond.range_id_1 
_pdbx_struct_sheet_hbond.range_id_2 
_pdbx_struct_sheet_hbond.range_1_label_atom_id 
_pdbx_struct_sheet_hbond.range_1_label_comp_id 
_pdbx_struct_sheet_hbond.range_1_label_asym_id 
_pdbx_struct_sheet_hbond.range_1_label_seq_id 
_pdbx_struct_sheet_hbond.range_1_PDB_ins_code 
_pdbx_struct_sheet_hbond.range_1_auth_atom_id 
_pdbx_struct_sheet_hbond.range_1_auth_comp_id 
_pdbx_struct_sheet_hbond.range_1_auth_asym_id 
_pdbx_struct_sheet_hbond.range_1_auth_seq_id 
_pdbx_struct_sheet_hbond.range_2_label_atom_id 
_pdbx_struct_sheet_hbond.range_2_label_comp_id 
_pdbx_struct_sheet_hbond.range_2_label_asym_id 
_pdbx_struct_sheet_hbond.range_2_label_seq_id 
_pdbx_struct_sheet_hbond.range_2_PDB_ins_code 
_pdbx_struct_sheet_hbond.range_2_auth_atom_id 
_pdbx_struct_sheet_hbond.range_2_auth_comp_id 
_pdbx_struct_sheet_hbond.range_2_auth_asym_id 
_pdbx_struct_sheet_hbond.range_2_auth_seq_id 
AA1 1 2 O ILE A 45 ? O ILE A 43 N ILE A 32  ? N ILE A 30 
AA1 2 3 O ILE A 33 ? O ILE A 31 N ARG A 26  ? N ARG A 24 
AA1 3 4 O ASN A 21 ? O ASN A 19 N GLN A 14  ? N GLN A 12 
AA1 4 5 N TYR A 13 ? N TYR A 11 O ASP A 77  ? O ASP A 75 
AA1 5 6 O TYR A 74 ? O TYR A 72 N LEU A 66  ? N LEU A 64 
AA1 6 7 O LEU A 67 ? O LEU A 65 N THR A 51  ? N THR A 49 
AA1 7 8 N GLY A 53 ? N GLY A 51 O MET A 100 ? O MET A 98 
# 
_atom_sites.entry_id                    6L1R 
_atom_sites.Cartn_transf_matrix[1][1]   ? 
_atom_sites.Cartn_transf_matrix[1][2]   ? 
_atom_sites.Cartn_transf_matrix[1][3]   ? 
_atom_sites.Cartn_transf_matrix[2][1]   ? 
_atom_sites.Cartn_transf_matrix[2][2]   ? 
_atom_sites.Cartn_transf_matrix[2][3]   ? 
_atom_sites.Cartn_transf_matrix[3][1]   ? 
_atom_sites.Cartn_transf_matrix[3][2]   ? 
_atom_sites.Cartn_transf_matrix[3][3]   ? 
_atom_sites.Cartn_transf_vector[1]      ? 
_atom_sites.Cartn_transf_vector[2]      ? 
_atom_sites.Cartn_transf_vector[3]      ? 
_atom_sites.fract_transf_matrix[1][1]   -0.01687926 
_atom_sites.fract_transf_matrix[1][2]   0.00055669 
_atom_sites.fract_transf_matrix[1][3]   0.02034081 
_atom_sites.fract_transf_matrix[2][1]   0.01307565 
_atom_sites.fract_transf_matrix[2][2]   0.02054626 
_atom_sites.fract_transf_matrix[2][3]   0.01028816 
_atom_sites.fract_transf_matrix[3][1]   -0.00866132 
_atom_sites.fract_transf_matrix[3][2]   0.00923760 
_atom_sites.fract_transf_matrix[3][3]   -0.00744018 
_atom_sites.fract_transf_vector[1]      0.382001 
_atom_sites.fract_transf_vector[2]      -0.028453 
_atom_sites.fract_transf_vector[3]      0.105759 
_atom_sites.solution_primary            ? 
_atom_sites.solution_secondary          ? 
_atom_sites.solution_hydrogens          ? 
_atom_sites.special_details             ? 
# 
loop_
_atom_type.symbol 
_atom_type.scat_dispersion_real 
_atom_type.scat_dispersion_imag 
_atom_type.scat_Cromer_Mann_a1 
_atom_type.scat_Cromer_Mann_a2 
_atom_type.scat_Cromer_Mann_b1 
_atom_type.scat_Cromer_Mann_b2 
_atom_type.scat_Cromer_Mann_c 
_atom_type.scat_source 
_atom_type.scat_dispersion_source 
C ? ? 3.54356 2.42580 25.62398 1.50364  0.0 
;2-Gaussian fit: Grosse-Kunstleve RW, Sauter NK, Adams PD: Newsletter of the IUCr Commission on Crystallographic Computing 2004, 3, 22-31.
;
? 
N ? ? 4.01032 2.96436 19.97189 1.75589  0.0 
;2-Gaussian fit: Grosse-Kunstleve RW, Sauter NK, Adams PD: Newsletter of the IUCr Commission on Crystallographic Computing 2004, 3, 22-31.
;
? 
O ? ? 4.49882 3.47563 15.80542 1.70748  0.0 
;2-Gaussian fit: Grosse-Kunstleve RW, Sauter NK, Adams PD: Newsletter of the IUCr Commission on Crystallographic Computing 2004, 3, 22-31.
;
? 
S ? ? 9.55732 6.39887 1.23737  29.19336 0.0 
;2-Gaussian fit: Grosse-Kunstleve RW, Sauter NK, Adams PD: Newsletter of the IUCr Commission on Crystallographic Computing 2004, 3, 22-31.
;
? 
# 
loop_
_atom_site.group_PDB 
_atom_site.id 
_atom_site.type_symbol 
_atom_site.label_atom_id 
_atom_site.label_alt_id 
_atom_site.label_comp_id 
_atom_site.label_asym_id 
_atom_site.label_entity_id 
_atom_site.label_seq_id 
_atom_site.pdbx_PDB_ins_code 
_atom_site.Cartn_x 
_atom_site.Cartn_y 
_atom_site.Cartn_z 
_atom_site.occupancy 
_atom_site.B_iso_or_equiv 
_atom_site.pdbx_formal_charge 
_atom_site.auth_seq_id 
_atom_site.auth_comp_id 
_atom_site.auth_asym_id 
_atom_site.auth_atom_id 
_atom_site.pdbx_PDB_model_num 
ATOM   1    N N   . PRO A 1 2   ? -3.15557  18.00921  -4.38642  1.000 27.29000 ? 0   PRO A N   1 
ATOM   2    C CA  . PRO A 1 2   ? -2.92761  17.85259  -5.83325  1.000 25.91000 ? 0   PRO A CA  1 
ATOM   3    C C   . PRO A 1 2   ? -3.23284  16.43079  -6.31147  1.000 23.60000 ? 0   PRO A C   1 
ATOM   4    O O   . PRO A 1 2   ? -2.56381  15.47498  -5.90821  1.000 17.76000 ? 0   PRO A O   1 
ATOM   5    C CB  . PRO A 1 2   ? -1.43957  18.18688  -5.99963  1.000 30.91000 ? 0   PRO A CB  1 
ATOM   6    C CG  . PRO A 1 2   ? -0.83867  17.93643  -4.65709  1.000 29.55000 ? 0   PRO A CG  1 
ATOM   7    C CD  . PRO A 1 2   ? -1.90668  18.25032  -3.64390  1.000 27.91000 ? 0   PRO A CD  1 
ATOM   8    N N   . MET A 1 3   ? -4.24334  16.29402  -7.16446  1.000 25.82000 ? 1   MET A N   1 
ATOM   9    C CA  . MET A 1 3   ? -4.70034  14.96760  -7.55288  1.000 23.04000 ? 1   MET A CA  1 
ATOM   10   C C   . MET A 1 3   ? -3.69236  14.29364  -8.47736  1.000 19.09000 ? 1   MET A C   1 
ATOM   11   O O   . MET A 1 3   ? -3.06090  14.93979  -9.31629  1.000 26.05000 ? 1   MET A O   1 
ATOM   12   C CB  . MET A 1 3   ? -6.06714  15.04566  -8.23561  1.000 27.17000 ? 1   MET A CB  1 
ATOM   13   C CG  . MET A 1 3   ? -6.80405  13.71321  -8.30764  1.000 26.09000 ? 1   MET A CG  1 
ATOM   14   S SD  . MET A 1 3   ? -6.35295  12.69677  -9.73944  1.000 28.91000 ? 1   MET A SD  1 
ATOM   15   C CE  . MET A 1 3   ? -6.76887  13.76334  -11.12498 1.000 27.51000 ? 1   MET A CE  1 
ATOM   16   N N   . ALA A 1 4   ? -3.51198  12.98954  -8.26339  1.000 19.92000 ? 2   ALA A N   1 
ATOM   17   C CA  . ALA A 1 4   ? -2.71776  12.12477  -9.13646  1.000 18.85000 ? 2   ALA A CA  1 
ATOM   18   C C   . ALA A 1 4   ? -3.44747  10.80760  -9.44860  1.000 20.02000 ? 2   ALA A C   1 
ATOM   19   O O   . ALA A 1 4   ? -4.00799  10.18168  -8.55265  1.000 18.79000 ? 2   ALA A O   1 
ATOM   20   C CB  . ALA A 1 4   ? -1.36139  11.84418  -8.51143  1.000 21.17000 ? 2   ALA A CB  1 
ATOM   21   N N   . GLU A 1 5   ? -3.45591  10.41698  -10.72127 1.000 14.72000 ? 3   GLU A N   1 
ATOM   22   C CA  . GLU A 1 5   ? -4.06746  9.11598   -11.04626 1.000 22.35000 ? 3   GLU A CA  1 
ATOM   23   C C   . GLU A 1 5   ? -3.23794  7.84500   -10.75724 1.000 15.65000 ? 3   GLU A C   1 
ATOM   24   O O   . GLU A 1 5   ? -3.78491  6.81825   -10.36289 1.000 19.55000 ? 3   GLU A O   1 
ATOM   25   C CB  . GLU A 1 5   ? -4.60835  9.11475   -12.47899 1.000 16.43000 ? 3   GLU A CB  1 
ATOM   26   C CG  . GLU A 1 5   ? -6.04532  9.60760   -12.57491 1.000 23.61000 ? 3   GLU A CG  1 
ATOM   27   C CD  . GLU A 1 5   ? -6.32136  10.37765  -13.85186 1.000 27.60000 ? 3   GLU A CD  1 
ATOM   28   O OE1 . GLU A 1 5   ? -5.45490  10.37421  -14.74834 1.000 23.33000 ? 3   GLU A OE1 1 
ATOM   29   O OE2 . GLU A 1 5   ? -7.40762  10.98222  -13.95876 1.000 30.79000 ? 3   GLU A OE2 1 
ATOM   30   N N   . THR A 1 6   ? -1.90985  7.91828   -10.75156 1.000 13.37000 ? 4   THR A N   1 
ATOM   31   C CA  . THR A 1 6   ? -1.02853  6.81494   -10.38775 1.000 13.94000 ? 4   THR A CA  1 
ATOM   32   C C   . THR A 1 6   ? -0.06108  7.27659   -9.31422  1.000 13.36000 ? 4   THR A C   1 
ATOM   33   O O   . THR A 1 6   ? 0.24278   8.45414   -9.20478  1.000 14.77000 ? 4   THR A O   1 
ATOM   34   C CB  . THR A 1 6   ? -0.16866  6.30356   -11.56175 1.000 18.38000 ? 4   THR A CB  1 
ATOM   35   O OG1 . THR A 1 6   ? 0.84926   7.26486   -11.86115 1.000 20.78000 ? 4   THR A OG1 1 
ATOM   36   C CG2 . THR A 1 6   ? -1.00778  6.05218   -12.77629 1.000 15.56000 ? 4   THR A CG2 1 
ATOM   37   N N   . LEU A 1 7   ? 0.42032   6.32666   -8.53522  1.000 11.07000 ? 5   LEU A N   1 
ATOM   38   C CA  . LEU A 1 7   ? 1.50478   6.55928   -7.60788  1.000 8.49000  ? 5   LEU A CA  1 
ATOM   39   C C   . LEU A 1 7   ? 2.41710   5.35670   -7.72513  1.000 14.22000 ? 5   LEU A C   1 
ATOM   40   O O   . LEU A 1 7   ? 1.95637   4.23409   -7.82458  1.000 10.89000 ? 5   LEU A O   1 
ATOM   41   C CB  . LEU A 1 7   ? 0.99810   6.67663   -6.17550  1.000 11.75000 ? 5   LEU A CB  1 
ATOM   42   C CG  . LEU A 1 7   ? 0.23269   7.92635   -5.76606  1.000 11.24000 ? 5   LEU A CG  1 
ATOM   43   C CD1 . LEU A 1 7   ? 0.00967   7.91502   -4.26504  1.000 12.15000 ? 5   LEU A CD1 1 
ATOM   44   C CD2 . LEU A 1 7   ? 0.99705   9.16334   -6.17814  1.000 13.84000 ? 5   LEU A CD2 1 
ATOM   45   N N   . GLU A 1 8   ? 3.71955   5.60979   -7.71705  1.000 11.63000 ? 6   GLU A N   1 
ATOM   46   C CA  . GLU A 1 8   ? 4.71670   4.55709   -7.82000  1.000 12.57000 ? 6   GLU A CA  1 
ATOM   47   C C   . GLU A 1 8   ? 5.70906   4.63114   -6.66451  1.000 12.26000 ? 6   GLU A C   1 
ATOM   48   O O   . GLU A 1 8   ? 6.13059   5.71538   -6.26900  1.000 8.69000  ? 6   GLU A O   1 
ATOM   49   C CB  . GLU A 1 8   ? 5.45345   4.65022   -9.15820  1.000 15.41000 ? 6   GLU A CB  1 
ATOM   50   C CG  . GLU A 1 8   ? 6.49936   3.56990   -9.37590  1.000 21.70000 ? 6   GLU A CG  1 
ATOM   51   C CD  . GLU A 1 8   ? 6.60353   3.14162   -10.82444 1.000 30.43000 ? 6   GLU A CD  1 
ATOM   52   O OE1 . GLU A 1 8   ? 6.76501   1.92945   -11.07839 1.000 30.16000 ? 6   GLU A OE1 1 
ATOM   53   O OE2 . GLU A 1 8   ? 6.52464   4.01646   -11.71320 1.000 34.03000 ? 6   GLU A OE2 1 
ATOM   54   N N   . PHE A 1 9   ? 6.06503   3.47912   -6.10883  1.000 7.41000  ? 7   PHE A N   1 
ATOM   55   C CA  . PHE A 1 9   ? 7.05855   3.41302   -5.06552  1.000 8.66000  ? 7   PHE A CA  1 
ATOM   56   C C   . PHE A 1 9   ? 7.95022   2.22617   -5.35241  1.000 11.00000 ? 7   PHE A C   1 
ATOM   57   O O   . PHE A 1 9   ? 7.52689   1.10232   -5.22452  1.000 9.47000  ? 7   PHE A O   1 
ATOM   58   C CB  . PHE A 1 9   ? 6.39837   3.25087   -3.70477  1.000 8.76000  ? 7   PHE A CB  1 
ATOM   59   C CG  . PHE A 1 9   ? 5.43119   4.34088   -3.37521  1.000 9.53000  ? 7   PHE A CG  1 
ATOM   60   C CD1 . PHE A 1 9   ? 5.87101   5.53145   -2.84527  1.000 8.41000  ? 7   PHE A CD1 1 
ATOM   61   C CD2 . PHE A 1 9   ? 4.08522   4.17043   -3.59324  1.000 10.07000 ? 7   PHE A CD2 1 
ATOM   62   C CE1 . PHE A 1 9   ? 4.98068   6.53678   -2.54450  1.000 11.21000 ? 7   PHE A CE1 1 
ATOM   63   C CE2 . PHE A 1 9   ? 3.18105   5.16633   -3.29201  1.000 10.34000 ? 7   PHE A CE2 1 
ATOM   64   C CZ  . PHE A 1 9   ? 3.63261   6.35682   -2.76400  1.000 11.59000 ? 7   PHE A CZ  1 
ATOM   65   N N   . ASN A 1 10  ? 9.17841   2.49724   -5.75867  1.000 12.97000 ? 8   ASN A N   1 
ATOM   66   C CA  . ASN A 1 10  ? 10.08228  1.43963   -6.15985  1.000 12.45000 ? 8   ASN A CA  1 
ATOM   67   C C   . ASN A 1 10  ? 10.96994  0.95255   -5.03040  1.000 15.01000 ? 8   ASN A C   1 
ATOM   68   O O   . ASN A 1 10  ? 11.73416  0.01383   -5.20628  1.000 14.01000 ? 8   ASN A O   1 
ATOM   69   C CB  . ASN A 1 10  ? 10.94565  1.91194   -7.32667  1.000 14.43000 ? 8   ASN A CB  1 
ATOM   70   C CG  . ASN A 1 10  ? 10.21925  1.83693   -8.64097  1.000 20.35000 ? 8   ASN A CG  1 
ATOM   71   O OD1 . ASN A 1 10  ? 9.89049   0.76094   -9.10659  1.000 30.85000 ? 8   ASN A OD1 1 
ATOM   72   N ND2 . ASN A 1 10  ? 9.93870   2.97820   -9.22475  1.000 25.25000 ? 8   ASN A ND2 1 
ATOM   73   N N   . ASP A 1 11  ? 10.86437  1.59926   -3.87754  1.000 10.63000 ? 9   ASP A N   1 
ATOM   74   C CA  . ASP A 1 11  ? 11.78049  1.34304   -2.78277  1.000 9.04000  ? 9   ASP A CA  1 
ATOM   75   C C   . ASP A 1 11  ? 11.08139  0.96038   -1.48468  1.000 13.05000 ? 9   ASP A C   1 
ATOM   76   O O   . ASP A 1 11  ? 11.54974  1.28925   -0.42137  1.000 12.37000 ? 9   ASP A O   1 
ATOM   77   C CB  . ASP A 1 11  ? 12.66844  2.56506   -2.54598  1.000 14.15000 ? 9   ASP A CB  1 
ATOM   78   C CG  . ASP A 1 11  ? 11.87579  3.78639   -2.14798  1.000 13.50000 ? 9   ASP A CG  1 
ATOM   79   O OD1 . ASP A 1 11  ? 10.68736  3.84984   -2.48602  1.000 13.53000 ? 9   ASP A OD1 1 
ATOM   80   O OD2 . ASP A 1 11  ? 12.44936  4.67387   -1.50654  1.000 11.74000 ? 9   ASP A OD2 1 
ATOM   81   N N   . VAL A 1 12  ? 9.96720   0.25947   -1.58294  1.000 9.81000  ? 10  VAL A N   1 
ATOM   82   C CA  . VAL A 1 12  ? 9.27992   -0.22831  -0.40344  1.000 9.26000  ? 10  VAL A CA  1 
ATOM   83   C C   . VAL A 1 12  ? 9.27299   -1.75912  -0.35950  1.000 11.44000 ? 10  VAL A C   1 
ATOM   84   O O   . VAL A 1 12  ? 9.74054   -2.42487  -1.28424  1.000 13.62000 ? 10  VAL A O   1 
ATOM   85   C CB  . VAL A 1 12  ? 7.85091   0.33140   -0.32692  1.000 11.83000 ? 10  VAL A CB  1 
ATOM   86   C CG1 . VAL A 1 12  ? 7.90009   1.84892   -0.30035  1.000 9.31000  ? 10  VAL A CG1 1 
ATOM   87   C CG2 . VAL A 1 12  ? 7.05785   -0.13199  -1.52864  1.000 13.74000 ? 10  VAL A CG2 1 
ATOM   88   N N   . TYR A 1 13  ? 8.75265   -2.29970  0.73382   1.000 9.05000  ? 11  TYR A N   1 
ATOM   89   C CA  . TYR A 1 13  ? 8.76865   -3.72881  0.97208   1.000 9.01000  ? 11  TYR A CA  1 
ATOM   90   C C   . TYR A 1 13  ? 7.40562   -4.23841  1.39906   1.000 10.78000 ? 11  TYR A C   1 
ATOM   91   O O   . TYR A 1 13  ? 6.63086   -3.50811  1.99171   1.000 8.17000  ? 11  TYR A O   1 
ATOM   92   C CB  . TYR A 1 13  ? 9.75610   -4.04779  2.08356   1.000 11.73000 ? 11  TYR A CB  1 
ATOM   93   C CG  . TYR A 1 13  ? 11.12412  -3.45218  1.88192   1.000 14.93000 ? 11  TYR A CG  1 
ATOM   94   C CD1 . TYR A 1 13  ? 11.37691  -2.12168  2.16966   1.000 12.70000 ? 11  TYR A CD1 1 
ATOM   95   C CD2 . TYR A 1 13  ? 12.17251  -4.23176  1.42279   1.000 19.71000 ? 11  TYR A CD2 1 
ATOM   96   C CE1 . TYR A 1 13  ? 12.63810  -1.58305  1.99401   1.000 18.19000 ? 11  TYR A CE1 1 
ATOM   97   C CE2 . TYR A 1 13  ? 13.43178  -3.70801  1.24076   1.000 21.47000 ? 11  TYR A CE2 1 
ATOM   98   C CZ  . TYR A 1 13  ? 13.66423  -2.38264  1.52606   1.000 20.32000 ? 11  TYR A CZ  1 
ATOM   99   O OH  . TYR A 1 13  ? 14.91728  -1.88158  1.33299   1.000 15.86000 ? 11  TYR A OH  1 
ATOM   100  N N   . GLN A 1 14  ? 7.13330   -5.50380  1.10633   1.000 11.41000 ? 12  GLN A N   1 
ATOM   101  C CA  . GLN A 1 14  ? 6.01280   -6.17608  1.72212   1.000 8.71000  ? 12  GLN A CA  1 
ATOM   102  C C   . GLN A 1 14  ? 6.52321   -6.85364  2.97135   1.000 11.75000 ? 12  GLN A C   1 
ATOM   103  O O   . GLN A 1 14  ? 7.49295   -7.59187  2.91764   1.000 13.17000 ? 12  GLN A O   1 
ATOM   104  C CB  . GLN A 1 14  ? 5.38202   -7.22433  0.81145   1.000 8.83000  ? 12  GLN A CB  1 
ATOM   105  C CG  . GLN A 1 14  ? 4.16323   -7.85314  1.46536   1.000 9.98000  ? 12  GLN A CG  1 
ATOM   106  C CD  . GLN A 1 14  ? 3.40543   -8.82016  0.57445   1.000 20.62000 ? 12  GLN A CD  1 
ATOM   107  O OE1 . GLN A 1 14  ? 3.96463   -9.40194  -0.33893  1.000 22.11000 ? 12  GLN A OE1 1 
ATOM   108  N NE2 . GLN A 1 14  ? 2.12151   -9.00333  0.86058   1.000 23.30000 ? 12  GLN A NE2 1 
ATOM   109  N N   . GLU A 1 15  ? 5.87324   -6.59348  4.09246   1.000 9.09000  ? 13  GLU A N   1 
ATOM   110  C CA  . GLU A 1 15  ? 6.26513   -7.21759  5.33677   1.000 10.06000 ? 13  GLU A CA  1 
ATOM   111  C C   . GLU A 1 15  ? 5.43107   -8.47215  5.56931   1.000 12.26000 ? 13  GLU A C   1 
ATOM   112  O O   . GLU A 1 15  ? 4.21155   -8.42859  5.58033   1.000 12.06000 ? 13  GLU A O   1 
ATOM   113  C CB  . GLU A 1 15  ? 6.12559   -6.24731  6.50847   1.000 10.24000 ? 13  GLU A CB  1 
ATOM   114  C CG  . GLU A 1 15  ? 6.76559   -6.73459  7.79375   1.000 14.69000 ? 13  GLU A CG  1 
ATOM   115  C CD  . GLU A 1 15  ? 5.78165   -7.43160  8.70940   1.000 15.38000 ? 13  GLU A CD  1 
ATOM   116  O OE1 . GLU A 1 15  ? 4.71225   -6.86464  8.96455   1.000 14.31000 ? 13  GLU A OE1 1 
ATOM   117  O OE2 . GLU A 1 15  ? 6.08240   -8.54857  9.16760   1.000 18.67000 ? 13  GLU A OE2 1 
ATOM   118  N N   . VAL A 1 16  ? 6.12427   -9.58856  5.73318   1.000 17.31000 ? 14  VAL A N   1 
ATOM   119  C CA  . VAL A 1 16  ? 5.48907   -10.86959 5.95600   1.000 15.17000 ? 14  VAL A CA  1 
ATOM   120  C C   . VAL A 1 16  ? 6.22420   -11.58604 7.07694   1.000 17.88000 ? 14  VAL A C   1 
ATOM   121  O O   . VAL A 1 16  ? 7.30187   -12.12750 6.87344   1.000 17.58000 ? 14  VAL A O   1 
ATOM   122  C CB  . VAL A 1 16  ? 5.50859   -11.73866 4.68843   1.000 15.07000 ? 14  VAL A CB  1 
ATOM   123  C CG1 . VAL A 1 16  ? 4.64808   -12.97334 4.87379   1.000 24.44000 ? 14  VAL A CG1 1 
ATOM   124  C CG2 . VAL A 1 16  ? 5.04632   -10.94612 3.48249   1.000 16.03000 ? 14  VAL A CG2 1 
ATOM   125  N N   . LYS A 1 17  ? 5.64360   -11.55973 8.27111   1.000 19.26000 ? 15  LYS A N   1 
ATOM   126  C CA  . LYS A 1 17  ? 6.19946   -12.27645 9.41486   1.000 25.92000 ? 15  LYS A CA  1 
ATOM   127  C C   . LYS A 1 17  ? 7.64526   -11.88703 9.72143   1.000 20.56000 ? 15  LYS A C   1 
ATOM   128  O O   . LYS A 1 17  ? 8.46253   -12.74282 10.05261  1.000 17.64000 ? 15  LYS A O   1 
ATOM   129  C CB  . LYS A 1 17  ? 6.10885   -13.78794 9.18737   1.000 28.48000 ? 15  LYS A CB  1 
ATOM   130  C CG  . LYS A 1 17  ? 4.70096   -14.29942 8.92990   1.000 26.73000 ? 15  LYS A CG  1 
ATOM   131  C CD  . LYS A 1 17  ? 4.70177   -15.79086 8.63866   1.000 31.73000 ? 15  LYS A CD  1 
ATOM   132  C CE  . LYS A 1 17  ? 4.69732   -16.06050 7.14242   1.000 28.89000 ? 15  LYS A CE  1 
ATOM   133  N NZ  . LYS A 1 17  ? 3.31461   -16.13070 6.59613   1.000 37.84000 ? 15  LYS A NZ  1 
ATOM   134  N N   . GLY A 1 18  ? 7.95702   -10.60051 9.61349   1.000 20.08000 ? 16  GLY A N   1 
ATOM   135  C CA  . GLY A 1 18  ? 9.30596   -10.13080 9.86997   1.000 14.58000 ? 16  GLY A CA  1 
ATOM   136  C C   . GLY A 1 18  ? 10.19469  -10.07245 8.63935   1.000 18.20000 ? 16  GLY A C   1 
ATOM   137  O O   . GLY A 1 18  ? 11.23819  -9.43364  8.65594   1.000 19.01000 ? 16  GLY A O   1 
ATOM   138  N N   . SER A 1 19  ? 9.77633   -10.74853 7.57632   1.000 13.97000 ? 17  SER A N   1 
ATOM   139  C CA  . SER A 1 19  ? 10.50225  -10.70700 6.31893   1.000 14.95000 ? 17  SER A CA  1 
ATOM   140  C C   . SER A 1 19  ? 10.13260  -9.43627  5.56928   1.000 18.04000 ? 17  SER A C   1 
ATOM   141  O O   . SER A 1 19  ? 8.97726   -9.04062  5.54595   1.000 12.89000 ? 17  SER A O   1 
ATOM   142  C CB  . SER A 1 19  ? 10.17014  -11.91341 5.45247   1.000 23.08000 ? 17  SER A CB  1 
ATOM   143  O OG  . SER A 1 19  ? 10.76337  -13.09195 5.94971   1.000 31.73000 ? 17  SER A OG  1 
ATOM   144  N N   . MET A 1 20  ? 11.12908  -8.81109  4.95845   1.000 16.73000 ? 18  MET A N   1 
ATOM   145  C CA  . MET A 1 20  ? 10.91615  -7.57514  4.23583   1.000 18.29000 ? 18  MET A CA  1 
ATOM   146  C C   . MET A 1 20  ? 11.20590  -7.82266  2.76607   1.000 18.99000 ? 18  MET A C   1 
ATOM   147  O O   . MET A 1 20  ? 12.35955  -7.84285  2.34751   1.000 21.06000 ? 18  MET A O   1 
ATOM   148  C CB  . MET A 1 20  ? 11.79905  -6.45134  4.79084   1.000 18.58000 ? 18  MET A CB  1 
ATOM   149  C CG  . MET A 1 20  ? 11.28182  -5.80012  6.06728   1.000 21.62000 ? 18  MET A CG  1 
ATOM   150  S SD  . MET A 1 20  ? 9.88104   -4.67974  5.85164   1.000 20.99000 ? 18  MET A SD  1 
ATOM   151  C CE  . MET A 1 20  ? 10.70560  -3.09547  5.72566   1.000 11.54000 ? 18  MET A CE  1 
ATOM   152  N N   . ASN A 1 21  ? 10.14063  -8.04010  2.00501   1.000 16.45000 ? 19  ASN A N   1 
ATOM   153  C CA  . ASN A 1 21  ? 10.24744  -8.36248  0.59605   1.000 16.80000 ? 19  ASN A CA  1 
ATOM   154  C C   . ASN A 1 21  ? 10.28024  -7.12438  -0.26585  1.000 14.49000 ? 19  ASN A C   1 
ATOM   155  O O   . ASN A 1 21  ? 9.27947   -6.44660  -0.41690  1.000 13.78000 ? 19  ASN A O   1 
ATOM   156  C CB  . ASN A 1 21  ? 9.09427   -9.26277  0.17717   1.000 17.84000 ? 19  ASN A CB  1 
ATOM   157  C CG  . ASN A 1 21  ? 9.09823   -10.57183 0.92594   1.000 21.99000 ? 19  ASN A CG  1 
ATOM   158  O OD1 . ASN A 1 21  ? 10.15542  -11.07140 1.29180   1.000 31.62000 ? 19  ASN A OD1 1 
ATOM   159  N ND2 . ASN A 1 21  ? 7.92799   -11.12455 1.16575   1.000 21.31000 ? 19  ASN A ND2 1 
ATOM   160  N N   . ASP A 1 22  ? 11.44605  -6.81823  -0.81453  1.000 12.50000 ? 20  ASP A N   1 
ATOM   161  C CA  . ASP A 1 22  ? 11.56442  -5.60752  -1.59687  1.000 13.52000 ? 20  ASP A CA  1 
ATOM   162  C C   . ASP A 1 22  ? 10.83165  -5.76767  -2.92062  1.000 14.62000 ? 20  ASP A C   1 
ATOM   163  O O   . ASP A 1 22  ? 10.78995  -6.84192  -3.48731  1.000 14.65000 ? 20  ASP A O   1 
ATOM   164  C CB  . ASP A 1 22  ? 13.02467  -5.17382  -1.78512  1.000 17.99000 ? 20  ASP A CB  1 
ATOM   165  C CG  . ASP A 1 22  ? 13.88552  -6.24569  -2.42437  1.000 22.13000 ? 20  ASP A CG  1 
ATOM   166  O OD1 . ASP A 1 22  ? 14.08692  -7.30183  -1.80462  1.000 19.90000 ? 20  ASP A OD1 1 
ATOM   167  O OD2 . ASP A 1 22  ? 14.37402  -6.01228  -3.54220  1.000 25.15000 ? 20  ASP A OD2 1 
ATOM   168  N N   . GLY A 1 23  ? 10.24644  -4.68192  -3.39436  1.000 13.50000 ? 21  GLY A N   1 
ATOM   169  C CA  . GLY A 1 23  ? 9.48613   -4.71230  -4.62364  1.000 14.48000 ? 21  GLY A CA  1 
ATOM   170  C C   . GLY A 1 23  ? 9.00243   -3.34396  -5.04038  1.000 16.57000 ? 21  GLY A C   1 
ATOM   171  O O   . GLY A 1 23  ? 9.36614   -2.34628  -4.44223  1.000 13.18000 ? 21  GLY A O   1 
ATOM   172  N N   . ARG A 1 24  ? 8.18186   -3.32514  -6.08315  1.000 12.96000 ? 22  ARG A N   1 
ATOM   173  C CA  . ARG A 1 24  ? 7.62714   -2.13595  -6.69689  1.000 12.10000 ? 22  ARG A CA  1 
ATOM   174  C C   . ARG A 1 24  ? 6.13806   -2.05642  -6.39453  1.000 11.39000 ? 22  ARG A C   1 
ATOM   175  O O   . ARG A 1 24  ? 5.38642   -2.98921  -6.66779  1.000 8.97000  ? 22  ARG A O   1 
ATOM   176  C CB  . ARG A 1 24  ? 7.86334   -2.18355  -8.20746  1.000 12.19000 ? 22  ARG A CB  1 
ATOM   177  C CG  . ARG A 1 24  ? 7.41323   -0.94803  -8.96442  1.000 18.03000 ? 22  ARG A CG  1 
ATOM   178  C CD  . ARG A 1 24  ? 7.66833   -1.10647  -10.45497 1.000 24.79000 ? 22  ARG A CD  1 
ATOM   179  N NE  . ARG A 1 24  ? 8.88745   -0.42914  -10.87728 1.000 30.40000 ? 22  ARG A NE  1 
ATOM   180  C CZ  . ARG A 1 24  ? 9.99019   -1.05611  -11.27339 1.000 41.42000 ? 22  ARG A CZ  1 
ATOM   181  N NH1 . ARG A 1 24  ? 10.02749  -2.38104  -11.30366 1.000 36.33000 ? 22  ARG A NH1 1 
ATOM   182  N NH2 . ARG A 1 24  ? 11.05568  -0.35754  -11.64050 1.000 40.97000 ? 22  ARG A NH2 1 
ATOM   183  N N   . LEU A 1 25  ? 5.67347   -0.98974  -5.75516  1.000 8.77000  ? 23  LEU A N   1 
ATOM   184  C CA  . LEU A 1 25  ? 4.25578   -0.80640  -5.49388  1.000 6.14000  ? 23  LEU A CA  1 
ATOM   185  C C   . LEU A 1 25  ? 3.68897   0.23138   -6.46314  1.000 11.08000 ? 23  LEU A C   1 
ATOM   186  O O   . LEU A 1 25  ? 4.26911   1.29088   -6.65410  1.000 11.13000 ? 23  LEU A O   1 
ATOM   187  C CB  . LEU A 1 25  ? 4.00724   -0.37752  -4.04038  1.000 6.63000  ? 23  LEU A CB  1 
ATOM   188  C CG  . LEU A 1 25  ? 2.54506   -0.32022  -3.59162  1.000 8.95000  ? 23  LEU A CG  1 
ATOM   189  C CD1 . LEU A 1 25  ? 1.94764   -1.70698  -3.52432  1.000 9.87000  ? 23  LEU A CD1 1 
ATOM   190  C CD2 . LEU A 1 25  ? 2.37285   0.36875   -2.25346  1.000 9.01000  ? 23  LEU A CD2 1 
ATOM   191  N N   . ARG A 1 26  ? 2.55935   -0.09273  -7.07842  1.000 10.16000 ? 24  ARG A N   1 
ATOM   192  C CA  . ARG A 1 26  ? 1.92512   0.80780   -8.02709  1.000 9.48000  ? 24  ARG A CA  1 
ATOM   193  C C   . ARG A 1 26  ? 0.44116   0.93809   -7.74267  1.000 13.60000 ? 24  ARG A C   1 
ATOM   194  O O   . ARG A 1 26  ? -0.28491  -0.04373  -7.72952  1.000 9.79000  ? 24  ARG A O   1 
ATOM   195  C CB  . ARG A 1 26  ? 2.13909   0.33661   -9.46523  1.000 9.76000  ? 24  ARG A CB  1 
ATOM   196  C CG  . ARG A 1 26  ? 3.51198   0.65782   -10.02704 1.000 13.18000 ? 24  ARG A CG  1 
ATOM   197  C CD  . ARG A 1 26  ? 3.71877   0.05763   -11.41171 1.000 23.28000 ? 24  ARG A CD  1 
ATOM   198  N NE  . ARG A 1 26  ? 3.73464   -1.40525  -11.39880 1.000 21.49000 ? 24  ARG A NE  1 
ATOM   199  C CZ  . ARG A 1 26  ? 3.91643   -2.16201  -12.47500 1.000 20.78000 ? 24  ARG A CZ  1 
ATOM   200  N NH1 . ARG A 1 26  ? 4.10412   -1.60561  -13.66282 1.000 23.88000 ? 24  ARG A NH1 1 
ATOM   201  N NH2 . ARG A 1 26  ? 3.91741   -3.47723  -12.36800 1.000 27.89000 ? 24  ARG A NH2 1 
ATOM   202  N N   . LEU A 1 27  ? 0.01462   2.17155   -7.51300  1.000 10.39000 ? 25  LEU A N   1 
ATOM   203  C CA  . LEU A 1 27  ? -1.38325  2.48416   -7.30379  1.000 8.27000  ? 25  LEU A CA  1 
ATOM   204  C C   . LEU A 1 27  ? -1.95367  3.09771   -8.57249  1.000 9.32000  ? 25  LEU A C   1 
ATOM   205  O O   . LEU A 1 27  ? -1.38782  4.02057   -9.12770  1.000 12.81000 ? 25  LEU A O   1 
ATOM   206  C CB  . LEU A 1 27  ? -1.55481  3.46304   -6.13941  1.000 7.98000  ? 25  LEU A CB  1 
ATOM   207  C CG  . LEU A 1 27  ? -1.48409  2.90488   -4.71371  1.000 11.55000 ? 25  LEU A CG  1 
ATOM   208  C CD1 . LEU A 1 27  ? -0.13538  2.28747   -4.43675  1.000 13.57000 ? 25  LEU A CD1 1 
ATOM   209  C CD2 . LEU A 1 27  ? -1.80855  3.95346   -3.66380  1.000 13.80000 ? 25  LEU A CD2 1 
ATOM   210  N N   . SER A 1 28  ? -3.07950  2.56376   -9.01251  1.000 8.61000  ? 26  SER A N   1 
ATOM   211  C CA  . SER A 1 28  ? -3.85015  3.16494   -10.07139 1.000 8.99000  ? 26  SER A CA  1 
ATOM   212  C C   . SER A 1 28  ? -5.26888  3.35434   -9.54079  1.000 9.66000  ? 26  SER A C   1 
ATOM   213  O O   . SER A 1 28  ? -5.59483  2.93343   -8.43241  1.000 7.04000  ? 26  SER A O   1 
ATOM   214  C CB  . SER A 1 28  ? -3.85974  2.26200   -11.30369 1.000 9.16000  ? 26  SER A CB  1 
ATOM   215  O OG  . SER A 1 28  ? -4.32192  0.98706   -10.96086 1.000 9.88000  ? 26  SER A OG  1 
ATOM   216  N N   . ARG A 1 29  ? -6.10899  3.99772   -10.33613 1.000 7.83000  ? 27  ARG A N   1 
ATOM   217  C CA  . ARG A 1 29  ? -7.48483  4.20434   -9.94068  1.000 6.58000  ? 27  ARG A CA  1 
ATOM   218  C C   . ARG A 1 29  ? -8.18419  2.86733   -9.68899  1.000 8.19000  ? 27  ARG A C   1 
ATOM   219  O O   . ARG A 1 29  ? -9.01049  2.76691   -8.80832  1.000 7.39000  ? 27  ARG A O   1 
ATOM   220  C CB  . ARG A 1 29  ? -8.22535  5.02982   -10.99499 1.000 8.89000  ? 27  ARG A CB  1 
ATOM   221  C CG  . ARG A 1 29  ? -7.81919  6.48888   -11.01242 1.000 8.87000  ? 27  ARG A CG  1 
ATOM   222  C CD  . ARG A 1 29  ? -8.52188  7.24454   -12.12442 1.000 10.18000 ? 27  ARG A CD  1 
ATOM   223  N NE  . ARG A 1 29  ? -8.11387  6.76491   -13.43769 1.000 8.34000  ? 27  ARG A NE  1 
ATOM   224  C CZ  . ARG A 1 29  ? -8.58689  7.23194   -14.58125 1.000 13.41000 ? 27  ARG A CZ  1 
ATOM   225  N NH1 . ARG A 1 29  ? -9.50734  8.17444   -14.57411 1.000 16.53000 ? 27  ARG A NH1 1 
ATOM   226  N NH2 . ARG A 1 29  ? -8.15655  6.74135   -15.72883 1.000 13.21000 ? 27  ARG A NH2 1 
ATOM   227  N N   . GLN A 1 30  ? -7.84297  1.84570   -10.47226 1.000 7.75000  ? 28  GLN A N   1 
ATOM   228  C CA  . GLN A 1 30  ? -8.50400  0.55028   -10.34977 1.000 9.79000  ? 28  GLN A CA  1 
ATOM   229  C C   . GLN A 1 30  ? -8.02188  -0.25284  -9.15047  1.000 9.11000  ? 28  GLN A C   1 
ATOM   230  O O   . GLN A 1 30  ? -8.75705  -1.07474  -8.62024  1.000 10.30000 ? 28  GLN A O   1 
ATOM   231  C CB  . GLN A 1 30  ? -8.37316  -0.28227  -11.63644 1.000 6.54000  ? 28  GLN A CB  1 
ATOM   232  C CG  . GLN A 1 30  ? -8.77001  -1.74090  -11.48522 1.000 8.24000  ? 28  GLN A CG  1 
ATOM   233  C CD  . GLN A 1 30  ? -10.20624 -1.94785  -11.04538 1.000 8.57000  ? 28  GLN A CD  1 
ATOM   234  O OE1 . GLN A 1 30  ? -11.01463 -1.03542  -11.07180 1.000 10.92000 ? 28  GLN A OE1 1 
ATOM   235  N NE2 . GLN A 1 30  ? -10.52634 -3.16852  -10.64462 1.000 9.16000  ? 28  GLN A NE2 1 
ATOM   236  N N   . GLY A 1 31  ? -6.78802  -0.02199  -8.72298  1.000 7.95000  ? 29  GLY A N   1 
ATOM   237  C CA  . GLY A 1 31  ? -6.27181  -0.76439  -7.59063  1.000 7.27000  ? 29  GLY A CA  1 
ATOM   238  C C   . GLY A 1 31  ? -4.77373  -0.73583  -7.37248  1.000 10.13000 ? 29  GLY A C   1 
ATOM   239  O O   . GLY A 1 31  ? -4.09947  0.20206   -7.75886  1.000 8.38000  ? 29  GLY A O   1 
ATOM   240  N N   . ILE A 1 32  ? -4.27202  -1.79318  -6.74654  1.000 8.73000  ? 30  ILE A N   1 
ATOM   241  C CA  . ILE A 1 32  ? -2.89585  -1.86359  -6.28631  1.000 8.65000  ? 30  ILE A CA  1 
ATOM   242  C C   . ILE A 1 32  ? -2.19473  -3.10896  -6.81290  1.000 11.55000 ? 30  ILE A C   1 
ATOM   243  O O   . ILE A 1 32  ? -2.74814  -4.19007  -6.77464  1.000 12.41000 ? 30  ILE A O   1 
ATOM   244  C CB  . ILE A 1 32  ? -2.83914  -1.87014  -4.74176  1.000 10.25000 ? 30  ILE A CB  1 
ATOM   245  C CG1 . ILE A 1 32  ? -3.55135  -0.64068  -4.16674  1.000 8.39000  ? 30  ILE A CG1 1 
ATOM   246  C CG2 . ILE A 1 32  ? -1.40164  -1.90929  -4.25488  1.000 8.99000  ? 30  ILE A CG2 1 
ATOM   247  C CD1 . ILE A 1 32  ? -3.72183  -0.65562  -2.66621  1.000 10.39000 ? 30  ILE A CD1 1 
ATOM   248  N N   . ILE A 1 33  ? -0.97847  -2.93100  -7.31101  1.000 8.16000  ? 31  ILE A N   1 
ATOM   249  C CA  . ILE A 1 33  ? -0.16246  -4.04702  -7.76140  1.000 7.96000  ? 31  ILE A CA  1 
ATOM   250  C C   . ILE A 1 33  ? 1.17972   -3.98428  -7.05876  1.000 10.04000 ? 31  ILE A C   1 
ATOM   251  O O   . ILE A 1 33  ? 1.82878   -2.95208  -7.06181  1.000 9.34000  ? 31  ILE A O   1 
ATOM   252  C CB  . ILE A 1 33  ? 0.10600   -3.99904  -9.27771  1.000 11.07000 ? 31  ILE A CB  1 
ATOM   253  C CG1 . ILE A 1 33  ? -1.19706  -4.08256  -10.07339 1.000 13.34000 ? 31  ILE A CG1 1 
ATOM   254  C CG2 . ILE A 1 33  ? 1.03416   -5.12534  -9.70364  1.000 13.25000 ? 31  ILE A CG2 1 
ATOM   255  C CD1 . ILE A 1 33  ? -0.97434  -4.20144  -11.55809 1.000 16.55000 ? 31  ILE A CD1 1 
ATOM   256  N N   . PHE A 1 34  ? 1.59098   -5.10319  -6.47501  1.000 8.46000  ? 32  PHE A N   1 
ATOM   257  C CA  . PHE A 1 34  ? 2.92006   -5.20186  -5.90621  1.000 7.25000  ? 32  PHE A CA  1 
ATOM   258  C C   . PHE A 1 34  ? 3.64576   -6.32689  -6.60416  1.000 9.71000  ? 32  PHE A C   1 
ATOM   259  O O   . PHE A 1 34  ? 3.09106   -7.38439  -6.80157  1.000 8.76000  ? 32  PHE A O   1 
ATOM   260  C CB  . PHE A 1 34  ? 2.88737   -5.48956  -4.41125  1.000 9.14000  ? 32  PHE A CB  1 
ATOM   261  C CG  . PHE A 1 34  ? 4.25459   -5.57615  -3.79683  1.000 6.11000  ? 32  PHE A CG  1 
ATOM   262  C CD1 . PHE A 1 34  ? 4.97553   -4.43197  -3.53923  1.000 8.49000  ? 32  PHE A CD1 1 
ATOM   263  C CD2 . PHE A 1 34  ? 4.82580   -6.79725  -3.51037  1.000 8.30000  ? 32  PHE A CD2 1 
ATOM   264  C CE1 . PHE A 1 34  ? 6.23505   -4.49782  -2.98096  1.000 9.67000  ? 32  PHE A CE1 1 
ATOM   265  C CE2 . PHE A 1 34  ? 6.08371   -6.87446  -2.95052  1.000 8.59000  ? 32  PHE A CE2 1 
ATOM   266  C CZ  . PHE A 1 34  ? 6.79321   -5.72143  -2.68836  1.000 8.35000  ? 32  PHE A CZ  1 
ATOM   267  N N   . LYS A 1 35  ? 4.89863   -6.08167  -6.95675  1.000 10.69000 ? 33  LYS A N   1 
ATOM   268  C CA  . LYS A 1 35  ? 5.71598   -7.09631  -7.59077  1.000 12.58000 ? 33  LYS A CA  1 
ATOM   269  C C   . LYS A 1 35  ? 7.01408   -7.29569  -6.81486  1.000 11.14000 ? 33  LYS A C   1 
ATOM   270  O O   . LYS A 1 35  ? 7.80453   -6.37666  -6.66109  1.000 10.76000 ? 33  LYS A O   1 
ATOM   271  C CB  . LYS A 1 35  ? 6.01913   -6.72617  -9.04161  1.000 14.24000 ? 33  LYS A CB  1 
ATOM   272  C CG  . LYS A 1 35  ? 6.65946   -7.84871  -9.83647  1.000 15.23000 ? 33  LYS A CG  1 
ATOM   273  C CD  . LYS A 1 35  ? 7.12086   -7.38808  -11.20916 1.000 17.62000 ? 33  LYS A CD  1 
ATOM   274  C CE  . LYS A 1 35  ? 7.98429   -8.43643  -11.87551 1.000 20.28000 ? 33  LYS A CE  1 
ATOM   275  N NZ  . LYS A 1 35  ? 8.22062   -8.17087  -13.31525 1.000 31.85000 ? 33  LYS A NZ  1 
ATOM   276  N N   . ASN A 1 36  ? 7.21089   -8.51377  -6.33356  1.000 10.09000 ? 34  ASN A N   1 
ATOM   277  C CA  . ASN A 1 36  ? 8.39855   -8.86709  -5.58270  1.000 8.91000  ? 34  ASN A CA  1 
ATOM   278  C C   . ASN A 1 36  ? 9.58504   -8.87991  -6.53570  1.000 9.61000  ? 34  ASN A C   1 
ATOM   279  O O   . ASN A 1 36  ? 9.56848   -9.56548  -7.53539  1.000 11.65000 ? 34  ASN A O   1 
ATOM   280  C CB  . ASN A 1 36  ? 8.19136   -10.22680 -4.91157  1.000 8.33000  ? 34  ASN A CB  1 
ATOM   281  C CG  . ASN A 1 36  ? 9.35787   -10.64832 -4.04902  1.000 12.49000 ? 34  ASN A CG  1 
ATOM   282  O OD1 . ASN A 1 36  ? 10.50359  -10.51030 -4.43169  1.000 11.84000 ? 34  ASN A OD1 1 
ATOM   283  N ND2 . ASN A 1 36  ? 9.05690   -11.19001 -2.88281  1.000 11.35000 ? 34  ASN A ND2 1 
ATOM   284  N N   . SER A 1 37  ? 10.59229  -8.08302  -6.22338  1.000 11.65000 ? 35  SER A N   1 
ATOM   285  C CA  . SER A 1 37  ? 11.74746  -7.91959  -7.09281  1.000 13.63000 ? 35  SER A CA  1 
ATOM   286  C C   . SER A 1 37  ? 12.53686  -9.21318  -7.25498  1.000 15.61000 ? 35  SER A C   1 
ATOM   287  O O   . SER A 1 37  ? 12.95020  -9.56210  -8.35296  1.000 18.92000 ? 35  SER A O   1 
ATOM   288  C CB  . SER A 1 37  ? 12.65882  -6.80759  -6.56584  1.000 14.72000 ? 35  SER A CB  1 
ATOM   289  O OG  . SER A 1 37  ? 12.15967  -5.54701  -6.94046  1.000 27.17000 ? 35  SER A OG  1 
ATOM   290  N N   . LYS A 1 38  ? 12.73589  -9.93041  -6.16037  1.000 10.74000 ? 36  LYS A N   1 
ATOM   291  C CA  . LYS A 1 38  ? 13.51036  -11.16576 -6.20915  1.000 16.96000 ? 36  LYS A CA  1 
ATOM   292  C C   . LYS A 1 38  ? 12.76831  -12.33408 -6.87483  1.000 14.80000 ? 36  LYS A C   1 
ATOM   293  O O   . LYS A 1 38  ? 13.29619  -12.98322 -7.76036  1.000 12.54000 ? 36  LYS A O   1 
ATOM   294  C CB  . LYS A 1 38  ? 13.97532  -11.56507 -4.81028  1.000 15.00000 ? 36  LYS A CB  1 
ATOM   295  C CG  . LYS A 1 38  ? 14.84906  -12.80257 -4.77792  1.000 25.46000 ? 36  LYS A CG  1 
ATOM   296  C CD  . LYS A 1 38  ? 15.32445  -13.12950 -3.37238  1.000 33.70000 ? 36  LYS A CD  1 
ATOM   297  C CE  . LYS A 1 38  ? 16.18453  -14.38717 -3.32351  1.000 37.44000 ? 36  LYS A CE  1 
ATOM   298  N NZ  . LYS A 1 38  ? 16.67537  -14.74787 -1.96011  1.000 45.89000 ? 36  LYS A NZ  1 
ATOM   299  N N   . THR A 1 39  ? 11.54597  -12.58744 -6.43170  1.000 9.68000  ? 37  THR A N   1 
ATOM   300  C CA  . THR A 1 39  ? 10.77799  -13.74987 -6.85261  1.000 10.37000 ? 37  THR A CA  1 
ATOM   301  C C   . THR A 1 39  ? 9.84485   -13.46538 -8.02076  1.000 9.68000  ? 37  THR A C   1 
ATOM   302  O O   . THR A 1 39  ? 9.34841   -14.38196 -8.65588  1.000 9.33000  ? 37  THR A O   1 
ATOM   303  C CB  . THR A 1 39  ? 9.88189   -14.22643 -5.71022  1.000 10.65000 ? 37  THR A CB  1 
ATOM   304  O OG1 . THR A 1 39  ? 8.93282   -13.19717 -5.41597  1.000 9.62000  ? 37  THR A OG1 1 
ATOM   305  C CG2 . THR A 1 39  ? 10.70994  -14.52560 -4.47941  1.000 16.60000 ? 37  THR A CG2 1 
ATOM   306  N N   . GLY A 1 40  ? 9.59463   -12.19119 -8.28926  1.000 9.67000  ? 38  GLY A N   1 
ATOM   307  C CA  . GLY A 1 40  ? 8.71926   -11.81258 -9.38216  1.000 8.86000  ? 38  GLY A CA  1 
ATOM   308  C C   . GLY A 1 40  ? 7.23564   -11.99451 -9.08111  1.000 9.65000  ? 38  GLY A C   1 
ATOM   309  O O   . GLY A 1 40  ? 6.39388   -11.79833 -9.95007  1.000 10.62000 ? 38  GLY A O   1 
ATOM   310  N N   . LYS A 1 41  ? 6.92051   -12.35917 -7.84442  1.000 9.25000  ? 39  LYS A N   1 
ATOM   311  C CA  . LYS A 1 41  ? 5.53992   -12.62297 -7.44914  1.000 9.54000  ? 39  LYS A CA  1 
ATOM   312  C C   . LYS A 1 41  ? 4.70300   -11.35995 -7.48673  1.000 11.81000 ? 39  LYS A C   1 
ATOM   313  O O   . LYS A 1 41  ? 5.04500   -10.37912 -6.86844  1.000 12.54000 ? 39  LYS A O   1 
ATOM   314  C CB  . LYS A 1 41  ? 5.47361   -13.23441 -6.05640  1.000 8.94000  ? 39  LYS A CB  1 
ATOM   315  C CG  . LYS A 1 41  ? 4.06655   -13.37510 -5.51099  1.000 12.30000 ? 39  LYS A CG  1 
ATOM   316  C CD  . LYS A 1 41  ? 3.65523   -14.82747 -5.36675  1.000 22.75000 ? 39  LYS A CD  1 
ATOM   317  C CE  . LYS A 1 41  ? 2.14572   -14.98131 -5.27902  1.000 23.30000 ? 39  LYS A CE  1 
ATOM   318  N NZ  . LYS A 1 41  ? 1.47860   -14.54952 -6.54239  1.000 25.67000 ? 39  LYS A NZ  1 
ATOM   319  N N   . VAL A 1 42  ? 3.59763   -11.41502 -8.21272  1.000 9.34000  ? 40  VAL A N   1 
ATOM   320  C CA  . VAL A 1 42  ? 2.69664   -10.28953 -8.34651  1.000 11.44000 ? 40  VAL A CA  1 
ATOM   321  C C   . VAL A 1 42  ? 1.44037   -10.50393 -7.51148  1.000 13.56000 ? 40  VAL A C   1 
ATOM   322  O O   . VAL A 1 42  ? 0.87506   -11.57808 -7.50797  1.000 13.98000 ? 40  VAL A O   1 
ATOM   323  C CB  . VAL A 1 42  ? 2.27871   -10.07345 -9.81442  1.000 9.40000  ? 40  VAL A CB  1 
ATOM   324  C CG1 . VAL A 1 42  ? 1.22720   -8.98534  -9.91612  1.000 13.37000 ? 40  VAL A CG1 1 
ATOM   325  C CG2 . VAL A 1 42  ? 3.48385   -9.72703  -10.67079 1.000 13.25000 ? 40  VAL A CG2 1 
ATOM   326  N N   . ASP A 1 43  ? 1.01132   -9.44778  -6.83972  1.000 10.21000 ? 41  ASP A N   1 
ATOM   327  C CA  . ASP A 1 43  ? -0.23524  -9.43652  -6.09509  1.000 15.77000 ? 41  ASP A CA  1 
ATOM   328  C C   . ASP A 1 43  ? -1.10085  -8.28318  -6.59671  1.000 15.04000 ? 41  ASP A C   1 
ATOM   329  O O   . ASP A 1 43  ? -0.64709  -7.15112  -6.62548  1.000 14.09000 ? 41  ASP A O   1 
ATOM   330  C CB  . ASP A 1 43  ? 0.03279   -9.25554  -4.60517  1.000 14.45000 ? 41  ASP A CB  1 
ATOM   331  C CG  . ASP A 1 43  ? 0.62686   -10.49126 -3.95881  1.000 18.84000 ? 41  ASP A CG  1 
ATOM   332  O OD1 . ASP A 1 43  ? 0.01525   -11.57103 -4.07025  1.000 21.99000 ? 41  ASP A OD1 1 
ATOM   333  O OD2 . ASP A 1 43  ? 1.69758   -10.37538 -3.32822  1.000 18.27000 ? 41  ASP A OD2 1 
ATOM   334  N N   . ASN A 1 44  ? -2.33122  -8.59227  -6.99316  1.000 13.27000 ? 42  ASN A N   1 
ATOM   335  C CA  . ASN A 1 44  ? -3.27634  -7.58835  -7.43968  1.000 12.17000 ? 42  ASN A CA  1 
ATOM   336  C C   . ASN A 1 44  ? -4.35492  -7.37237  -6.38969  1.000 14.26000 ? 42  ASN A C   1 
ATOM   337  O O   . ASN A 1 44  ? -4.86614  -8.32268  -5.81570  1.000 14.78000 ? 42  ASN A O   1 
ATOM   338  C CB  . ASN A 1 44  ? -3.91234  -7.98748  -8.77407  1.000 12.35000 ? 42  ASN A CB  1 
ATOM   339  C CG  . ASN A 1 44  ? -2.88619  -8.22776  -9.86820  1.000 13.94000 ? 42  ASN A CG  1 
ATOM   340  O OD1 . ASN A 1 44  ? -2.35371  -7.29413  -10.44620 1.000 13.92000 ? 42  ASN A OD1 1 
ATOM   341  N ND2 . ASN A 1 44  ? -2.61826  -9.48818  -10.15596 1.000 13.99000 ? 42  ASN A ND2 1 
ATOM   342  N N   . ILE A 1 45  ? -4.69774  -6.11302  -6.15625  1.000 10.88000 ? 43  ILE A N   1 
ATOM   343  C CA  . ILE A 1 45  ? -5.78738  -5.75852  -5.26091  1.000 11.26000 ? 43  ILE A CA  1 
ATOM   344  C C   . ILE A 1 45  ? -6.73094  -4.76792  -5.94492  1.000 12.92000 ? 43  ILE A C   1 
ATOM   345  O O   . ILE A 1 45  ? -6.32451  -3.67375  -6.29528  1.000 9.14000  ? 43  ILE A O   1 
ATOM   346  C CB  . ILE A 1 45  ? -5.27022  -5.11433  -3.96165  1.000 13.96000 ? 43  ILE A CB  1 
ATOM   347  C CG1 . ILE A 1 45  ? -4.06646  -5.88406  -3.40699  1.000 13.09000 ? 43  ILE A CG1 1 
ATOM   348  C CG2 . ILE A 1 45  ? -6.39328  -5.01857  -2.94399  1.000 14.04000 ? 43  ILE A CG2 1 
ATOM   349  C CD1 . ILE A 1 45  ? -3.40559  -5.21763  -2.22175  1.000 11.14000 ? 43  ILE A CD1 1 
ATOM   350  N N   . GLN A 1 46  ? -7.97670  -5.17264  -6.15396  1.000 10.57000 ? 44  GLN A N   1 
ATOM   351  C CA  . GLN A 1 46  ? -8.94089  -4.29799  -6.79605  1.000 11.85000 ? 44  GLN A CA  1 
ATOM   352  C C   . GLN A 1 46  ? -9.42203  -3.29753  -5.76956  1.000 11.82000 ? 44  GLN A C   1 
ATOM   353  O O   . GLN A 1 46  ? -9.65021  -3.65870  -4.62978  1.000 12.06000 ? 44  GLN A O   1 
ATOM   354  C CB  . GLN A 1 46  ? -10.15564 -5.06913  -7.30466  1.000 9.37000  ? 44  GLN A CB  1 
ATOM   355  C CG  . GLN A 1 46  ? -9.86628  -6.40635  -7.94167  1.000 10.41000 ? 44  GLN A CG  1 
ATOM   356  C CD  . GLN A 1 46  ? -8.91076  -6.30647  -9.10372  1.000 12.42000 ? 44  GLN A CD  1 
ATOM   357  O OE1 . GLN A 1 46  ? -9.01947  -5.41857  -9.93959  1.000 9.78000  ? 44  GLN A OE1 1 
ATOM   358  N NE2 . GLN A 1 46  ? -7.96640  -7.23555  -9.16547  1.000 10.89000 ? 44  GLN A NE2 1 
ATOM   359  N N   . ALA A 1 47  ? -9.60061  -2.05287  -6.18577  1.000 8.40000  ? 45  ALA A N   1 
ATOM   360  C CA  . ALA A 1 47  ? -10.09226 -1.02418  -5.28966  1.000 13.55000 ? 45  ALA A CA  1 
ATOM   361  C C   . ALA A 1 47  ? -11.30396 -1.51193  -4.50245  1.000 12.93000 ? 45  ALA A C   1 
ATOM   362  O O   . ALA A 1 47  ? -11.38163 -1.31248  -3.31160  1.000 11.82000 ? 45  ALA A O   1 
ATOM   363  C CB  . ALA A 1 47  ? -10.44055 0.24158   -6.05654  1.000 11.86000 ? 45  ALA A CB  1 
ATOM   364  N N   . GLY A 1 48  ? -12.23867 -2.14749  -5.19831  1.000 12.74000 ? 46  GLY A N   1 
ATOM   365  C CA  . GLY A 1 48  ? -13.47183 -2.60357  -4.59354  1.000 13.05000 ? 46  GLY A CA  1 
ATOM   366  C C   . GLY A 1 48  ? -13.26346 -3.57559  -3.44911  1.000 16.21000 ? 46  GLY A C   1 
ATOM   367  O O   . GLY A 1 48  ? -14.06165 -3.63561  -2.53323  1.000 19.95000 ? 46  GLY A O   1 
ATOM   368  N N   . GLU A 1 49  ? -12.18076 -4.33647  -3.51635  1.000 11.35000 ? 47  GLU A N   1 
ATOM   369  C CA  . GLU A 1 49  ? -11.86265 -5.34072  -2.50612  1.000 11.07000 ? 47  GLU A CA  1 
ATOM   370  C C   . GLU A 1 49  ? -11.48209 -4.72656  -1.16604  1.000 12.88000 ? 47  GLU A C   1 
ATOM   371  O O   . GLU A 1 49  ? -11.59109 -5.36561  -0.12901  1.000 13.27000 ? 47  GLU A O   1 
ATOM   372  C CB  . GLU A 1 49  ? -10.66752 -6.16129  -2.96194  1.000 16.52000 ? 47  GLU A CB  1 
ATOM   373  C CG  . GLU A 1 49  ? -10.91962 -7.26605  -3.95325  1.000 23.71000 ? 47  GLU A CG  1 
ATOM   374  C CD  . GLU A 1 49  ? -9.64646  -8.05007  -4.18805  1.000 25.37000 ? 47  GLU A CD  1 
ATOM   375  O OE1 . GLU A 1 49  ? -9.44330  -9.04993  -3.47479  1.000 31.53000 ? 47  GLU A OE1 1 
ATOM   376  O OE2 . GLU A 1 49  ? -8.84383  -7.64094  -5.04871  1.000 17.61000 ? 47  GLU A OE2 1 
ATOM   377  N N   . LEU A 1 50  ? -10.96966 -3.50807  -1.19528  1.000 11.45000 ? 48  LEU A N   1 
ATOM   378  C CA  . LEU A 1 50  ? -10.44196 -2.90387  0.00853   1.000 12.47000 ? 48  LEU A CA  1 
ATOM   379  C C   . LEU A 1 50  ? -11.54539 -2.55999  0.98371   1.000 12.76000 ? 48  LEU A C   1 
ATOM   380  O O   . LEU A 1 50  ? -12.51270 -1.91132  0.62728   1.000 14.13000 ? 48  LEU A O   1 
ATOM   381  C CB  . LEU A 1 50  ? -9.64794  -1.64737  -0.31317  1.000 9.53000  ? 48  LEU A CB  1 
ATOM   382  C CG  . LEU A 1 50  ? -8.33901  -1.84148  -1.07513  1.000 6.54000  ? 48  LEU A CG  1 
ATOM   383  C CD1 . LEU A 1 50  ? -7.94254  -0.55278  -1.77051  1.000 7.19000  ? 48  LEU A CD1 1 
ATOM   384  C CD2 . LEU A 1 50  ? -7.24329  -2.28489  -0.12774  1.000 8.84000  ? 48  LEU A CD2 1 
ATOM   385  N N   . THR A 1 51  ? -11.38557 -2.98600  2.22498   1.000 12.24000 ? 49  THR A N   1 
ATOM   386  C CA  . THR A 1 51  ? -12.31282 -2.57448  3.26262   1.000 13.68000 ? 49  THR A CA  1 
ATOM   387  C C   . THR A 1 51  ? -11.63211 -1.69019  4.29849   1.000 12.67000 ? 49  THR A C   1 
ATOM   388  O O   . THR A 1 51  ? -12.28262 -0.94826  4.99784   1.000 7.66000  ? 49  THR A O   1 
ATOM   389  C CB  . THR A 1 51  ? -12.92262 -3.78298  3.98414   1.000 18.16000 ? 49  THR A CB  1 
ATOM   390  O OG1 . THR A 1 51  ? -11.87328 -4.56758  4.55404   1.000 13.11000 ? 49  THR A OG1 1 
ATOM   391  C CG2 . THR A 1 51  ? -13.72915 -4.63132  3.02094   1.000 11.58000 ? 49  THR A CG2 1 
ATOM   392  N N   . GLU A 1 52  ? -10.31133 -1.77854  4.38442   1.000 12.94000 ? 50  GLU A N   1 
ATOM   393  C CA  . GLU A 1 52  ? -9.59193  -1.08479  5.44071   1.000 13.60000 ? 50  GLU A CA  1 
ATOM   394  C C   . GLU A 1 52  ? -8.18511  -0.67531  5.03981   1.000 12.29000 ? 50  GLU A C   1 
ATOM   395  O O   . GLU A 1 52  ? -7.45538  -1.45240  4.45136   1.000 11.37000 ? 50  GLU A O   1 
ATOM   396  C CB  . GLU A 1 52  ? -9.51568  -1.98678  6.66205   1.000 11.96000 ? 50  GLU A CB  1 
ATOM   397  C CG  . GLU A 1 52  ? -9.22631  -1.30177  7.97912   1.000 19.93000 ? 50  GLU A CG  1 
ATOM   398  C CD  . GLU A 1 52  ? -9.26029  -2.28074  9.13450   1.000 24.57000 ? 50  GLU A CD  1 
ATOM   399  O OE1 . GLU A 1 52  ? -8.18208  -2.65393  9.61701   1.000 20.93000 ? 50  GLU A OE1 1 
ATOM   400  O OE2 . GLU A 1 52  ? -10.36474 -2.69748  9.53565   1.000 28.06000 ? 50  GLU A OE2 1 
ATOM   401  N N   . GLY A 1 53  ? -7.82034  0.55100   5.38563   1.000 9.79000  ? 51  GLY A N   1 
ATOM   402  C CA  . GLY A 1 53  ? -6.46862  1.02678   5.21015   1.000 10.19000 ? 51  GLY A CA  1 
ATOM   403  C C   . GLY A 1 53  ? -5.94475  1.70324   6.46469   1.000 12.09000 ? 51  GLY A C   1 
ATOM   404  O O   . GLY A 1 53  ? -6.58896  2.58941   7.00415   1.000 14.51000 ? 51  GLY A O   1 
ATOM   405  N N   . ILE A 1 54  ? -4.77580  1.26780   6.92022   1.000 8.59000  ? 52  ILE A N   1 
ATOM   406  C CA  . ILE A 1 54  ? -4.13809  1.81725   8.11155   1.000 11.47000 ? 52  ILE A CA  1 
ATOM   407  C C   . ILE A 1 54  ? -2.73750  2.33079   7.77801   1.000 9.52000  ? 52  ILE A C   1 
ATOM   408  O O   . ILE A 1 54  ? -2.03123  1.71068   7.01893   1.000 9.82000  ? 52  ILE A O   1 
ATOM   409  C CB  . ILE A 1 54  ? -4.03428  0.76071   9.23132   1.000 10.00000 ? 52  ILE A CB  1 
ATOM   410  C CG1 . ILE A 1 54  ? -5.42298  0.37057   9.72990   1.000 15.35000 ? 52  ILE A CG1 1 
ATOM   411  C CG2 . ILE A 1 54  ? -3.19503  1.26535   10.38704  1.000 13.00000 ? 52  ILE A CG2 1 
ATOM   412  C CD1 . ILE A 1 54  ? -5.46884  -0.95977  10.44312  1.000 16.84000 ? 52  ILE A CD1 1 
ATOM   413  N N   . TRP A 1 55  ? -2.37563  3.46877   8.36300   1.000 9.97000  ? 53  TRP A N   1 
ATOM   414  C CA  . TRP A 1 55  ? -1.06366  4.08652   8.19094   1.000 6.71000  ? 53  TRP A CA  1 
ATOM   415  C C   . TRP A 1 55  ? -0.42932  4.18193   9.56865   1.000 10.67000 ? 53  TRP A C   1 
ATOM   416  O O   . TRP A 1 55  ? -1.00786  4.77324   10.46701  1.000 10.60000 ? 53  TRP A O   1 
ATOM   417  C CB  . TRP A 1 55  ? -1.23304  5.48489   7.58969   1.000 7.03000  ? 53  TRP A CB  1 
ATOM   418  C CG  . TRP A 1 55  ? -0.02960  6.38057   7.58900   1.000 7.15000  ? 53  TRP A CG  1 
ATOM   419  C CD1 . TRP A 1 55  ? 0.23879   7.40550   8.45434   1.000 11.06000 ? 53  TRP A CD1 1 
ATOM   420  C CD2 . TRP A 1 55  ? 1.03853   6.37727   6.64150   1.000 6.46000  ? 53  TRP A CD2 1 
ATOM   421  N NE1 . TRP A 1 55  ? 1.41449   8.02016   8.11729   1.000 7.99000  ? 53  TRP A NE1 1 
ATOM   422  C CE2 . TRP A 1 55  ? 1.92902   7.40344   7.00923   1.000 8.09000  ? 53  TRP A CE2 1 
ATOM   423  C CE3 . TRP A 1 55  ? 1.34076   5.59328   5.53342   1.000 5.84000  ? 53  TRP A CE3 1 
ATOM   424  C CZ2 . TRP A 1 55  ? 3.09554   7.66150   6.30130   1.000 6.64000  ? 53  TRP A CZ2 1 
ATOM   425  C CZ3 . TRP A 1 55  ? 2.49279   5.85431   4.83027   1.000 7.63000  ? 53  TRP A CZ3 1 
ATOM   426  C CH2 . TRP A 1 55  ? 3.35781   6.87742   5.21594   1.000 6.26000  ? 53  TRP A CH2 1 
ATOM   427  N N   . ARG A 1 56  ? 0.74450   3.58906   9.73619   1.000 5.80000  ? 54  ARG A N   1 
ATOM   428  C CA  . ARG A 1 56  ? 1.38035   3.55024   11.03825  1.000 7.71000  ? 54  ARG A CA  1 
ATOM   429  C C   . ARG A 1 56  ? 2.90058   3.44429   10.93924  1.000 9.78000  ? 54  ARG A C   1 
ATOM   430  O O   . ARG A 1 56  ? 3.43397   3.11175   9.89754   1.000 10.18000 ? 54  ARG A O   1 
ATOM   431  C CB  . ARG A 1 56  ? 0.82107   2.38730   11.86414  1.000 9.51000  ? 54  ARG A CB  1 
ATOM   432  C CG  . ARG A 1 56  ? 1.37855   1.01825   11.49728  1.000 8.33000  ? 54  ARG A CG  1 
ATOM   433  C CD  . ARG A 1 56  ? 0.62282   0.37535   10.34705  1.000 8.88000  ? 54  ARG A CD  1 
ATOM   434  N NE  . ARG A 1 56  ? 1.20097   -0.89203  9.92048   1.000 10.19000 ? 54  ARG A NE  1 
ATOM   435  C CZ  . ARG A 1 56  ? 0.81654   -2.08509  10.36329  1.000 12.53000 ? 54  ARG A CZ  1 
ATOM   436  N NH1 . ARG A 1 56  ? -0.15125  -2.18408  11.25648  1.000 16.58000 ? 54  ARG A NH1 1 
ATOM   437  N NH2 . ARG A 1 56  ? 1.40867   -3.17938  9.92019   1.000 10.93000 ? 54  ARG A NH2 1 
ATOM   438  N N   . ARG A 1 57  ? 3.58983   3.74069   12.03078  1.000 9.52000  ? 55  ARG A N   1 
ATOM   439  C CA  . ARG A 1 57  ? 5.03414   3.58162   12.04697  1.000 9.25000  ? 55  ARG A CA  1 
ATOM   440  C C   . ARG A 1 57  ? 5.35418   2.09525   12.05169  1.000 10.99000 ? 55  ARG A C   1 
ATOM   441  O O   . ARG A 1 57  ? 4.70591   1.32758   12.74352  1.000 9.20000  ? 55  ARG A O   1 
ATOM   442  C CB  . ARG A 1 57  ? 5.66682   4.27063   13.26150  1.000 8.99000  ? 55  ARG A CB  1 
ATOM   443  C CG  . ARG A 1 57  ? 7.18280   4.37199   13.17017  1.000 12.81000 ? 55  ARG A CG  1 
ATOM   444  C CD  . ARG A 1 57  ? 7.79564   5.09263   14.36217  1.000 19.66000 ? 55  ARG A CD  1 
ATOM   445  N NE  . ARG A 1 57  ? 7.14585   6.36112   14.66427  1.000 21.96000 ? 55  ARG A NE  1 
ATOM   446  C CZ  . ARG A 1 57  ? 7.49937   7.52489   14.13423  1.000 22.67000 ? 55  ARG A CZ  1 
ATOM   447  N NH1 . ARG A 1 57  ? 8.49023   7.58227   13.26912  1.000 23.33000 ? 55  ARG A NH1 1 
ATOM   448  N NH2 . ARG A 1 57  ? 6.86177   8.63092   14.46519  1.000 30.24000 ? 55  ARG A NH2 1 
ATOM   449  N N   . VAL A 1 58  ? 6.34789   1.70176   11.26108  1.000 7.46000  ? 56  VAL A N   1 
ATOM   450  C CA  . VAL A 1 58  ? 6.78968   0.31989   11.22618  1.000 10.95000 ? 56  VAL A CA  1 
ATOM   451  C C   . VAL A 1 58  ? 8.29115   0.22771   11.51154  1.000 10.94000 ? 56  VAL A C   1 
ATOM   452  O O   . VAL A 1 58  ? 8.86093   1.14054   12.07635  1.000 9.95000  ? 56  VAL A O   1 
ATOM   453  C CB  . VAL A 1 58  ? 6.45553   -0.32458  9.87735   1.000 8.39000  ? 56  VAL A CB  1 
ATOM   454  C CG1 . VAL A 1 58  ? 4.95080   -0.47965  9.75071   1.000 10.18000 ? 56  VAL A CG1 1 
ATOM   455  C CG2 . VAL A 1 58  ? 7.02111   0.51837   8.75740   1.000 8.72000  ? 56  VAL A CG2 1 
ATOM   456  N N   . ALA A 1 59  ? 8.91843   -0.87484  11.11993  1.000 12.10000 ? 57  ALA A N   1 
ATOM   457  C CA  . ALA A 1 59  ? 10.33279  -1.09633  11.40933  1.000 11.27000 ? 57  ALA A CA  1 
ATOM   458  C C   . ALA A 1 59  ? 11.22999  -0.12875  10.64434  1.000 12.74000 ? 57  ALA A C   1 
ATOM   459  O O   . ALA A 1 59  ? 12.23041  0.34483   11.16131  1.000 9.41000  ? 57  ALA A O   1 
ATOM   460  C CB  . ALA A 1 59  ? 10.72318  -2.53228  11.10061  1.000 14.95000 ? 57  ALA A CB  1 
ATOM   461  N N   . LEU A 1 60  ? 10.86489  0.12714   9.39726   1.000 11.07000 ? 58  LEU A N   1 
ATOM   462  C CA  . LEU A 1 60  ? 11.54295  1.10333   8.57237   1.000 9.55000  ? 58  LEU A CA  1 
ATOM   463  C C   . LEU A 1 60  ? 10.51514  2.12927   8.10731   1.000 9.74000  ? 58  LEU A C   1 
ATOM   464  O O   . LEU A 1 60  ? 9.66669   1.83328   7.29437   1.000 7.96000  ? 58  LEU A O   1 
ATOM   465  C CB  . LEU A 1 60  ? 12.21798  0.44397   7.36861   1.000 13.42000 ? 58  LEU A CB  1 
ATOM   466  C CG  . LEU A 1 60  ? 13.14284  1.35762   6.56567   1.000 13.20000 ? 58  LEU A CG  1 
ATOM   467  C CD1 . LEU A 1 60  ? 14.41022  1.65196   7.34286   1.000 8.78000  ? 58  LEU A CD1 1 
ATOM   468  C CD2 . LEU A 1 60  ? 13.47192  0.79647   5.19172   1.000 17.82000 ? 58  LEU A CD2 1 
ATOM   469  N N   . GLY A 1 61  ? 10.60528  3.33688   8.63907   1.000 8.45000  ? 59  GLY A N   1 
ATOM   470  C CA  . GLY A 1 61  ? 9.68002   4.38381   8.27413   1.000 5.76000  ? 59  GLY A CA  1 
ATOM   471  C C   . GLY A 1 61  ? 8.25544   4.04810   8.65307   1.000 8.80000  ? 59  GLY A C   1 
ATOM   472  O O   . GLY A 1 61  ? 8.00505   3.51980   9.72571   1.000 10.35000 ? 59  GLY A O   1 
ATOM   473  N N   . HIS A 1 62  ? 7.33355   4.37254   7.75831   1.000 5.68000  ? 60  HIS A N   1 
ATOM   474  C CA  . HIS A 1 62  ? 5.92361   4.12345   7.95337   1.000 9.29000  ? 60  HIS A CA  1 
ATOM   475  C C   . HIS A 1 62  ? 5.42605   3.05273   6.99790   1.000 5.52000  ? 60  HIS A C   1 
ATOM   476  O O   . HIS A 1 62  ? 6.10734   2.68780   6.06162   1.000 6.33000  ? 60  HIS A O   1 
ATOM   477  C CB  . HIS A 1 62  ? 5.13023   5.41672   7.77431   1.000 4.70000  ? 60  HIS A CB  1 
ATOM   478  C CG  . HIS A 1 62  ? 5.01865   6.21727   9.02845   1.000 9.57000  ? 60  HIS A CG  1 
ATOM   479  N ND1 . HIS A 1 62  ? 6.08442   6.89853   9.56927   1.000 8.98000  ? 60  HIS A ND1 1 
ATOM   480  C CD2 . HIS A 1 62  ? 3.97741   6.42225   9.86537   1.000 7.55000  ? 60  HIS A CD2 1 
ATOM   481  C CE1 . HIS A 1 62  ? 5.70149   7.50274   10.67639  1.000 11.58000 ? 60  HIS A CE1 1 
ATOM   482  N NE2 . HIS A 1 62  ? 4.42991   7.22214   10.88445  1.000 10.69000 ? 60  HIS A NE2 1 
ATOM   483  N N   . GLY A 1 63  ? 4.22221   2.55784   7.24203   1.000 5.58000  ? 61  GLY A N   1 
ATOM   484  C CA  . GLY A 1 63  ? 3.68507   1.49377   6.42380   1.000 6.11000  ? 61  GLY A CA  1 
ATOM   485  C C   . GLY A 1 63  ? 2.18036   1.49774   6.31103   1.000 7.39000  ? 61  GLY A C   1 
ATOM   486  O O   . GLY A 1 63  ? 1.50215   2.05561   7.15360   1.000 8.26000  ? 61  GLY A O   1 
ATOM   487  N N   . LEU A 1 64  ? 1.69164   0.87025   5.24809   1.000 6.30000  ? 62  LEU A N   1 
ATOM   488  C CA  . LEU A 1 64  ? 0.27245   0.68168   5.02568   1.000 10.77000 ? 62  LEU A CA  1 
ATOM   489  C C   . LEU A 1 64  ? -0.11156  -0.71416  5.49259   1.000 9.49000  ? 62  LEU A C   1 
ATOM   490  O O   . LEU A 1 64  ? 0.60404   -1.66670  5.24164   1.000 9.39000  ? 62  LEU A O   1 
ATOM   491  C CB  . LEU A 1 64  ? -0.05078  0.80122   3.54282   1.000 6.63000  ? 62  LEU A CB  1 
ATOM   492  C CG  . LEU A 1 64  ? 0.08271   2.16741   2.87275   1.000 6.90000  ? 62  LEU A CG  1 
ATOM   493  C CD1 . LEU A 1 64  ? 0.03338   2.03031   1.35645   1.000 7.56000  ? 62  LEU A CD1 1 
ATOM   494  C CD2 . LEU A 1 64  ? -0.96512  3.14439   3.37893   1.000 9.08000  ? 62  LEU A CD2 1 
ATOM   495  N N   . LYS A 1 65  ? -1.25169  -0.83364  6.15234   1.000 6.42000  ? 63  LYS A N   1 
ATOM   496  C CA  . LYS A 1 65  ? -1.74507  -2.17326  6.37617   1.000 6.26000  ? 63  LYS A CA  1 
ATOM   497  C C   . LYS A 1 65  ? -3.18051  -2.18072  5.90008   1.000 6.37000  ? 63  LYS A C   1 
ATOM   498  O O   . LYS A 1 65  ? -4.01592  -1.50392  6.46337   1.000 9.10000  ? 63  LYS A O   1 
ATOM   499  C CB  . LYS A 1 65  ? -1.67467  -2.56699  7.84650   1.000 8.95000  ? 63  LYS A CB  1 
ATOM   500  C CG  . LYS A 1 65  ? -2.51644  -3.78320  8.16128   1.000 14.48000 ? 63  LYS A CG  1 
ATOM   501  C CD  . LYS A 1 65  ? -2.48273  -4.12754  9.63100   1.000 13.65000 ? 63  LYS A CD  1 
ATOM   502  C CE  . LYS A 1 65  ? -2.87023  -5.56845  9.85059   1.000 21.52000 ? 63  LYS A CE  1 
ATOM   503  N NZ  . LYS A 1 65  ? -2.43894  -5.98786  11.20647  1.000 27.15000 ? 63  LYS A NZ  1 
ATOM   504  N N   . LEU A 1 66  ? -3.37690  -3.04723  4.91468   1.000 10.43000 ? 64  LEU A N   1 
ATOM   505  C CA  . LEU A 1 66  ? -4.62022  -3.11882  4.17086   1.000 7.32000  ? 64  LEU A CA  1 
ATOM   506  C C   . LEU A 1 66  ? -5.37178  -4.40134  4.47003   1.000 9.97000  ? 64  LEU A C   1 
ATOM   507  O O   . LEU A 1 66  ? -4.77480  -5.44268  4.69108   1.000 11.58000 ? 64  LEU A O   1 
ATOM   508  C CB  . LEU A 1 66  ? -4.33462  -3.05327  2.67220   1.000 4.73000  ? 64  LEU A CB  1 
ATOM   509  C CG  . LEU A 1 66  ? -3.37498  -1.94329  2.25017   1.000 4.78000  ? 64  LEU A CG  1 
ATOM   510  C CD1 . LEU A 1 66  ? -3.24868  -1.82078  0.74513   1.000 6.16000  ? 64  LEU A CD1 1 
ATOM   511  C CD2 . LEU A 1 66  ? -3.80604  -0.62638  2.86113   1.000 7.00000  ? 64  LEU A CD2 1 
ATOM   512  N N   . LEU A 1 67  ? -6.69222  -4.30071  4.45423   1.000 6.87000  ? 65  LEU A N   1 
ATOM   513  C CA  . LEU A 1 67  ? -7.54601  -5.46987  4.59268   1.000 10.30000 ? 65  LEU A CA  1 
ATOM   514  C C   . LEU A 1 67  ? -8.50217  -5.51241  3.41048   1.000 10.27000 ? 65  LEU A C   1 
ATOM   515  O O   . LEU A 1 67  ? -9.02156  -4.48263  3.01369   1.000 8.71000  ? 65  LEU A O   1 
ATOM   516  C CB  . LEU A 1 67  ? -8.33174  -5.40775  5.89639   1.000 11.04000 ? 65  LEU A CB  1 
ATOM   517  C CG  . LEU A 1 67  ? -9.18083  -6.62816  6.25200   1.000 11.94000 ? 65  LEU A CG  1 
ATOM   518  C CD1 . LEU A 1 67  ? -8.35418  -7.90204  6.21898   1.000 14.38000 ? 65  LEU A CD1 1 
ATOM   519  C CD2 . LEU A 1 67  ? -9.87635  -6.44158  7.59337   1.000 13.76000 ? 65  LEU A CD2 1 
ATOM   520  N N   . THR A 1 68  ? -8.69728  -6.70295  2.84444   1.000 9.19000  ? 66  THR A N   1 
ATOM   521  C CA  . THR A 1 68  ? -9.65568  -6.90087  1.76211   1.000 10.51000 ? 66  THR A CA  1 
ATOM   522  C C   . THR A 1 68  ? -10.88498 -7.69675  2.22081   1.000 14.84000 ? 66  THR A C   1 
ATOM   523  O O   . THR A 1 68  ? -10.89160 -8.26469  3.29406   1.000 14.75000 ? 66  THR A O   1 
ATOM   524  C CB  . THR A 1 68  ? -9.01430  -7.58569  0.53632   1.000 14.21000 ? 66  THR A CB  1 
ATOM   525  O OG1 . THR A 1 68  ? -8.28961  -8.74090  0.95095   1.000 15.87000 ? 66  THR A OG1 1 
ATOM   526  C CG2 . THR A 1 68  ? -8.05735  -6.63698  -0.15386  1.000 16.73000 ? 66  THR A CG2 1 
ATOM   527  N N   . LYS A 1 69  ? -11.92785 -7.71656  1.40664   1.000 13.15000 ? 67  LYS A N   1 
ATOM   528  C CA  . LYS A 1 69  ? -13.17485 -8.37317  1.78446   1.000 13.30000 ? 67  LYS A CA  1 
ATOM   529  C C   . LYS A 1 69  ? -12.99333 -9.85136  2.11852   1.000 17.69000 ? 67  LYS A C   1 
ATOM   530  O O   . LYS A 1 69  ? -13.68147 -10.38659 2.97756   1.000 23.23000 ? 67  LYS A O   1 
ATOM   531  C CB  . LYS A 1 69  ? -14.20628 -8.22987  0.66599   1.000 15.39000 ? 67  LYS A CB  1 
ATOM   532  C CG  . LYS A 1 69  ? -14.86648 -6.86803  0.61246   1.000 18.75000 ? 67  LYS A CG  1 
ATOM   533  C CD  . LYS A 1 69  ? -15.65128 -6.67576  -0.67312  1.000 21.61000 ? 67  LYS A CD  1 
ATOM   534  C CE  . LYS A 1 69  ? -16.34549 -5.33031  -0.67383  1.000 23.45000 ? 67  LYS A CE  1 
ATOM   535  N NZ  . LYS A 1 69  ? -17.35755 -5.20195  -1.74854  1.000 28.35000 ? 67  LYS A NZ  1 
ATOM   536  N N   . ASN A 1 70  ? -12.07613 -10.50135 1.41830   1.000 14.94000 ? 68  ASN A N   1 
ATOM   537  C CA  . ASN A 1 70  ? -11.82969 -11.91650 1.60305   1.000 18.63000 ? 68  ASN A CA  1 
ATOM   538  C C   . ASN A 1 70  ? -10.89913 -12.21390 2.77201   1.000 19.32000 ? 68  ASN A C   1 
ATOM   539  O O   . ASN A 1 70  ? -10.50543 -13.34850 2.97769   1.000 18.56000 ? 68  ASN A O   1 
ATOM   540  C CB  . ASN A 1 70  ? -11.28528 -12.53719 0.32103   1.000 24.17000 ? 68  ASN A CB  1 
ATOM   541  C CG  . ASN A 1 70  ? -9.92577  -11.99220 -0.05395  1.000 29.83000 ? 68  ASN A CG  1 
ATOM   542  O OD1 . ASN A 1 70  ? -9.30044  -11.27519 0.71829   1.000 28.66000 ? 68  ASN A OD1 1 
ATOM   543  N ND2 . ASN A 1 70  ? -9.45854  -12.33906 -1.24763  1.000 34.12000 ? 68  ASN A ND2 1 
ATOM   544  N N   . GLY A 1 71  ? -10.56416 -11.18343 3.53908   1.000 15.30000 ? 69  GLY A N   1 
ATOM   545  C CA  . GLY A 1 71  ? -9.78284  -11.36177 4.74731   1.000 19.70000 ? 69  GLY A CA  1 
ATOM   546  C C   . GLY A 1 71  ? -8.27599  -11.26271 4.58479   1.000 15.60000 ? 69  GLY A C   1 
ATOM   547  O O   . GLY A 1 71  ? -7.54460  -11.28427 5.55623   1.000 17.69000 ? 69  GLY A O   1 
ATOM   548  N N   . HIS A 1 72  ? -7.80824  -11.15531 3.35440   1.000 16.34000 ? 70  HIS A N   1 
ATOM   549  C CA  . HIS A 1 72  ? -6.37485  -11.03004 3.12241   1.000 18.78000 ? 70  HIS A CA  1 
ATOM   550  C C   . HIS A 1 72  ? -5.80458  -9.74094  3.72151   1.000 16.68000 ? 70  HIS A C   1 
ATOM   551  O O   . HIS A 1 72  ? -6.42670  -8.69208  3.65357   1.000 14.42000 ? 70  HIS A O   1 
ATOM   552  C CB  . HIS A 1 72  ? -6.06165  -11.09624 1.63335   1.000 20.66000 ? 70  HIS A CB  1 
ATOM   553  C CG  . HIS A 1 72  ? -6.35363  -12.42628 1.01674   1.000 30.27000 ? 70  HIS A CG  1 
ATOM   554  N ND1 . HIS A 1 72  ? -6.44040  -13.58355 1.75756   1.000 33.40000 ? 70  HIS A ND1 1 
ATOM   555  C CD2 . HIS A 1 72  ? -6.58885  -12.78350 -0.26827  1.000 32.44000 ? 70  HIS A CD2 1 
ATOM   556  C CE1 . HIS A 1 72  ? -6.71506  -14.59568 0.95686   1.000 35.52000 ? 70  HIS A CE1 1 
ATOM   557  N NE2 . HIS A 1 72  ? -6.80811  -14.13688 -0.27800  1.000 37.31000 ? 70  HIS A NE2 1 
ATOM   558  N N   . VAL A 1 73  ? -4.61737  -9.85019  4.30416   1.000 14.42000 ? 71  VAL A N   1 
ATOM   559  C CA  . VAL A 1 73  ? -3.89941  -8.71907  4.88458   1.000 12.27000 ? 71  VAL A CA  1 
ATOM   560  C C   . VAL A 1 73  ? -2.64451  -8.42758  4.05410   1.000 13.35000 ? 71  VAL A C   1 
ATOM   561  O O   . VAL A 1 73  ? -1.90336  -9.33366  3.70871   1.000 11.60000 ? 71  VAL A O   1 
ATOM   562  C CB  . VAL A 1 73  ? -3.47331  -9.00766  6.33786   1.000 14.33000 ? 71  VAL A CB  1 
ATOM   563  C CG1 . VAL A 1 73  ? -2.62309  -7.88305  6.88653   1.000 9.25000  ? 71  VAL A CG1 1 
ATOM   564  C CG2 . VAL A 1 73  ? -4.68107  -9.24191  7.22797   1.000 14.70000 ? 71  VAL A CG2 1 
ATOM   565  N N   . TYR A 1 74  ? -2.43237  -7.15476  3.73520   1.000 10.93000 ? 72  TYR A N   1 
ATOM   566  C CA  . TYR A 1 74  ? -1.25837  -6.72444  2.99755   1.000 10.70000 ? 72  TYR A CA  1 
ATOM   567  C C   . TYR A 1 74  ? -0.57676  -5.59488  3.75061   1.000 7.87000  ? 72  TYR A C   1 
ATOM   568  O O   . TYR A 1 74  ? -1.21774  -4.64677  4.15198   1.000 7.24000  ? 72  TYR A O   1 
ATOM   569  C CB  . TYR A 1 74  ? -1.63022  -6.23616  1.60073   1.000 8.84000  ? 72  TYR A CB  1 
ATOM   570  C CG  . TYR A 1 74  ? -2.34966  -7.25912  0.74967   1.000 12.66000 ? 72  TYR A CG  1 
ATOM   571  C CD1 . TYR A 1 74  ? -3.72497  -7.36526  0.77198   1.000 19.66000 ? 72  TYR A CD1 1 
ATOM   572  C CD2 . TYR A 1 74  ? -1.65221  -8.10292  -0.08341  1.000 13.15000 ? 72  TYR A CD2 1 
ATOM   573  C CE1 . TYR A 1 74  ? -4.38334  -8.29306  -0.00241  1.000 17.51000 ? 72  TYR A CE1 1 
ATOM   574  C CE2 . TYR A 1 74  ? -2.30071  -9.03531  -0.86118  1.000 16.92000 ? 72  TYR A CE2 1 
ATOM   575  C CZ  . TYR A 1 74  ? -3.66710  -9.12757  -0.81624  1.000 16.12000 ? 72  TYR A CZ  1 
ATOM   576  O OH  . TYR A 1 74  ? -4.31042  -10.05696 -1.59630  1.000 16.99000 ? 72  TYR A OH  1 
ATOM   577  N N   . LYS A 1 75  ? 0.73229   -5.70783  3.92625   1.000 9.05000  ? 73  LYS A N   1 
ATOM   578  C CA  . LYS A 1 75  ? 1.48387   -4.68548  4.62464   1.000 7.65000  ? 73  LYS A CA  1 
ATOM   579  C C   . LYS A 1 75  ? 2.65724   -4.23427  3.77152   1.000 8.53000  ? 73  LYS A C   1 
ATOM   580  O O   . LYS A 1 75  ? 3.52648   -5.01553  3.44582   1.000 9.36000  ? 73  LYS A O   1 
ATOM   581  C CB  . LYS A 1 75  ? 1.98961   -5.21315  5.96078   1.000 9.17000  ? 73  LYS A CB  1 
ATOM   582  C CG  . LYS A 1 75  ? 0.88998   -5.52499  6.95835   1.000 10.20000 ? 73  LYS A CG  1 
ATOM   583  C CD  . LYS A 1 75  ? 1.45367   -6.11972  8.23654   1.000 14.38000 ? 73  LYS A CD  1 
ATOM   584  C CE  . LYS A 1 75  ? 1.83859   -7.57795  8.04867   1.000 17.72000 ? 73  LYS A CE  1 
ATOM   585  N NZ  . LYS A 1 75  ? 2.43497   -8.17443  9.27085   1.000 19.43000 ? 73  LYS A NZ  1 
ATOM   586  N N   . TYR A 1 76  ? 2.65990   -2.95612  3.43071   1.000 8.22000  ? 74  TYR A N   1 
ATOM   587  C CA  . TYR A 1 76  ? 3.72451   -2.37354  2.64621   1.000 8.24000  ? 74  TYR A CA  1 
ATOM   588  C C   . TYR A 1 76  ? 4.42702   -1.32009  3.47589   1.000 7.19000  ? 74  TYR A C   1 
ATOM   589  O O   . TYR A 1 76  ? 3.81620   -0.35001  3.90298   1.000 7.61000  ? 74  TYR A O   1 
ATOM   590  C CB  . TYR A 1 76  ? 3.15479   -1.78417  1.36837   1.000 8.48000  ? 74  TYR A CB  1 
ATOM   591  C CG  . TYR A 1 76  ? 2.43143   -2.82145  0.55345   1.000 10.28000 ? 74  TYR A CG  1 
ATOM   592  C CD1 . TYR A 1 76  ? 3.12350   -3.83744  -0.08052  1.000 5.73000  ? 74  TYR A CD1 1 
ATOM   593  C CD2 . TYR A 1 76  ? 1.05415   -2.80606  0.44863   1.000 8.91000  ? 74  TYR A CD2 1 
ATOM   594  C CE1 . TYR A 1 76  ? 2.46205   -4.80002  -0.81752  1.000 8.43000  ? 74  TYR A CE1 1 
ATOM   595  C CE2 . TYR A 1 76  ? 0.38934   -3.75529  -0.28763  1.000 9.12000  ? 74  TYR A CE2 1 
ATOM   596  C CZ  . TYR A 1 76  ? 1.09322   -4.75318  -0.91878  1.000 6.05000  ? 74  TYR A CZ  1 
ATOM   597  O OH  . TYR A 1 76  ? 0.41450   -5.68511  -1.64106  1.000 7.88000  ? 74  TYR A OH  1 
ATOM   598  N N   . ASP A 1 77  ? 5.71467   -1.54042  3.70301   1.000 6.73000  ? 75  ASP A N   1 
ATOM   599  C CA  . ASP A 1 77  ? 6.50105   -0.73695  4.62211   1.000 9.38000  ? 75  ASP A CA  1 
ATOM   600  C C   . ASP A 1 77  ? 7.65410   -0.05436  3.91608   1.000 6.96000  ? 75  ASP A C   1 
ATOM   601  O O   . ASP A 1 77  ? 7.99989   -0.42024  2.81450   1.000 9.98000  ? 75  ASP A O   1 
ATOM   602  C CB  . ASP A 1 77  ? 7.06185   -1.60946  5.74434   1.000 6.98000  ? 75  ASP A CB  1 
ATOM   603  C CG  . ASP A 1 77  ? 5.97594   -2.23304  6.59156   1.000 12.99000 ? 75  ASP A CG  1 
ATOM   604  O OD1 . ASP A 1 77  ? 4.79530   -1.95068  6.33068   1.000 10.55000 ? 75  ASP A OD1 1 
ATOM   605  O OD2 . ASP A 1 77  ? 6.31053   -2.99989  7.51018   1.000 12.79000 ? 75  ASP A OD2 1 
ATOM   606  N N   . GLY A 1 78  ? 8.23029   0.93389   4.58682   1.000 9.77000  ? 76  GLY A N   1 
ATOM   607  C CA  . GLY A 1 78  ? 9.38448   1.63763   4.07351   1.000 8.13000  ? 76  GLY A CA  1 
ATOM   608  C C   . GLY A 1 78  ? 9.07884   2.98637   3.45674   1.000 9.73000  ? 76  GLY A C   1 
ATOM   609  O O   . GLY A 1 78  ? 9.90533   3.53956   2.74320   1.000 7.29000  ? 76  GLY A O   1 
ATOM   610  N N   . PHE A 1 79  ? 7.89722   3.52362   3.73655   1.000 6.49000  ? 77  PHE A N   1 
ATOM   611  C CA  . PHE A 1 79  ? 7.57102   4.86071   3.26940   1.000 6.90000  ? 77  PHE A CA  1 
ATOM   612  C C   . PHE A 1 79  ? 8.19305   5.90383   4.19374   1.000 7.28000  ? 77  PHE A C   1 
ATOM   613  O O   . PHE A 1 79  ? 8.17926   5.74057   5.40074   1.000 6.25000  ? 77  PHE A O   1 
ATOM   614  C CB  . PHE A 1 79  ? 6.05751   5.09194   3.25359   1.000 6.66000  ? 77  PHE A CB  1 
ATOM   615  C CG  . PHE A 1 79  ? 5.29233   4.17987   2.33684   1.000 5.38000  ? 77  PHE A CG  1 
ATOM   616  C CD1 . PHE A 1 79  ? 5.10093   4.50292   1.01240   1.000 9.33000  ? 77  PHE A CD1 1 
ATOM   617  C CD2 . PHE A 1 79  ? 4.73458   3.01863   2.81562   1.000 4.49000  ? 77  PHE A CD2 1 
ATOM   618  C CE1 . PHE A 1 79  ? 4.38543   3.67529   0.17226   1.000 7.34000  ? 77  PHE A CE1 1 
ATOM   619  C CE2 . PHE A 1 79  ? 4.00970   2.18844   1.99507   1.000 4.90000  ? 77  PHE A CE2 1 
ATOM   620  C CZ  . PHE A 1 79  ? 3.83415   2.51427   0.66549   1.000 6.48000  ? 77  PHE A CZ  1 
ATOM   621  N N   . ARG A 1 80  ? 8.70025   6.98364   3.61547   1.000 5.37000  ? 78  ARG A N   1 
ATOM   622  C CA  . ARG A 1 80  ? 9.01958   8.17555   4.37813   1.000 6.81000  ? 78  ARG A CA  1 
ATOM   623  C C   . ARG A 1 80  ? 7.68954   8.72284   4.89844   1.000 8.33000  ? 78  ARG A C   1 
ATOM   624  O O   . ARG A 1 80  ? 6.68794   8.63630   4.21393   1.000 6.65000  ? 78  ARG A O   1 
ATOM   625  C CB  . ARG A 1 80  ? 9.68629   9.22419   3.48465   1.000 7.88000  ? 78  ARG A CB  1 
ATOM   626  C CG  . ARG A 1 80  ? 11.08546  8.85220   3.04031   1.000 8.07000  ? 78  ARG A CG  1 
ATOM   627  C CD  . ARG A 1 80  ? 11.61155  9.73450   1.91252   1.000 6.12000  ? 78  ARG A CD  1 
ATOM   628  N NE  . ARG A 1 80  ? 10.69862  9.78666   0.78178   1.000 7.37000  ? 78  ARG A NE  1 
ATOM   629  C CZ  . ARG A 1 80  ? 10.67216  10.76044  -0.11426  1.000 14.18000 ? 78  ARG A CZ  1 
ATOM   630  N NH1 . ARG A 1 80  ? 11.54109  11.75449  -0.04559  1.000 11.88000 ? 78  ARG A NH1 1 
ATOM   631  N NH2 . ARG A 1 80  ? 9.78578   10.73067  -1.08943  1.000 17.53000 ? 78  ARG A NH2 1 
ATOM   632  N N   . GLU A 1 81  ? 7.68852   9.29681   6.09195   1.000 7.58000  ? 79  GLU A N   1 
ATOM   633  C CA  . GLU A 1 81  ? 6.45047   9.82253   6.65410   1.000 8.78000  ? 79  GLU A CA  1 
ATOM   634  C C   . GLU A 1 81  ? 5.78055   10.84428  5.72969   1.000 6.75000  ? 79  GLU A C   1 
ATOM   635  O O   . GLU A 1 81  ? 4.57140   10.96313  5.70566   1.000 8.26000  ? 79  GLU A O   1 
ATOM   636  C CB  . GLU A 1 81  ? 6.68601   10.42861  8.04044   1.000 11.14000 ? 79  GLU A CB  1 
ATOM   637  C CG  . GLU A 1 81  ? 5.40462   10.63642  8.82487   1.000 7.76000  ? 79  GLU A CG  1 
ATOM   638  C CD  . GLU A 1 81  ? 5.64108   10.96585  10.28713  1.000 12.19000 ? 79  GLU A CD  1 
ATOM   639  O OE1 . GLU A 1 81  ? 4.66196   10.95404  11.04116  1.000 11.79000 ? 79  GLU A OE1 1 
ATOM   640  O OE2 . GLU A 1 81  ? 6.79015   11.24263  10.66899  1.000 9.79000  ? 79  GLU A OE2 1 
ATOM   641  N N   . SER A 1 82  ? 6.58632   11.56844  4.96828   1.000 9.31000  ? 80  SER A N   1 
ATOM   642  C CA  . SER A 1 82  ? 6.08021   12.64285  4.11597   1.000 10.28000 ? 80  SER A CA  1 
ATOM   643  C C   . SER A 1 82  ? 5.13530   12.15216  3.02556   1.000 7.37000  ? 80  SER A C   1 
ATOM   644  O O   . SER A 1 82  ? 4.48037   12.94704  2.37844   1.000 8.34000  ? 80  SER A O   1 
ATOM   645  C CB  . SER A 1 82  ? 7.23934   13.38590  3.45622   1.000 12.99000 ? 80  SER A CB  1 
ATOM   646  O OG  . SER A 1 82  ? 7.98724   12.51583  2.64233   1.000 8.33000  ? 80  SER A OG  1 
ATOM   647  N N   . GLU A 1 83  ? 5.08571   10.84157  2.82011   1.000 5.19000  ? 81  GLU A N   1 
ATOM   648  C CA  . GLU A 1 83  ? 4.23967   10.26125  1.78560   1.000 6.89000  ? 81  GLU A CA  1 
ATOM   649  C C   . GLU A 1 83  ? 2.76693   10.18974  2.19923   1.000 8.28000  ? 81  GLU A C   1 
ATOM   650  O O   . GLU A 1 83  ? 1.91285   9.88014   1.38979   1.000 8.84000  ? 81  GLU A O   1 
ATOM   651  C CB  . GLU A 1 83  ? 4.73418   8.86386   1.41146   1.000 7.45000  ? 81  GLU A CB  1 
ATOM   652  C CG  . GLU A 1 83  ? 6.18940   8.79685   0.98837   1.000 6.91000  ? 81  GLU A CG  1 
ATOM   653  C CD  . GLU A 1 83  ? 6.41209   9.25227   -0.44059  1.000 12.35000 ? 81  GLU A CD  1 
ATOM   654  O OE1 . GLU A 1 83  ? 7.48435   8.94875   -0.98392  1.000 14.30000 ? 81  GLU A OE1 1 
ATOM   655  O OE2 . GLU A 1 83  ? 5.52606   9.90590   -1.00787  1.000 10.20000 ? 81  GLU A OE2 1 
ATOM   656  N N   . PHE A 1 84  ? 2.47365   10.45656  3.46017   1.000 7.26000  ? 82  PHE A N   1 
ATOM   657  C CA  . PHE A 1 84  ? 1.10900   10.29537  3.93866   1.000 7.72000  ? 82  PHE A CA  1 
ATOM   658  C C   . PHE A 1 84  ? 0.10994   11.09396  3.11245   1.000 10.02000 ? 82  PHE A C   1 
ATOM   659  O O   . PHE A 1 84  ? -0.90243  10.57322  2.67914   1.000 8.04000  ? 82  PHE A O   1 
ATOM   660  C CB  . PHE A 1 84  ? 0.97211   10.67280  5.40953   1.000 8.19000  ? 82  PHE A CB  1 
ATOM   661  C CG  . PHE A 1 84  ? -0.43984  10.59691  5.90882   1.000 9.01000  ? 82  PHE A CG  1 
ATOM   662  C CD1 . PHE A 1 84  ? -1.08527  9.38295   5.99784   1.000 10.06000 ? 82  PHE A CD1 1 
ATOM   663  C CD2 . PHE A 1 84  ? -1.12467  11.73340  6.25955   1.000 10.36000 ? 82  PHE A CD2 1 
ATOM   664  C CE1 . PHE A 1 84  ? -2.39092  9.30280   6.44508   1.000 13.30000 ? 82  PHE A CE1 1 
ATOM   665  C CE2 . PHE A 1 84  ? -2.42479  11.66306  6.70071   1.000 10.34000 ? 82  PHE A CE2 1 
ATOM   666  C CZ  . PHE A 1 84  ? -3.06195  10.44811  6.79662   1.000 10.58000 ? 82  PHE A CZ  1 
ATOM   667  N N   . GLU A 1 85  ? 0.40609   12.36574  2.89188   1.000 10.79000 ? 83  GLU A N   1 
ATOM   668  C CA  . GLU A 1 85  ? -0.54169  13.22849  2.19616   1.000 10.54000 ? 83  GLU A CA  1 
ATOM   669  C C   . GLU A 1 85  ? -1.00242  12.64267  0.86025   1.000 9.43000  ? 83  GLU A C   1 
ATOM   670  O O   . GLU A 1 85  ? -2.19002  12.53459  0.59648   1.000 10.53000 ? 83  GLU A O   1 
ATOM   671  C CB  . GLU A 1 85  ? 0.03754   14.61919  1.96938   1.000 11.53000 ? 83  GLU A CB  1 
ATOM   672  C CG  . GLU A 1 85  ? -0.89855  15.49883  1.16852   1.000 16.13000 ? 83  GLU A CG  1 
ATOM   673  C CD  . GLU A 1 85  ? -0.46328  16.94869  1.11961   1.000 28.01000 ? 83  GLU A CD  1 
ATOM   674  O OE1 . GLU A 1 85  ? -1.34045  17.81297  0.95555   1.000 23.86000 ? 83  GLU A OE1 1 
ATOM   675  O OE2 . GLU A 1 85  ? 0.74549   17.21189  1.23943   1.000 23.59000 ? 83  GLU A OE2 1 
ATOM   676  N N   . LYS A 1 86  ? -0.05470  12.27614  0.01254   1.000 8.74000  ? 84  LYS A N   1 
ATOM   677  C CA  . LYS A 1 86  ? -0.39980  11.76185  -1.30996  1.000 10.88000 ? 84  LYS A CA  1 
ATOM   678  C C   . LYS A 1 86  ? -1.11665  10.40990  -1.24004  1.000 9.70000  ? 84  LYS A C   1 
ATOM   679  O O   . LYS A 1 86  ? -2.03207  10.14300  -2.00797  1.000 9.03000  ? 84  LYS A O   1 
ATOM   680  C CB  . LYS A 1 86  ? 0.83573   11.68493  -2.21011  1.000 12.04000 ? 84  LYS A CB  1 
ATOM   681  C CG  . LYS A 1 86  ? 1.85039   10.64831  -1.76867  1.000 15.26000 ? 84  LYS A CG  1 
ATOM   682  C CD  . LYS A 1 86  ? 2.92160   10.41604  -2.82044  1.000 15.95000 ? 84  LYS A CD  1 
ATOM   683  C CE  . LYS A 1 86  ? 3.54101   11.71919  -3.29351  1.000 20.06000 ? 84  LYS A CE  1 
ATOM   684  N NZ  . LYS A 1 86  ? 4.41935   12.33244  -2.26559  1.000 25.51000 ? 84  LYS A NZ  1 
ATOM   685  N N   . LEU A 1 87  ? -0.69793  9.56474   -0.30535  1.000 6.89000  ? 85  LEU A N   1 
ATOM   686  C CA  . LEU A 1 87  ? -1.35707  8.27734   -0.11392  1.000 9.11000  ? 85  LEU A CA  1 
ATOM   687  C C   . LEU A 1 87  ? -2.77955  8.46558   0.40579   1.000 9.41000  ? 85  LEU A C   1 
ATOM   688  O O   . LEU A 1 87  ? -3.72409  7.88112   -0.10466  1.000 5.26000  ? 85  LEU A O   1 
ATOM   689  C CB  . LEU A 1 87  ? -0.56544  7.38579   0.84034   1.000 8.10000  ? 85  LEU A CB  1 
ATOM   690  C CG  . LEU A 1 87  ? 0.75077   6.78851   0.33721   1.000 9.42000  ? 85  LEU A CG  1 
ATOM   691  C CD1 . LEU A 1 87  ? 1.50435   6.13778   1.48077   1.000 8.21000  ? 85  LEU A CD1 1 
ATOM   692  C CD2 . LEU A 1 87  ? 0.51551   5.79253   -0.78737  1.000 7.98000  ? 85  LEU A CD2 1 
ATOM   693  N N   . SER A 1 88  ? -2.91820  9.28833   1.43670   1.000 8.30000  ? 86  SER A N   1 
ATOM   694  C CA  . SER A 1 88  ? -4.22891  9.57299   1.98154   1.000 8.14000  ? 86  SER A CA  1 
ATOM   695  C C   . SER A 1 88  ? -5.13772  10.13509  0.89877   1.000 8.09000  ? 86  SER A C   1 
ATOM   696  O O   . SER A 1 88  ? -6.28203  9.74870   0.77601   1.000 11.41000 ? 86  SER A O   1 
ATOM   697  C CB  . SER A 1 88  ? -4.11674  10.57041  3.12092   1.000 9.34000  ? 86  SER A CB  1 
ATOM   698  O OG  . SER A 1 88  ? -5.39600  10.86630  3.62137   1.000 18.93000 ? 86  SER A OG  1 
ATOM   699  N N   . ASP A 1 89  ? -4.60231  11.06286  0.12060   1.000 8.84000  ? 87  ASP A N   1 
ATOM   700  C CA  . ASP A 1 89  ? -5.35865  11.70169  -0.94174  1.000 12.83000 ? 87  ASP A CA  1 
ATOM   701  C C   . ASP A 1 89  ? -5.82582  10.66565  -1.96652  1.000 9.72000  ? 87  ASP A C   1 
ATOM   702  O O   . ASP A 1 89  ? -6.95847  10.68290  -2.40908  1.000 5.58000  ? 87  ASP A O   1 
ATOM   703  C CB  . ASP A 1 89  ? -4.49480  12.74151  -1.64928  1.000 10.35000 ? 87  ASP A CB  1 
ATOM   704  C CG  . ASP A 1 89  ? -4.50291  14.09359  -0.95996  1.000 9.74000  ? 87  ASP A CG  1 
ATOM   705  O OD1 . ASP A 1 89  ? -5.21351  14.25966  0.04582   1.000 9.45000  ? 87  ASP A OD1 1 
ATOM   706  O OD2 . ASP A 1 89  ? -3.78695  14.98324  -1.44689  1.000 12.66000 ? 87  ASP A OD2 1 
ATOM   707  N N   . PHE A 1 90  ? -4.92586  9.77124   -2.35201  1.000 8.00000  ? 88  PHE A N   1 
ATOM   708  C CA  . PHE A 1 90  ? -5.24985  8.77289   -3.35650  1.000 5.27000  ? 88  PHE A CA  1 
ATOM   709  C C   . PHE A 1 90  ? -6.34316  7.83382   -2.87462  1.000 7.95000  ? 88  PHE A C   1 
ATOM   710  O O   . PHE A 1 90  ? -7.25926  7.50742   -3.60509  1.000 5.48000  ? 88  PHE A O   1 
ATOM   711  C CB  . PHE A 1 90  ? -4.01429  7.96311   -3.74137  1.000 6.55000  ? 88  PHE A CB  1 
ATOM   712  C CG  . PHE A 1 90  ? -4.09838  7.36377   -5.11010  1.000 7.57000  ? 88  PHE A CG  1 
ATOM   713  C CD1 . PHE A 1 90  ? -4.83982  6.22417   -5.33024  1.000 9.87000  ? 88  PHE A CD1 1 
ATOM   714  C CD2 . PHE A 1 90  ? -3.45358  7.95601   -6.17953  1.000 9.73000  ? 88  PHE A CD2 1 
ATOM   715  C CE1 . PHE A 1 90  ? -4.93075  5.67780   -6.59562  1.000 8.71000  ? 88  PHE A CE1 1 
ATOM   716  C CE2 . PHE A 1 90  ? -3.53216  7.41150   -7.44120  1.000 15.24000 ? 88  PHE A CE2 1 
ATOM   717  C CZ  . PHE A 1 90  ? -4.27371  6.27783   -7.64990  1.000 6.55000  ? 88  PHE A CZ  1 
ATOM   718  N N   . PHE A 1 91  ? -6.22143  7.38757   -1.63190  1.000 8.04000  ? 89  PHE A N   1 
ATOM   719  C CA  . PHE A 1 91  ? -7.17939  6.44078   -1.08818  1.000 5.74000  ? 89  PHE A CA  1 
ATOM   720  C C   . PHE A 1 91  ? -8.56493  7.06125   -1.00065  1.000 10.22000 ? 89  PHE A C   1 
ATOM   721  O O   . PHE A 1 91  ? -9.55153  6.44095   -1.35266  1.000 9.90000  ? 89  PHE A O   1 
ATOM   722  C CB  . PHE A 1 91  ? -6.74335  5.96078   0.28760   1.000 8.78000  ? 89  PHE A CB  1 
ATOM   723  C CG  . PHE A 1 91  ? -5.91431  4.71500   0.25710   1.000 7.54000  ? 89  PHE A CG  1 
ATOM   724  C CD1 . PHE A 1 91  ? -4.59019  4.75884   -0.12053  1.000 8.22000  ? 89  PHE A CD1 1 
ATOM   725  C CD2 . PHE A 1 91  ? -6.45567  3.50505   0.62473   1.000 11.28000 ? 89  PHE A CD2 1 
ATOM   726  C CE1 . PHE A 1 91  ? -3.82917  3.61386   -0.13226  1.000 8.81000  ? 89  PHE A CE1 1 
ATOM   727  C CE2 . PHE A 1 91  ? -5.70014  2.35353   0.60733   1.000 12.66000 ? 89  PHE A CE2 1 
ATOM   728  C CZ  . PHE A 1 91  ? -4.38436  2.41015   0.22763   1.000 7.16000  ? 89  PHE A CZ  1 
ATOM   729  N N   . LYS A 1 92  ? -8.62459  8.30041   -0.53168  1.000 9.07000  ? 90  LYS A N   1 
ATOM   730  C CA  . LYS A 1 92  ? -9.91346  8.95072   -0.34395  1.000 8.39000  ? 90  LYS A CA  1 
ATOM   731  C C   . LYS A 1 92  ? -10.56204 9.24462   -1.68955  1.000 11.82000 ? 90  LYS A C   1 
ATOM   732  O O   . LYS A 1 92  ? -11.74525 9.02705   -1.87130  1.000 10.67000 ? 90  LYS A O   1 
ATOM   733  C CB  . LYS A 1 92  ? -9.76083  10.24761  0.45688   1.000 13.31000 ? 90  LYS A CB  1 
ATOM   734  C CG  . LYS A 1 92  ? -11.06531 10.80286  1.00078   1.000 17.25000 ? 90  LYS A CG  1 
ATOM   735  C CD  . LYS A 1 92  ? -10.82219 11.96170  1.95716   1.000 22.24000 ? 90  LYS A CD  1 
ATOM   736  C CE  . LYS A 1 92  ? -11.86050 13.05314  1.79094   1.000 24.35000 ? 90  LYS A CE  1 
ATOM   737  N NZ  . LYS A 1 92  ? -11.92346 13.96231  2.96937   1.000 33.92000 ? 90  LYS A NZ  1 
ATOM   738  N N   . THR A 1 93  ? -9.76450  9.75217   -2.61952  1.000 7.87000  ? 91  THR A N   1 
ATOM   739  C CA  . THR A 1 93  ? -10.28201 10.14994  -3.91768  1.000 7.50000  ? 91  THR A CA  1 
ATOM   740  C C   . THR A 1 93  ? -10.70357 8.95815   -4.76649  1.000 9.36000  ? 91  THR A C   1 
ATOM   741  O O   . THR A 1 93  ? -11.82254 8.91278   -5.23758  1.000 13.85000 ? 91  THR A O   1 
ATOM   742  C CB  . THR A 1 93  ? -9.27447  11.01352  -4.69744  1.000 9.83000  ? 91  THR A CB  1 
ATOM   743  O OG1 . THR A 1 93  ? -8.95797  12.18501  -3.94696  1.000 10.19000 ? 91  THR A OG1 1 
ATOM   744  C CG2 . THR A 1 93  ? -9.83764  11.41885  -6.02979  1.000 10.23000 ? 91  THR A CG2 1 
ATOM   745  N N   . HIS A 1 94  ? -9.81203  7.99455   -4.95171  1.000 8.71000  ? 92  HIS A N   1 
ATOM   746  C CA  . HIS A 1 94  ? -10.04513 6.90854   -5.90437  1.000 12.00000 ? 92  HIS A CA  1 
ATOM   747  C C   . HIS A 1 94  ? -10.57373 5.61585   -5.30293  1.000 11.39000 ? 92  HIS A C   1 
ATOM   748  O O   . HIS A 1 94  ? -11.32438 4.89870   -5.94130  1.000 12.46000 ? 92  HIS A O   1 
ATOM   749  C CB  . HIS A 1 94  ? -8.77450  6.60390   -6.68989  1.000 10.74000 ? 92  HIS A CB  1 
ATOM   750  C CG  . HIS A 1 94  ? -8.22419  7.78236   -7.42486  1.000 12.78000 ? 92  HIS A CG  1 
ATOM   751  N ND1 . HIS A 1 94  ? -8.93535  8.44966   -8.39588  1.000 13.18000 ? 92  HIS A ND1 1 
ATOM   752  C CD2 . HIS A 1 94  ? -7.03458  8.41628   -7.32978  1.000 12.11000 ? 92  HIS A CD2 1 
ATOM   753  C CE1 . HIS A 1 94  ? -8.20720  9.44237   -8.86772  1.000 9.24000  ? 92  HIS A CE1 1 
ATOM   754  N NE2 . HIS A 1 94  ? -7.04838  9.44388   -8.23888  1.000 13.18000 ? 92  HIS A NE2 1 
ATOM   755  N N   . TYR A 1 95  ? -10.14662 5.30737   -4.08873  1.000 9.16000  ? 93  TYR A N   1 
ATOM   756  C CA  . TYR A 1 95  ? -10.56964 4.06806   -3.45312  1.000 9.38000  ? 93  TYR A CA  1 
ATOM   757  C C   . TYR A 1 95  ? -11.78955 4.22549   -2.53831  1.000 11.51000 ? 93  TYR A C   1 
ATOM   758  O O   . TYR A 1 95  ? -12.28761 3.24789   -2.02932  1.000 13.69000 ? 93  TYR A O   1 
ATOM   759  C CB  . TYR A 1 95  ? -9.41433  3.41834   -2.69109  1.000 9.99000  ? 93  TYR A CB  1 
ATOM   760  C CG  . TYR A 1 95  ? -8.20936  3.09579   -3.55270  1.000 9.00000  ? 93  TYR A CG  1 
ATOM   761  C CD1 . TYR A 1 95  ? -6.95222  2.94376   -2.99404  1.000 11.11000 ? 93  TYR A CD1 1 
ATOM   762  C CD2 . TYR A 1 95  ? -8.32969  2.94515   -4.91829  1.000 5.51000  ? 93  TYR A CD2 1 
ATOM   763  C CE1 . TYR A 1 95  ? -5.85149  2.65636   -3.76764  1.000 8.84000  ? 93  TYR A CE1 1 
ATOM   764  C CE2 . TYR A 1 95  ? -7.23530  2.65148   -5.70217  1.000 7.11000  ? 93  TYR A CE2 1 
ATOM   765  C CZ  . TYR A 1 95  ? -5.99445  2.50621   -5.12603  1.000 7.57000  ? 93  TYR A CZ  1 
ATOM   766  O OH  . TYR A 1 95  ? -4.90530  2.21613   -5.90526  1.000 7.71000  ? 93  TYR A OH  1 
ATOM   767  N N   . ARG A 1 96  ? -12.25695 5.44965   -2.33579  1.000 10.62000 ? 94  ARG A N   1 
ATOM   768  C CA  . ARG A 1 96  ? -13.40654 5.74410   -1.48075  1.000 13.25000 ? 94  ARG A CA  1 
ATOM   769  C C   . ARG A 1 96  ? -13.27765 5.07813   -0.09871  1.000 15.05000 ? 94  ARG A C   1 
ATOM   770  O O   . ARG A 1 96  ? -14.21826 4.49850   0.42467   1.000 12.73000 ? 94  ARG A O   1 
ATOM   771  C CB  . ARG A 1 96  ? -14.71596 5.34515   -2.16519  1.000 18.09000 ? 94  ARG A CB  1 
ATOM   772  C CG  . ARG A 1 96  ? -15.05996 6.15323   -3.40859  1.000 19.97000 ? 94  ARG A CG  1 
ATOM   773  C CD  . ARG A 1 96  ? -14.71264 7.63073   -3.25959  1.000 21.51000 ? 94  ARG A CD  1 
ATOM   774  N NE  . ARG A 1 96  ? -15.70239 8.38993   -2.48739  1.000 26.00000 ? 94  ARG A NE  1 
ATOM   775  C CZ  . ARG A 1 96  ? -16.93663 8.67463   -2.89811  1.000 33.41000 ? 94  ARG A CZ  1 
ATOM   776  N NH1 . ARG A 1 96  ? -17.36783 8.25678   -4.07763  1.000 28.53000 ? 94  ARG A NH1 1 
ATOM   777  N NH2 . ARG A 1 96  ? -17.75247 9.37243   -2.11638  1.000 31.52000 ? 94  ARG A NH2 1 
ATOM   778  N N   . LEU A 1 97  ? -12.09707 5.26234   0.46910   1.000 10.39000 ? 95  LEU A N   1 
ATOM   779  C CA  . LEU A 1 97  ? -11.73022 4.72775   1.76686   1.000 12.83000 ? 95  LEU A CA  1 
ATOM   780  C C   . LEU A 1 97  ? -10.78223 5.75210   2.38122   1.000 14.99000 ? 95  LEU A C   1 
ATOM   781  O O   . LEU A 1 97  ? -10.08567 6.44389   1.66135   1.000 13.19000 ? 95  LEU A O   1 
ATOM   782  C CB  . LEU A 1 97  ? -11.00914 3.39409   1.56340   1.000 19.30000 ? 95  LEU A CB  1 
ATOM   783  C CG  . LEU A 1 97  ? -10.75576 2.34145   2.63431   1.000 19.39000 ? 95  LEU A CG  1 
ATOM   784  C CD1 . LEU A 1 97  ? -12.03604 1.67595   3.10302   1.000 19.13000 ? 95  LEU A CD1 1 
ATOM   785  C CD2 . LEU A 1 97  ? -9.81846  1.29629   2.06556   1.000 15.51000 ? 95  LEU A CD2 1 
ATOM   786  N N   . GLU A 1 98  ? -10.77302 5.86247   3.70379   1.000 14.69000 ? 96  GLU A N   1 
ATOM   787  C CA  . GLU A 1 98  ? -9.94898  6.84384   4.38934   1.000 11.96000 ? 96  GLU A CA  1 
ATOM   788  C C   . GLU A 1 98  ? -8.91533  6.17111   5.29798   1.000 13.90000 ? 96  GLU A C   1 
ATOM   789  O O   . GLU A 1 98  ? -9.26780  5.42217   6.19577   1.000 13.58000 ? 96  GLU A O   1 
ATOM   790  C CB  . GLU A 1 98  ? -10.80627 7.81440   5.20068   1.000 11.86000 ? 96  GLU A CB  1 
ATOM   791  C CG  . GLU A 1 98  ? -11.97096 8.39915   4.42615   1.000 22.91000 ? 96  GLU A CG  1 
ATOM   792  C CD  . GLU A 1 98  ? -12.58041 9.61683   5.09196   1.000 26.94000 ? 96  GLU A CD  1 
ATOM   793  O OE1 . GLU A 1 98  ? -12.23054 9.89616   6.24548   1.000 32.36000 ? 96  GLU A OE1 1 
ATOM   794  O OE2 . GLU A 1 98  ? -13.41002 10.28660  4.45929   1.000 23.49000 ? 96  GLU A OE2 1 
ATOM   795  N N   . LEU A 1 99  ? -7.63887  6.42463   5.04273   1.000 8.51000  ? 97  LEU A N   1 
ATOM   796  C CA  . LEU A 1 99  ? -6.56384  5.84951   5.83488   1.000 11.38000 ? 97  LEU A CA  1 
ATOM   797  C C   . LEU A 1 99  ? -6.72575  6.19677   7.30531   1.000 9.83000  ? 97  LEU A C   1 
ATOM   798  O O   . LEU A 1 99  ? -6.84716  7.35150   7.65647   1.000 12.39000 ? 97  LEU A O   1 
ATOM   799  C CB  . LEU A 1 99  ? -5.19604  6.35112   5.35099   1.000 11.36000 ? 97  LEU A CB  1 
ATOM   800  C CG  . LEU A 1 99  ? -4.62738  5.77716   4.05533   1.000 12.56000 ? 97  LEU A CG  1 
ATOM   801  C CD1 . LEU A 1 99  ? -3.19651  6.22858   3.83050   1.000 6.79000  ? 97  LEU A CD1 1 
ATOM   802  C CD2 . LEU A 1 99  ? -4.71362  4.26104   4.04995   1.000 7.62000  ? 97  LEU A CD2 1 
ATOM   803  N N   . MET A 1 100 ? -6.70615  5.18360   8.15255   1.000 10.55000 ? 98  MET A N   1 
ATOM   804  C CA  . MET A 1 100 ? -6.73538  5.38305   9.58506   1.000 12.72000 ? 98  MET A CA  1 
ATOM   805  C C   . MET A 1 100 ? -5.30279  5.54872   10.06745  1.000 11.76000 ? 98  MET A C   1 
ATOM   806  O O   . MET A 1 100 ? -4.47095  4.68722   9.84159   1.000 10.97000 ? 98  MET A O   1 
ATOM   807  C CB  . MET A 1 100 ? -7.37383  4.18559   10.27470  1.000 12.07000 ? 98  MET A CB  1 
ATOM   808  C CG  . MET A 1 100 ? -8.89158  4.17478   10.25940  1.000 16.92000 ? 98  MET A CG  1 
ATOM   809  S SD  . MET A 1 100 ? -9.59293  2.59766   10.77986  1.000 23.10000 ? 98  MET A SD  1 
ATOM   810  C CE  . MET A 1 100 ? -9.08477  1.54822   9.42621   1.000 13.01000 ? 98  MET A CE  1 
ATOM   811  N N   . GLU A 1 101 ? -5.02801  6.66986   10.71710  1.000 12.02000 ? 99  GLU A N   1 
ATOM   812  C CA  . GLU A 1 101 ? -3.71692  6.92230   11.28086  1.000 13.66000 ? 99  GLU A CA  1 
ATOM   813  C C   . GLU A 1 101 ? -3.61291  6.23852   12.64015  1.000 17.52000 ? 99  GLU A C   1 
ATOM   814  O O   . GLU A 1 101 ? -4.38998  6.51949   13.53433  1.000 13.05000 ? 99  GLU A O   1 
ATOM   815  C CB  . GLU A 1 101 ? -3.48454  8.42464   11.42868  1.000 16.53000 ? 99  GLU A CB  1 
ATOM   816  C CG  . GLU A 1 101 ? -3.38818  9.15897   10.11211  1.000 16.10000 ? 99  GLU A CG  1 
ATOM   817  C CD  . GLU A 1 101 ? -3.25866  10.65619  10.29039  1.000 16.32000 ? 99  GLU A CD  1 
ATOM   818  O OE1 . GLU A 1 101 ? -2.17360  11.10647  10.68977  1.000 14.82000 ? 99  GLU A OE1 1 
ATOM   819  O OE2 . GLU A 1 101 ? -4.23636  11.36691  10.02112  1.000 13.50000 ? 99  GLU A OE2 1 
ATOM   820  N N   . LYS A 1 102 ? -2.65919  5.32904   12.77149  1.000 11.88000 ? 100 LYS A N   1 
ATOM   821  C CA  . LYS A 1 102 ? -2.42719  4.66059   14.04030  1.000 16.39000 ? 100 LYS A CA  1 
ATOM   822  C C   . LYS A 1 102 ? -0.93914  4.56544   14.36919  1.000 20.99000 ? 100 LYS A C   1 
ATOM   823  O O   . LYS A 1 102 ? -0.55770  3.83445   15.26202  1.000 23.43000 ? 100 LYS A O   1 
ATOM   824  C CB  . LYS A 1 102 ? -3.06594  3.27502   14.04467  1.000 17.29000 ? 100 LYS A CB  1 
ATOM   825  C CG  . LYS A 1 102 ? -4.51384  3.28128   13.59815  1.000 19.44000 ? 100 LYS A CG  1 
ATOM   826  C CD  . LYS A 1 102 ? -5.22666  1.99514   13.95037  1.000 24.85000 ? 100 LYS A CD  1 
ATOM   827  C CE  . LYS A 1 102 ? -6.65399  2.02363   13.43843  1.000 28.23000 ? 100 LYS A CE  1 
ATOM   828  N NZ  . LYS A 1 102 ? -7.52666  2.89038   14.27105  1.000 30.72000 ? 100 LYS A NZ  1 
HETATM 829  O O   . HOH B 2 .   ? 11.21110  -2.98765  -9.43534  1.000 34.07000 ? 201 HOH A O   1 
HETATM 830  O O   . HOH B 2 .   ? -0.96908  12.99512  10.10261  1.000 19.28000 ? 202 HOH A O   1 
HETATM 831  O O   . HOH B 2 .   ? 5.77240   10.53828  15.43264  1.000 33.79000 ? 203 HOH A O   1 
HETATM 832  O O   . HOH B 2 .   ? -5.81975  9.26866   -16.89249 1.000 19.36000 ? 204 HOH A O   1 
HETATM 833  O O   . HOH B 2 .   ? 7.08661   3.88636   -14.09236 1.000 25.20000 ? 205 HOH A O   1 
HETATM 834  O O   . HOH B 2 .   ? 5.42499   -8.71356  11.52243  1.000 24.53000 ? 206 HOH A O   1 
HETATM 835  O O   . HOH B 2 .   ? 10.23905  6.28889   12.11073  1.000 19.27000 ? 207 HOH A O   1 
HETATM 836  O O   . HOH B 2 .   ? 1.84475   -8.08795  -2.28608  1.000 14.25000 ? 208 HOH A O   1 
HETATM 837  O O   . HOH B 2 .   ? 2.10211   -11.88280 -1.32789  1.000 30.72000 ? 209 HOH A O   1 
HETATM 838  O O   . HOH B 2 .   ? 7.83948   7.26186   -5.20519  1.000 16.03000 ? 210 HOH A O   1 
HETATM 839  O O   . HOH B 2 .   ? 8.57767   7.46136   9.46003   1.000 17.38000 ? 211 HOH A O   1 
HETATM 840  O O   . HOH B 2 .   ? -11.60430 13.69492  5.49531   1.000 28.91000 ? 212 HOH A O   1 
HETATM 841  O O   . HOH B 2 .   ? 4.66562   15.52055  2.11470   1.000 32.57000 ? 213 HOH A O   1 
HETATM 842  O O   . HOH B 2 .   ? 12.02091  1.70510   2.10673   1.000 12.57000 ? 214 HOH A O   1 
HETATM 843  O O   . HOH B 2 .   ? 2.07301   10.28254  -9.57260  1.000 18.15000 ? 215 HOH A O   1 
HETATM 844  O O   . HOH B 2 .   ? -19.89479 9.01166   -3.57622  1.000 21.98000 ? 216 HOH A O   1 
HETATM 845  O O   . HOH B 2 .   ? 8.75175   9.43628   11.43898  1.000 19.72000 ? 217 HOH A O   1 
HETATM 846  O O   . HOH B 2 .   ? 8.57791   13.03697  10.00431  1.000 25.61000 ? 218 HOH A O   1 
HETATM 847  O O   . HOH B 2 .   ? 7.69387   -14.50755 11.82991  1.000 18.55000 ? 219 HOH A O   1 
HETATM 848  O O   . HOH B 2 .   ? 12.91580  -0.12718  13.64842  1.000 21.09000 ? 220 HOH A O   1 
HETATM 849  O O   . HOH B 2 .   ? -18.02083 10.75364  -4.57996  1.000 28.98000 ? 221 HOH A O   1 
HETATM 850  O O   . HOH B 2 .   ? 3.65989   10.85054  13.47483  1.000 20.76000 ? 222 HOH A O   1 
HETATM 851  O O   . HOH B 2 .   ? 8.60252   -2.72464  8.80410   1.000 17.15000 ? 223 HOH A O   1 
HETATM 852  O O   . HOH B 2 .   ? -8.26625  -11.24262 8.10425   1.000 30.32000 ? 224 HOH A O   1 
HETATM 853  O O   . HOH B 2 .   ? -14.85239 -0.82988  5.67871   1.000 13.03000 ? 225 HOH A O   1 
HETATM 854  O O   . HOH B 2 .   ? 11.36070  4.96047   1.01876   1.000 14.38000 ? 226 HOH A O   1 
HETATM 855  O O   . HOH B 2 .   ? -9.27409  11.12763  -12.05944 1.000 19.13000 ? 227 HOH A O   1 
HETATM 856  O O   . HOH B 2 .   ? -7.71060  -9.16890  -6.92467  1.000 16.01000 ? 228 HOH A O   1 
HETATM 857  O O   . HOH B 2 .   ? 5.91356   -11.74603 -12.57915 1.000 13.30000 ? 229 HOH A O   1 
HETATM 858  O O   . HOH B 2 .   ? -5.90440  -2.90936  7.76170   1.000 11.76000 ? 230 HOH A O   1 
HETATM 859  O O   . HOH B 2 .   ? 4.44379   -4.19914  9.19912   1.000 7.35000  ? 231 HOH A O   1 
HETATM 860  O O   . HOH B 2 .   ? 7.28354   9.63294   -3.58812  1.000 14.58000 ? 232 HOH A O   1 
HETATM 861  O O   . HOH B 2 .   ? -13.41091 -5.75595  6.43001   1.000 30.24000 ? 233 HOH A O   1 
HETATM 862  O O   . HOH B 2 .   ? 4.26948   -10.19637 -4.28191  1.000 12.87000 ? 234 HOH A O   1 
HETATM 863  O O   . HOH B 2 .   ? -14.06941 8.83626   -0.37378  1.000 21.34000 ? 235 HOH A O   1 
HETATM 864  O O   . HOH B 2 .   ? 12.30515  -9.12132  -2.73168  1.000 15.84000 ? 236 HOH A O   1 
HETATM 865  O O   . HOH B 2 .   ? -7.39861  8.76723   3.04250   1.000 12.65000 ? 237 HOH A O   1 
HETATM 866  O O   . HOH B 2 .   ? -7.45516  -4.87367  10.99325  1.000 30.93000 ? 238 HOH A O   1 
HETATM 867  O O   . HOH B 2 .   ? -2.14288  -0.34985  -10.04277 1.000 9.23000  ? 239 HOH A O   1 
HETATM 868  O O   . HOH B 2 .   ? 2.78583   13.21888  0.27077   1.000 10.45000 ? 240 HOH A O   1 
HETATM 869  O O   . HOH B 2 .   ? -11.68565 2.88607   -8.31371  1.000 14.01000 ? 241 HOH A O   1 
HETATM 870  O O   . HOH B 2 .   ? -1.89241  11.95985  -12.33331 1.000 26.19000 ? 242 HOH A O   1 
HETATM 871  O O   . HOH B 2 .   ? 13.52630  -3.96049  -5.12846  1.000 25.27000 ? 243 HOH A O   1 
HETATM 872  O O   . HOH B 2 .   ? 2.32760   -1.90050  7.50883   1.000 8.63000  ? 244 HOH A O   1 
HETATM 873  O O   . HOH B 2 .   ? 10.49924  13.58177  2.87932   1.000 23.36000 ? 245 HOH A O   1 
HETATM 874  O O   . HOH B 2 .   ? -7.06043  5.97230   13.80414  1.000 24.74000 ? 246 HOH A O   1 
HETATM 875  O O   . HOH B 2 .   ? 6.55658   -3.77822  -11.69823 1.000 27.58000 ? 247 HOH A O   1 
HETATM 876  O O   . HOH B 2 .   ? -19.25949 -7.02304  -0.98810  1.000 33.76000 ? 248 HOH A O   1 
HETATM 877  O O   . HOH B 2 .   ? -16.40805 -2.18916  -2.50659  1.000 24.65000 ? 249 HOH A O   1 
HETATM 878  O O   . HOH B 2 .   ? 9.61863   -5.64829  -8.61478  1.000 14.76000 ? 250 HOH A O   1 
HETATM 879  O O   . HOH B 2 .   ? -6.07064  -9.89072  -3.72309  1.000 28.42000 ? 251 HOH A O   1 
HETATM 880  O O   . HOH B 2 .   ? -12.90561 0.55097   -1.93025  1.000 21.23000 ? 252 HOH A O   1 
HETATM 881  O O   . HOH B 2 .   ? 4.01311   -3.19097  -9.29919  1.000 14.32000 ? 253 HOH A O   1 
HETATM 882  O O   . HOH B 2 .   ? -9.62349  2.67182   6.40480   1.000 11.90000 ? 254 HOH A O   1 
HETATM 883  O O   . HOH B 2 .   ? 3.22988   1.85383   15.04610  1.000 19.59000 ? 255 HOH A O   1 
HETATM 884  O O   . HOH B 2 .   ? 1.92425   -8.37233  3.96019   1.000 9.75000  ? 256 HOH A O   1 
HETATM 885  O O   . HOH B 2 .   ? -3.10505  -11.27055 -6.66387  1.000 19.52000 ? 257 HOH A O   1 
HETATM 886  O O   . HOH B 2 .   ? 6.46938   11.49720  13.44896  1.000 37.95000 ? 258 HOH A O   1 
HETATM 887  O O   . HOH B 2 .   ? -10.82293 9.36787   -12.39191 1.000 20.59000 ? 259 HOH A O   1 
HETATM 888  O O   . HOH B 2 .   ? -12.67203 -8.27032  5.47817   1.000 24.16000 ? 260 HOH A O   1 
HETATM 889  O O   . HOH B 2 .   ? 0.95153   4.17528   17.61767  1.000 24.28000 ? 261 HOH A O   1 
HETATM 890  O O   . HOH B 2 .   ? 3.04085   8.04997   13.19375  1.000 20.06000 ? 262 HOH A O   1 
HETATM 891  O O   . HOH B 2 .   ? -10.94323 6.16754   8.33729   1.000 11.96000 ? 263 HOH A O   1 
HETATM 892  O O   . HOH B 2 .   ? 3.43055   13.35695  6.66387   1.000 14.28000 ? 264 HOH A O   1 
HETATM 893  O O   . HOH B 2 .   ? -11.42997 8.36941   -9.71122  1.000 19.46000 ? 265 HOH A O   1 
HETATM 894  O O   . HOH B 2 .   ? 0.19239   9.75275   11.44240  1.000 15.04000 ? 266 HOH A O   1 
HETATM 895  O O   . HOH B 2 .   ? -5.22084  13.65787  2.80908   1.000 24.23000 ? 267 HOH A O   1 
HETATM 896  O O   . HOH B 2 .   ? 12.09128  -1.93035  -2.77712  1.000 18.29000 ? 268 HOH A O   1 
HETATM 897  O O   . HOH B 2 .   ? 3.96696   13.69047  11.21878  1.000 31.43000 ? 269 HOH A O   1 
HETATM 898  O O   . HOH B 2 .   ? -1.90174  14.13336  -3.50244  1.000 25.95000 ? 270 HOH A O   1 
HETATM 899  O O   . HOH B 2 .   ? -7.99506  14.54264  0.53605   1.000 27.99000 ? 271 HOH A O   1 
HETATM 900  O O   . HOH B 2 .   ? -0.29216  15.17247  -9.89754  1.000 29.10000 ? 272 HOH A O   1 
HETATM 901  O O   . HOH B 2 .   ? -2.43529  11.43342  -4.50428  1.000 12.50000 ? 273 HOH A O   1 
HETATM 902  O O   . HOH B 2 .   ? 16.01887  -12.63356 -8.49612  1.000 21.78000 ? 274 HOH A O   1 
HETATM 903  O O   . HOH B 2 .   ? -7.05033  8.52670   11.45244  1.000 17.01000 ? 275 HOH A O   1 
HETATM 904  O O   . HOH B 2 .   ? -10.34886 3.21619   14.37024  1.000 30.21000 ? 276 HOH A O   1 
HETATM 905  O O   . HOH B 2 .   ? -8.85548  10.89117  -16.41329 1.000 21.70000 ? 277 HOH A O   1 
HETATM 906  O O   . HOH B 2 .   ? -1.81065  -11.29910 1.64415   1.000 25.59000 ? 278 HOH A O   1 
HETATM 907  O O   . HOH B 2 .   ? 8.27398   -14.39155 5.42593   1.000 25.76000 ? 279 HOH A O   1 
HETATM 908  O O   . HOH B 2 .   ? 2.14524   10.24290  9.75984   1.000 7.06000  ? 280 HOH A O   1 
HETATM 909  O O   . HOH B 2 .   ? 0.35830   -10.27307 5.19787   1.000 25.98000 ? 281 HOH A O   1 
HETATM 910  O O   . HOH B 2 .   ? -1.15310  9.20582   -13.20024 1.000 33.59000 ? 282 HOH A O   1 
HETATM 911  O O   . HOH B 2 .   ? -0.39998  -13.10663 -1.68360  1.000 26.90000 ? 283 HOH A O   1 
HETATM 912  O O   . HOH B 2 .   ? -11.49012 -9.63258  -1.25679  1.000 21.16000 ? 284 HOH A O   1 
HETATM 913  O O   . HOH B 2 .   ? -6.41480  13.17815  -4.84539  1.000 15.23000 ? 285 HOH A O   1 
HETATM 914  O O   . HOH B 2 .   ? -16.16978 7.11736   -6.42903  1.000 27.92000 ? 286 HOH A O   1 
HETATM 915  O O   . HOH B 2 .   ? 2.33427   4.74071   14.42015  1.000 11.67000 ? 287 HOH A O   1 
HETATM 916  O O   . HOH B 2 .   ? 11.15930  -12.41692 -1.05393  1.000 29.41000 ? 288 HOH A O   1 
HETATM 917  O O   . HOH B 2 .   ? -5.26280  -5.63835  7.52916   1.000 17.30000 ? 289 HOH A O   1 
HETATM 918  O O   . HOH B 2 .   ? 4.71972   8.30989   -8.02808  1.000 16.63000 ? 290 HOH A O   1 
HETATM 919  O O   . HOH B 2 .   ? 14.24885  11.82471  0.98548   1.000 17.36000 ? 291 HOH A O   1 
HETATM 920  O O   . HOH B 2 .   ? -9.77410  -11.76973 -4.42742  1.000 28.36000 ? 292 HOH A O   1 
HETATM 921  O O   . HOH B 2 .   ? 10.46280  3.54472   11.69434  1.000 12.26000 ? 293 HOH A O   1 
HETATM 922  O O   . HOH B 2 .   ? 1.10869   -5.34859  11.84791  1.000 24.84000 ? 294 HOH A O   1 
HETATM 923  O O   . HOH B 2 .   ? 2.08525   14.27157  4.33971   1.000 17.99000 ? 295 HOH A O   1 
HETATM 924  O O   . HOH B 2 .   ? -1.17463  -0.23953  13.18620  1.000 9.93000  ? 296 HOH A O   1 
HETATM 925  O O   . HOH B 2 .   ? -1.55638  -13.18264 -7.77905  1.000 24.73000 ? 297 HOH A O   1 
HETATM 926  O O   . HOH B 2 .   ? 2.66737   -10.98096 8.46691   1.000 20.71000 ? 298 HOH A O   1 
HETATM 927  O O   . HOH B 2 .   ? 9.27307   7.20069   0.57293   1.000 11.34000 ? 299 HOH A O   1 
HETATM 928  O O   . HOH B 2 .   ? 13.73101  -10.64168 7.63559   1.000 20.58000 ? 300 HOH A O   1 
HETATM 929  O O   . HOH B 2 .   ? -13.61785 -2.14437  -11.93700 1.000 17.71000 ? 301 HOH A O   1 
HETATM 930  O O   . HOH B 2 .   ? 0.37875   1.01514   15.20774  1.000 19.68000 ? 302 HOH A O   1 
HETATM 931  O O   . HOH B 2 .   ? 6.98487   12.97379  -0.13082  1.000 16.83000 ? 303 HOH A O   1 
HETATM 932  O O   . HOH B 2 .   ? 4.10198   -1.54257  13.37111  1.000 16.88000 ? 304 HOH A O   1 
HETATM 933  O O   . HOH B 2 .   ? -13.17729 -2.48589  -8.05534  1.000 19.94000 ? 305 HOH A O   1 
HETATM 934  O O   . HOH B 2 .   ? 11.25820  -9.33631  -10.85239 1.000 24.13000 ? 306 HOH A O   1 
HETATM 935  O O   . HOH B 2 .   ? 9.33771   12.31565  5.99754   1.000 14.19000 ? 307 HOH A O   1 
HETATM 936  O O   . HOH B 2 .   ? 6.19911   -10.67061 -1.98661  1.000 20.24000 ? 308 HOH A O   1 
HETATM 937  O O   . HOH B 2 .   ? -3.55262  -12.67910 4.68674   1.000 20.43000 ? 309 HOH A O   1 
HETATM 938  O O   . HOH B 2 .   ? -4.77723  11.17907  -5.77134  1.000 15.17000 ? 310 HOH A O   1 
HETATM 939  O O   . HOH B 2 .   ? 8.84960   1.26982   15.13213  1.000 24.17000 ? 311 HOH A O   1 
HETATM 940  O O   . HOH B 2 .   ? 9.05403   11.67188  -3.90730  1.000 23.56000 ? 312 HOH A O   1 
HETATM 941  O O   . HOH B 2 .   ? -13.63751 2.87900   -5.99106  1.000 26.44000 ? 313 HOH A O   1 
HETATM 942  O O   . HOH B 2 .   ? -13.32589 6.93806   -7.08222  1.000 21.53000 ? 314 HOH A O   1 
HETATM 943  O O   . HOH B 2 .   ? -1.30358  -8.78359  10.48996  1.000 26.20000 ? 315 HOH A O   1 
HETATM 944  O O   . HOH B 2 .   ? 5.39699   -0.17008  15.37779  1.000 38.25000 ? 316 HOH A O   1 
HETATM 945  O O   . HOH B 2 .   ? -10.64911 14.52520  -5.13490  1.000 24.19000 ? 317 HOH A O   1 
HETATM 946  O O   . HOH B 2 .   ? -3.93367  -8.74399  11.39198  1.000 29.32000 ? 318 HOH A O   1 
HETATM 947  O O   . HOH B 2 .   ? 9.21664   4.29594   -13.40052 1.000 33.16000 ? 319 HOH A O   1 
HETATM 948  O O   . HOH B 2 .   ? 11.69498  7.55683   13.37388  1.000 36.55000 ? 320 HOH A O   1 
HETATM 949  O O   . HOH B 2 .   ? 14.31377  -8.93333  5.41053   1.000 23.86000 ? 321 HOH A O   1 
HETATM 950  O O   . HOH B 2 .   ? -14.04996 11.07684  -6.09887  1.000 27.86000 ? 322 HOH A O   1 
HETATM 951  O O   . HOH B 2 .   ? -6.19487  9.15665   14.01023  1.000 28.30000 ? 323 HOH A O   1 
HETATM 952  O O   . HOH B 2 .   ? -1.55318  -15.59692 -6.15322  1.000 23.61000 ? 324 HOH A O   1 
HETATM 953  O O   . HOH B 2 .   ? -13.73629 1.10560   -3.99168  1.000 22.98000 ? 325 HOH A O   1 
HETATM 954  O O   . HOH B 2 .   ? 6.65602   -5.55836  -14.44464 1.000 39.11000 ? 326 HOH A O   1 
HETATM 955  O O   . HOH B 2 .   ? -4.20060  17.36300  -11.15759 1.000 34.75000 ? 327 HOH A O   1 
HETATM 956  O O   . HOH B 2 .   ? 8.01079   -13.61626 3.25618   1.000 28.19000 ? 328 HOH A O   1 
HETATM 957  O O   . HOH B 2 .   ? 9.91509   2.19742   -13.31719 1.000 32.78000 ? 329 HOH A O   1 
HETATM 958  O O   . HOH B 2 .   ? -8.84866  -15.23642 -2.62747  1.000 31.02000 ? 330 HOH A O   1 
HETATM 959  O O   . HOH B 2 .   ? 8.96916   13.81981  -1.90362  1.000 27.68000 ? 331 HOH A O   1 
HETATM 960  O O   . HOH B 2 .   ? 10.70921  -14.10864 2.80408   1.000 25.01000 ? 332 HOH A O   1 
HETATM 961  O O   . HOH B 2 .   ? -8.91612  15.33945  2.60548   1.000 36.93000 ? 333 HOH A O   1 
HETATM 962  O O   . HOH B 2 .   ? 6.97826   -14.32788 0.97091   1.000 35.32000 ? 334 HOH A O   1 
HETATM 963  O O   . HOH B 2 .   ? 7.35853   -3.86176  11.18359  1.000 17.83000 ? 335 HOH A O   1 
HETATM 964  O O   . HOH B 2 .   ? 12.73684  2.44031   -12.54199 1.000 28.67000 ? 336 HOH A O   1 
HETATM 965  O O   . HOH B 2 .   ? -9.71575  -9.85139  -10.51693 1.000 23.54000 ? 337 HOH A O   1 
HETATM 966  O O   . HOH B 2 .   ? -5.81570  15.79860  -4.15871  1.000 22.44000 ? 338 HOH A O   1 
HETATM 967  O O   . HOH B 2 .   ? -20.66592 -4.59706  -2.50363  1.000 32.40000 ? 339 HOH A O   1 
HETATM 968  O O   . HOH B 2 .   ? -5.25912  -4.36395  12.36230  1.000 29.06000 ? 340 HOH A O   1 
HETATM 969  O O   . HOH B 2 .   ? 0.65245   7.06631   12.47089  1.000 21.38000 ? 341 HOH A O   1 
HETATM 970  O O   . HOH B 2 .   ? 2.03464   18.36885  -1.80758  1.000 25.91000 ? 342 HOH A O   1 
HETATM 971  O O   . HOH B 2 .   ? -8.71047  10.77645  4.78825   1.000 25.47000 ? 343 HOH A O   1 
HETATM 972  O O   . HOH B 2 .   ? -5.96377  -11.26113 -7.40257  1.000 23.83000 ? 344 HOH A O   1 
HETATM 973  O O   . HOH B 2 .   ? 9.07581   -14.17625 -0.87995  1.000 24.19000 ? 345 HOH A O   1 
HETATM 974  O O   . HOH B 2 .   ? 2.82891   7.25076   -14.94520 1.000 36.47000 ? 346 HOH A O   1 
HETATM 975  O O   . HOH B 2 .   ? -9.62523  8.41611   9.82177   1.000 26.42000 ? 347 HOH A O   1 
HETATM 976  O O   . HOH B 2 .   ? -6.86762  -12.25844 -3.89722  1.000 35.93000 ? 348 HOH A O   1 
HETATM 977  O O   . HOH B 2 .   ? 4.79089   -3.34491  11.59277  1.000 15.42000 ? 349 HOH A O   1 
HETATM 978  O O   . HOH B 2 .   ? 8.06326   14.26313  7.27171   1.000 29.03000 ? 350 HOH A O   1 
HETATM 979  O O   . HOH B 2 .   ? 10.98669  10.41844  12.39586  1.000 28.20000 ? 351 HOH A O   1 
HETATM 980  O O   . HOH B 2 .   ? -13.30036 -5.26210  9.22211   1.000 39.34000 ? 352 HOH A O   1 
HETATM 981  O O   . HOH B 2 .   ? 11.75728  13.79125  -3.38057  1.000 36.71000 ? 353 HOH A O   1 
HETATM 982  O O   . HOH B 2 .   ? 11.00193  6.78010   16.17338  1.000 35.53000 ? 354 HOH A O   1 
HETATM 983  O O   . HOH B 2 .   ? -15.67887 -0.55512  -6.34458  1.000 22.78000 ? 355 HOH A O   1 
HETATM 984  O O   . HOH B 2 .   ? 5.52210   -13.27459 -1.15269  1.000 35.05000 ? 356 HOH A O   1 
HETATM 985  O O   . HOH B 2 .   ? -9.69960  -10.56919 -7.79081  1.000 27.70000 ? 357 HOH A O   1 
HETATM 986  O O   . HOH B 2 .   ? 1.88530   12.91542  8.91340   1.000 15.76000 ? 358 HOH A O   1 
HETATM 987  O O   . HOH B 2 .   ? -3.20752  -13.45853 -10.42581 1.000 37.87000 ? 359 HOH A O   1 
HETATM 988  O O   . HOH B 2 .   ? -10.46854 -14.49479 6.84925   1.000 28.26000 ? 360 HOH A O   1 
HETATM 989  O O   . HOH B 2 .   ? -2.70340  21.94794  -3.14938  1.000 23.39000 ? 361 HOH A O   1 
HETATM 990  O O   . HOH B 2 .   ? -11.68012 11.70361  -15.32214 1.000 28.53000 ? 362 HOH A O   1 
HETATM 991  O O   . HOH B 2 .   ? 4.20059   -5.57241  12.94715  1.000 32.55000 ? 363 HOH A O   1 
HETATM 992  O O   . HOH B 2 .   ? 1.54842   12.90908  -5.33961  1.000 21.90000 ? 364 HOH A O   1 
HETATM 993  O O   . HOH B 2 .   ? -6.23429  -7.16965  9.66855   1.000 22.00000 ? 365 HOH A O   1 
HETATM 994  O O   . HOH B 2 .   ? 0.52991   15.76891  -2.76673  1.000 27.97000 ? 366 HOH A O   1 
HETATM 995  O O   . HOH B 2 .   ? -6.59898  3.40502   18.42952  1.000 32.34000 ? 367 HOH A O   1 
HETATM 996  O O   . HOH B 2 .   ? -2.70130  -12.41487 7.18611   1.000 28.56000 ? 368 HOH A O   1 
HETATM 997  O O   . HOH B 2 .   ? 10.73571  11.28378  8.88464   1.000 30.20000 ? 369 HOH A O   1 
HETATM 998  O O   . HOH B 2 .   ? -1.69043  -3.52444  15.10314  1.000 31.12000 ? 370 HOH A O   1 
HETATM 999  O O   . HOH B 2 .   ? -12.85765 -12.21185 7.09959   1.000 32.57000 ? 371 HOH A O   1 
HETATM 1000 O O   . HOH B 2 .   ? 4.47175   10.81763  -6.38665  1.000 25.94000 ? 372 HOH A O   1 
HETATM 1001 O O   . HOH B 2 .   ? 5.52630   15.19070  7.26879   1.000 32.51000 ? 373 HOH A O   1 
HETATM 1002 O O   . HOH B 2 .   ? -16.63799 -3.76833  2.37586   1.000 26.37000 ? 374 HOH A O   1 
HETATM 1003 O O   . HOH B 2 .   ? 11.77081  12.42917  4.96815   1.000 29.71000 ? 375 HOH A O   1 
HETATM 1004 O O   . HOH B 2 .   ? 1.46822   -12.77962 9.19903   1.000 26.68000 ? 376 HOH A O   1 
HETATM 1005 O O   . HOH B 2 .   ? 10.23493  2.71757   16.08481  1.000 29.99000 ? 377 HOH A O   1 
HETATM 1006 O O   . HOH B 2 .   ? -3.68142  15.59661  4.14264   1.000 24.30000 ? 378 HOH A O   1 
HETATM 1007 O O   . HOH B 2 .   ? -3.46669  -1.45424  14.31076  1.000 30.36000 ? 379 HOH A O   1 
HETATM 1008 O O   . HOH B 2 .   ? 9.31212   15.59660  5.79163   1.000 39.41000 ? 380 HOH A O   1 
HETATM 1009 O O   . HOH B 2 .   ? 1.78606   -13.16678 2.83295   1.000 24.78000 ? 381 HOH A O   1 
HETATM 1010 O O   . HOH B 2 .   ? -10.59779 -10.17481 8.84764   1.000 31.66000 ? 382 HOH A O   1 
HETATM 1011 O O   . HOH B 2 .   ? -12.73193 -10.00940 7.49068   1.000 34.46000 ? 383 HOH A O   1 
HETATM 1012 O O   . HOH B 2 .   ? -14.04559 -9.08937  -2.78136  1.000 25.45000 ? 384 HOH A O   1 
HETATM 1013 O O   . HOH B 2 .   ? -10.31365 12.76858  -9.58765  1.000 26.69000 ? 385 HOH A O   1 
HETATM 1014 O O   . HOH B 2 .   ? 1.45041   -9.82528  13.60834  1.000 30.90000 ? 386 HOH A O   1 
HETATM 1015 O O   . HOH B 2 .   ? -2.74784  2.13008   19.17765  1.000 32.56000 ? 387 HOH A O   1 
HETATM 1016 O O   . HOH B 2 .   ? -16.17057 -2.01596  -8.01627  1.000 32.50000 ? 388 HOH A O   1 
HETATM 1017 O O   . HOH B 2 .   ? -5.99120  -1.98602  13.88891  1.000 28.18000 ? 389 HOH A O   1 
HETATM 1018 O O   . HOH B 2 .   ? 5.77314   16.78979  5.07212   1.000 41.19000 ? 390 HOH A O   1 
HETATM 1019 O O   . HOH B 2 .   ? -7.48208  -9.23370  10.07252  1.000 30.89000 ? 391 HOH A O   1 
HETATM 1020 O O   . HOH B 2 .   ? 7.05790   11.83125  -7.21098  1.000 34.29000 ? 392 HOH A O   1 
# 
loop_
_pdbx_poly_seq_scheme.asym_id 
_pdbx_poly_seq_scheme.entity_id 
_pdbx_poly_seq_scheme.seq_id 
_pdbx_poly_seq_scheme.mon_id 
_pdbx_poly_seq_scheme.ndb_seq_num 
_pdbx_poly_seq_scheme.pdb_seq_num 
_pdbx_poly_seq_scheme.auth_seq_num 
_pdbx_poly_seq_scheme.pdb_mon_id 
_pdbx_poly_seq_scheme.auth_mon_id 
_pdbx_poly_seq_scheme.pdb_strand_id 
_pdbx_poly_seq_scheme.pdb_ins_code 
_pdbx_poly_seq_scheme.hetero 
A 1 1   GLY 1   -1  ?   ?   ?   A . n 
A 1 2   PRO 2   0   0   PRO PRO A . n 
A 1 3   MET 3   1   1   MET MET A . n 
A 1 4   ALA 4   2   2   ALA ALA A . n 
A 1 5   GLU 5   3   3   GLU GLU A . n 
A 1 6   THR 6   4   4   THR THR A . n 
A 1 7   LEU 7   5   5   LEU LEU A . n 
A 1 8   GLU 8   6   6   GLU GLU A . n 
A 1 9   PHE 9   7   7   PHE PHE A . n 
A 1 10  ASN 10  8   8   ASN ASN A . n 
A 1 11  ASP 11  9   9   ASP ASP A . n 
A 1 12  VAL 12  10  10  VAL VAL A . n 
A 1 13  TYR 13  11  11  TYR TYR A . n 
A 1 14  GLN 14  12  12  GLN GLN A . n 
A 1 15  GLU 15  13  13  GLU GLU A . n 
A 1 16  VAL 16  14  14  VAL VAL A . n 
A 1 17  LYS 17  15  15  LYS LYS A . n 
A 1 18  GLY 18  16  16  GLY GLY A . n 
A 1 19  SER 19  17  17  SER SER A . n 
A 1 20  MET 20  18  18  MET MET A . n 
A 1 21  ASN 21  19  19  ASN ASN A . n 
A 1 22  ASP 22  20  20  ASP ASP A . n 
A 1 23  GLY 23  21  21  GLY GLY A . n 
A 1 24  ARG 24  22  22  ARG ARG A . n 
A 1 25  LEU 25  23  23  LEU LEU A . n 
A 1 26  ARG 26  24  24  ARG ARG A . n 
A 1 27  LEU 27  25  25  LEU LEU A . n 
A 1 28  SER 28  26  26  SER SER A . n 
A 1 29  ARG 29  27  27  ARG ARG A . n 
A 1 30  GLN 30  28  28  GLN GLN A . n 
A 1 31  GLY 31  29  29  GLY GLY A . n 
A 1 32  ILE 32  30  30  ILE ILE A . n 
A 1 33  ILE 33  31  31  ILE ILE A . n 
A 1 34  PHE 34  32  32  PHE PHE A . n 
A 1 35  LYS 35  33  33  LYS LYS A . n 
A 1 36  ASN 36  34  34  ASN ASN A . n 
A 1 37  SER 37  35  35  SER SER A . n 
A 1 38  LYS 38  36  36  LYS LYS A . n 
A 1 39  THR 39  37  37  THR THR A . n 
A 1 40  GLY 40  38  38  GLY GLY A . n 
A 1 41  LYS 41  39  39  LYS LYS A . n 
A 1 42  VAL 42  40  40  VAL VAL A . n 
A 1 43  ASP 43  41  41  ASP ASP A . n 
A 1 44  ASN 44  42  42  ASN ASN A . n 
A 1 45  ILE 45  43  43  ILE ILE A . n 
A 1 46  GLN 46  44  44  GLN GLN A . n 
A 1 47  ALA 47  45  45  ALA ALA A . n 
A 1 48  GLY 48  46  46  GLY GLY A . n 
A 1 49  GLU 49  47  47  GLU GLU A . n 
A 1 50  LEU 50  48  48  LEU LEU A . n 
A 1 51  THR 51  49  49  THR THR A . n 
A 1 52  GLU 52  50  50  GLU GLU A . n 
A 1 53  GLY 53  51  51  GLY GLY A . n 
A 1 54  ILE 54  52  52  ILE ILE A . n 
A 1 55  TRP 55  53  53  TRP TRP A . n 
A 1 56  ARG 56  54  54  ARG ARG A . n 
A 1 57  ARG 57  55  55  ARG ARG A . n 
A 1 58  VAL 58  56  56  VAL VAL A . n 
A 1 59  ALA 59  57  57  ALA ALA A . n 
A 1 60  LEU 60  58  58  LEU LEU A . n 
A 1 61  GLY 61  59  59  GLY GLY A . n 
A 1 62  HIS 62  60  60  HIS HIS A . n 
A 1 63  GLY 63  61  61  GLY GLY A . n 
A 1 64  LEU 64  62  62  LEU LEU A . n 
A 1 65  LYS 65  63  63  LYS LYS A . n 
A 1 66  LEU 66  64  64  LEU LEU A . n 
A 1 67  LEU 67  65  65  LEU LEU A . n 
A 1 68  THR 68  66  66  THR THR A . n 
A 1 69  LYS 69  67  67  LYS LYS A . n 
A 1 70  ASN 70  68  68  ASN ASN A . n 
A 1 71  GLY 71  69  69  GLY GLY A . n 
A 1 72  HIS 72  70  70  HIS HIS A . n 
A 1 73  VAL 73  71  71  VAL VAL A . n 
A 1 74  TYR 74  72  72  TYR TYR A . n 
A 1 75  LYS 75  73  73  LYS LYS A . n 
A 1 76  TYR 76  74  74  TYR TYR A . n 
A 1 77  ASP 77  75  75  ASP ASP A . n 
A 1 78  GLY 78  76  76  GLY GLY A . n 
A 1 79  PHE 79  77  77  PHE PHE A . n 
A 1 80  ARG 80  78  78  ARG ARG A . n 
A 1 81  GLU 81  79  79  GLU GLU A . n 
A 1 82  SER 82  80  80  SER SER A . n 
A 1 83  GLU 83  81  81  GLU GLU A . n 
A 1 84  PHE 84  82  82  PHE PHE A . n 
A 1 85  GLU 85  83  83  GLU GLU A . n 
A 1 86  LYS 86  84  84  LYS LYS A . n 
A 1 87  LEU 87  85  85  LEU LEU A . n 
A 1 88  SER 88  86  86  SER SER A . n 
A 1 89  ASP 89  87  87  ASP ASP A . n 
A 1 90  PHE 90  88  88  PHE PHE A . n 
A 1 91  PHE 91  89  89  PHE PHE A . n 
A 1 92  LYS 92  90  90  LYS LYS A . n 
A 1 93  THR 93  91  91  THR THR A . n 
A 1 94  HIS 94  92  92  HIS HIS A . n 
A 1 95  TYR 95  93  93  TYR TYR A . n 
A 1 96  ARG 96  94  94  ARG ARG A . n 
A 1 97  LEU 97  95  95  LEU LEU A . n 
A 1 98  GLU 98  96  96  GLU GLU A . n 
A 1 99  LEU 99  97  97  LEU LEU A . n 
A 1 100 MET 100 98  98  MET MET A . n 
A 1 101 GLU 101 99  99  GLU GLU A . n 
A 1 102 LYS 102 100 100 LYS LYS A . n 
# 
loop_
_pdbx_nonpoly_scheme.asym_id 
_pdbx_nonpoly_scheme.entity_id 
_pdbx_nonpoly_scheme.mon_id 
_pdbx_nonpoly_scheme.ndb_seq_num 
_pdbx_nonpoly_scheme.pdb_seq_num 
_pdbx_nonpoly_scheme.auth_seq_num 
_pdbx_nonpoly_scheme.pdb_mon_id 
_pdbx_nonpoly_scheme.auth_mon_id 
_pdbx_nonpoly_scheme.pdb_strand_id 
_pdbx_nonpoly_scheme.pdb_ins_code 
B 2 HOH 1   201 195 HOH HOH A . 
B 2 HOH 2   202 115 HOH HOH A . 
B 2 HOH 3   203 181 HOH HOH A . 
B 2 HOH 4   204 50  HOH HOH A . 
B 2 HOH 5   205 80  HOH HOH A . 
B 2 HOH 6   206 52  HOH HOH A . 
B 2 HOH 7   207 56  HOH HOH A . 
B 2 HOH 8   208 14  HOH HOH A . 
B 2 HOH 9   209 124 HOH HOH A . 
B 2 HOH 10  210 9   HOH HOH A . 
B 2 HOH 11  211 69  HOH HOH A . 
B 2 HOH 12  212 122 HOH HOH A . 
B 2 HOH 13  213 193 HOH HOH A . 
B 2 HOH 14  214 12  HOH HOH A . 
B 2 HOH 15  215 73  HOH HOH A . 
B 2 HOH 16  216 30  HOH HOH A . 
B 2 HOH 17  217 55  HOH HOH A . 
B 2 HOH 18  218 108 HOH HOH A . 
B 2 HOH 19  219 47  HOH HOH A . 
B 2 HOH 20  220 107 HOH HOH A . 
B 2 HOH 21  221 105 HOH HOH A . 
B 2 HOH 22  222 66  HOH HOH A . 
B 2 HOH 23  223 78  HOH HOH A . 
B 2 HOH 24  224 153 HOH HOH A . 
B 2 HOH 25  225 21  HOH HOH A . 
B 2 HOH 26  226 165 HOH HOH A . 
B 2 HOH 27  227 36  HOH HOH A . 
B 2 HOH 28  228 17  HOH HOH A . 
B 2 HOH 29  229 3   HOH HOH A . 
B 2 HOH 30  230 6   HOH HOH A . 
B 2 HOH 31  231 1   HOH HOH A . 
B 2 HOH 32  232 24  HOH HOH A . 
B 2 HOH 33  233 172 HOH HOH A . 
B 2 HOH 34  234 22  HOH HOH A . 
B 2 HOH 35  235 53  HOH HOH A . 
B 2 HOH 36  236 75  HOH HOH A . 
B 2 HOH 37  237 23  HOH HOH A . 
B 2 HOH 38  238 120 HOH HOH A . 
B 2 HOH 39  239 4   HOH HOH A . 
B 2 HOH 40  240 19  HOH HOH A . 
B 2 HOH 41  241 25  HOH HOH A . 
B 2 HOH 42  242 126 HOH HOH A . 
B 2 HOH 43  243 72  HOH HOH A . 
B 2 HOH 44  244 5   HOH HOH A . 
B 2 HOH 45  245 46  HOH HOH A . 
B 2 HOH 46  246 87  HOH HOH A . 
B 2 HOH 47  247 110 HOH HOH A . 
B 2 HOH 48  248 93  HOH HOH A . 
B 2 HOH 49  249 88  HOH HOH A . 
B 2 HOH 50  250 11  HOH HOH A . 
B 2 HOH 51  251 152 HOH HOH A . 
B 2 HOH 52  252 100 HOH HOH A . 
B 2 HOH 53  253 40  HOH HOH A . 
B 2 HOH 54  254 15  HOH HOH A . 
B 2 HOH 55  255 95  HOH HOH A . 
B 2 HOH 56  256 7   HOH HOH A . 
B 2 HOH 57  257 32  HOH HOH A . 
B 2 HOH 58  258 178 HOH HOH A . 
B 2 HOH 59  259 89  HOH HOH A . 
B 2 HOH 60  260 31  HOH HOH A . 
B 2 HOH 61  261 81  HOH HOH A . 
B 2 HOH 62  262 49  HOH HOH A . 
B 2 HOH 63  263 13  HOH HOH A . 
B 2 HOH 64  264 29  HOH HOH A . 
B 2 HOH 65  265 39  HOH HOH A . 
B 2 HOH 66  266 16  HOH HOH A . 
B 2 HOH 67  267 135 HOH HOH A . 
B 2 HOH 68  268 26  HOH HOH A . 
B 2 HOH 69  269 142 HOH HOH A . 
B 2 HOH 70  270 117 HOH HOH A . 
B 2 HOH 71  271 140 HOH HOH A . 
B 2 HOH 72  272 171 HOH HOH A . 
B 2 HOH 73  273 28  HOH HOH A . 
B 2 HOH 74  274 62  HOH HOH A . 
B 2 HOH 75  275 48  HOH HOH A . 
B 2 HOH 76  276 146 HOH HOH A . 
B 2 HOH 77  277 125 HOH HOH A . 
B 2 HOH 78  278 91  HOH HOH A . 
B 2 HOH 79  279 99  HOH HOH A . 
B 2 HOH 80  280 2   HOH HOH A . 
B 2 HOH 81  281 136 HOH HOH A . 
B 2 HOH 82  282 162 HOH HOH A . 
B 2 HOH 83  283 123 HOH HOH A . 
B 2 HOH 84  284 38  HOH HOH A . 
B 2 HOH 85  285 37  HOH HOH A . 
B 2 HOH 86  286 84  HOH HOH A . 
B 2 HOH 87  287 10  HOH HOH A . 
B 2 HOH 88  288 130 HOH HOH A . 
B 2 HOH 89  289 68  HOH HOH A . 
B 2 HOH 90  290 59  HOH HOH A . 
B 2 HOH 91  291 43  HOH HOH A . 
B 2 HOH 92  292 128 HOH HOH A . 
B 2 HOH 93  293 18  HOH HOH A . 
B 2 HOH 94  294 145 HOH HOH A . 
B 2 HOH 95  295 33  HOH HOH A . 
B 2 HOH 96  296 41  HOH HOH A . 
B 2 HOH 97  297 58  HOH HOH A . 
B 2 HOH 98  298 61  HOH HOH A . 
B 2 HOH 99  299 20  HOH HOH A . 
B 2 HOH 100 300 57  HOH HOH A . 
B 2 HOH 101 301 51  HOH HOH A . 
B 2 HOH 102 302 45  HOH HOH A . 
B 2 HOH 103 303 27  HOH HOH A . 
B 2 HOH 104 304 42  HOH HOH A . 
B 2 HOH 105 305 177 HOH HOH A . 
B 2 HOH 106 306 166 HOH HOH A . 
B 2 HOH 107 307 8   HOH HOH A . 
B 2 HOH 108 308 64  HOH HOH A . 
B 2 HOH 109 309 175 HOH HOH A . 
B 2 HOH 110 310 70  HOH HOH A . 
B 2 HOH 111 311 97  HOH HOH A . 
B 2 HOH 112 312 34  HOH HOH A . 
B 2 HOH 113 313 148 HOH HOH A . 
B 2 HOH 114 314 90  HOH HOH A . 
B 2 HOH 115 315 131 HOH HOH A . 
B 2 HOH 116 316 158 HOH HOH A . 
B 2 HOH 117 317 96  HOH HOH A . 
B 2 HOH 118 318 92  HOH HOH A . 
B 2 HOH 119 319 161 HOH HOH A . 
B 2 HOH 120 320 164 HOH HOH A . 
B 2 HOH 121 321 103 HOH HOH A . 
B 2 HOH 122 322 102 HOH HOH A . 
B 2 HOH 123 323 138 HOH HOH A . 
B 2 HOH 124 324 112 HOH HOH A . 
B 2 HOH 125 325 119 HOH HOH A . 
B 2 HOH 126 326 186 HOH HOH A . 
B 2 HOH 127 327 174 HOH HOH A . 
B 2 HOH 128 328 76  HOH HOH A . 
B 2 HOH 129 329 192 HOH HOH A . 
B 2 HOH 130 330 183 HOH HOH A . 
B 2 HOH 131 331 118 HOH HOH A . 
B 2 HOH 132 332 71  HOH HOH A . 
B 2 HOH 133 333 127 HOH HOH A . 
B 2 HOH 134 334 79  HOH HOH A . 
B 2 HOH 135 335 60  HOH HOH A . 
B 2 HOH 136 336 168 HOH HOH A . 
B 2 HOH 137 337 98  HOH HOH A . 
B 2 HOH 138 338 65  HOH HOH A . 
B 2 HOH 139 339 139 HOH HOH A . 
B 2 HOH 140 340 101 HOH HOH A . 
B 2 HOH 141 341 54  HOH HOH A . 
B 2 HOH 142 342 82  HOH HOH A . 
B 2 HOH 143 343 116 HOH HOH A . 
B 2 HOH 144 344 77  HOH HOH A . 
B 2 HOH 145 345 83  HOH HOH A . 
B 2 HOH 146 346 197 HOH HOH A . 
B 2 HOH 147 347 144 HOH HOH A . 
B 2 HOH 148 348 196 HOH HOH A . 
B 2 HOH 149 349 35  HOH HOH A . 
B 2 HOH 150 350 63  HOH HOH A . 
B 2 HOH 151 351 132 HOH HOH A . 
B 2 HOH 152 352 194 HOH HOH A . 
B 2 HOH 153 353 163 HOH HOH A . 
B 2 HOH 154 354 170 HOH HOH A . 
B 2 HOH 155 355 74  HOH HOH A . 
B 2 HOH 156 356 191 HOH HOH A . 
B 2 HOH 157 357 180 HOH HOH A . 
B 2 HOH 158 358 44  HOH HOH A . 
B 2 HOH 159 359 137 HOH HOH A . 
B 2 HOH 160 360 150 HOH HOH A . 
B 2 HOH 161 361 121 HOH HOH A . 
B 2 HOH 162 362 129 HOH HOH A . 
B 2 HOH 163 363 106 HOH HOH A . 
B 2 HOH 164 364 94  HOH HOH A . 
B 2 HOH 165 365 85  HOH HOH A . 
B 2 HOH 166 366 154 HOH HOH A . 
B 2 HOH 167 367 189 HOH HOH A . 
B 2 HOH 168 368 176 HOH HOH A . 
B 2 HOH 169 369 111 HOH HOH A . 
B 2 HOH 170 370 190 HOH HOH A . 
B 2 HOH 171 371 143 HOH HOH A . 
B 2 HOH 172 372 67  HOH HOH A . 
B 2 HOH 173 373 160 HOH HOH A . 
B 2 HOH 174 374 156 HOH HOH A . 
B 2 HOH 175 375 114 HOH HOH A . 
B 2 HOH 176 376 141 HOH HOH A . 
B 2 HOH 177 377 147 HOH HOH A . 
B 2 HOH 178 378 109 HOH HOH A . 
B 2 HOH 179 379 113 HOH HOH A . 
B 2 HOH 180 380 159 HOH HOH A . 
B 2 HOH 181 381 151 HOH HOH A . 
B 2 HOH 182 382 185 HOH HOH A . 
B 2 HOH 183 383 104 HOH HOH A . 
B 2 HOH 184 384 134 HOH HOH A . 
B 2 HOH 185 385 188 HOH HOH A . 
B 2 HOH 186 386 169 HOH HOH A . 
B 2 HOH 187 387 133 HOH HOH A . 
B 2 HOH 188 388 86  HOH HOH A . 
B 2 HOH 189 389 149 HOH HOH A . 
B 2 HOH 190 390 184 HOH HOH A . 
B 2 HOH 191 391 173 HOH HOH A . 
B 2 HOH 192 392 157 HOH HOH A . 
# 
_pdbx_struct_assembly.id                   1 
_pdbx_struct_assembly.details              author_defined_assembly 
_pdbx_struct_assembly.method_details       ? 
_pdbx_struct_assembly.oligomeric_details   monomeric 
_pdbx_struct_assembly.oligomeric_count     1 
# 
_pdbx_struct_assembly_gen.assembly_id       1 
_pdbx_struct_assembly_gen.oper_expression   1 
_pdbx_struct_assembly_gen.asym_id_list      A,B 
# 
loop_
_pdbx_struct_assembly_prop.biol_id 
_pdbx_struct_assembly_prop.type 
_pdbx_struct_assembly_prop.value 
_pdbx_struct_assembly_prop.details 
1 'ABSA (A^2)' 0    ? 
1 MORE         0    ? 
1 'SSA (A^2)'  6090 ? 
# 
_pdbx_struct_oper_list.id                   1 
_pdbx_struct_oper_list.type                 'identity operation' 
_pdbx_struct_oper_list.name                 1_555 
_pdbx_struct_oper_list.symmetry_operation   x,y,z 
_pdbx_struct_oper_list.matrix[1][1]         1.0000000000 
_pdbx_struct_oper_list.matrix[1][2]         0.0000000000 
_pdbx_struct_oper_list.matrix[1][3]         0.0000000000 
_pdbx_struct_oper_list.vector[1]            0.0000000000 
_pdbx_struct_oper_list.matrix[2][1]         0.0000000000 
_pdbx_struct_oper_list.matrix[2][2]         1.0000000000 
_pdbx_struct_oper_list.matrix[2][3]         0.0000000000 
_pdbx_struct_oper_list.vector[2]            0.0000000000 
_pdbx_struct_oper_list.matrix[3][1]         0.0000000000 
_pdbx_struct_oper_list.matrix[3][2]         0.0000000000 
_pdbx_struct_oper_list.matrix[3][3]         1.0000000000 
_pdbx_struct_oper_list.vector[3]            0.0000000000 
# 
loop_
_pdbx_audit_revision_history.ordinal 
_pdbx_audit_revision_history.data_content_type 
_pdbx_audit_revision_history.major_revision 
_pdbx_audit_revision_history.minor_revision 
_pdbx_audit_revision_history.revision_date 
1 'Structure model' 1 0 2020-09-30 
2 'Structure model' 1 1 2021-01-20 
3 'Structure model' 1 2 2023-11-22 
# 
_pdbx_audit_revision_details.ordinal             1 
_pdbx_audit_revision_details.revision_ordinal    1 
_pdbx_audit_revision_details.data_content_type   'Structure model' 
_pdbx_audit_revision_details.provider            repository 
_pdbx_audit_revision_details.type                'Initial release' 
_pdbx_audit_revision_details.description         ? 
_pdbx_audit_revision_details.details             ? 
# 
loop_
_pdbx_audit_revision_group.ordinal 
_pdbx_audit_revision_group.revision_ordinal 
_pdbx_audit_revision_group.data_content_type 
_pdbx_audit_revision_group.group 
1 2 'Structure model' 'Database references'    
2 2 'Structure model' 'Structure summary'      
3 3 'Structure model' 'Data collection'        
4 3 'Structure model' 'Database references'    
5 3 'Structure model' 'Refinement description' 
# 
loop_
_pdbx_audit_revision_category.ordinal 
_pdbx_audit_revision_category.revision_ordinal 
_pdbx_audit_revision_category.data_content_type 
_pdbx_audit_revision_category.category 
1 2 'Structure model' audit_author                  
2 2 'Structure model' citation_author               
3 3 'Structure model' chem_comp_atom                
4 3 'Structure model' chem_comp_bond                
5 3 'Structure model' database_2                    
6 3 'Structure model' pdbx_initial_refinement_model 
# 
loop_
_pdbx_audit_revision_item.ordinal 
_pdbx_audit_revision_item.revision_ordinal 
_pdbx_audit_revision_item.data_content_type 
_pdbx_audit_revision_item.item 
1 3 'Structure model' '_database_2.pdbx_DOI'                
2 3 'Structure model' '_database_2.pdbx_database_accession' 
# 
loop_
_space_group_symop.id 
_space_group_symop.operation_xyz 
1 x,y,z       
2 -y,x,z+3/4  
3 y,-x,z+1/4  
4 -x,-y,z+1/2 
# 
loop_
_software.citation_id 
_software.classification 
_software.compiler_name 
_software.compiler_version 
_software.contact_author 
_software.contact_author_email 
_software.date 
_software.description 
_software.dependencies 
_software.hardware 
_software.language 
_software.location 
_software.mods 
_software.name 
_software.os 
_software.os_version 
_software.type 
_software.version 
_software.pdbx_ordinal 
? 'data collection' ? ? ? ? ? ? ? ? ? ? ? HKL-2000 ? ? ? .           1 
? 'data scaling'    ? ? ? ? ? ? ? ? ? ? ? HKL-2000 ? ? ? .           2 
? 'model building'  ? ? ? ? ? ? ? ? ? ? ? PHENIX   ? ? ? 1.11.1_2575 3 
? refinement        ? ? ? ? ? ? ? ? ? ? ? PHENIX   ? ? ? 1.11.1_2575 4 
? phasing           ? ? ? ? ? ? ? ? ? ? ? PHASER   ? ? ? .           5 
# 
_pdbx_validate_torsion.id              1 
_pdbx_validate_torsion.PDB_model_num   1 
_pdbx_validate_torsion.auth_comp_id    VAL 
_pdbx_validate_torsion.auth_asym_id    A 
_pdbx_validate_torsion.auth_seq_id     56 
_pdbx_validate_torsion.PDB_ins_code    ? 
_pdbx_validate_torsion.label_alt_id    ? 
_pdbx_validate_torsion.phi             -124.87 
_pdbx_validate_torsion.psi             -159.76 
# 
_pdbx_unobs_or_zero_occ_residues.id               1 
_pdbx_unobs_or_zero_occ_residues.PDB_model_num    1 
_pdbx_unobs_or_zero_occ_residues.polymer_flag     Y 
_pdbx_unobs_or_zero_occ_residues.occupancy_flag   1 
_pdbx_unobs_or_zero_occ_residues.auth_asym_id     A 
_pdbx_unobs_or_zero_occ_residues.auth_comp_id     GLY 
_pdbx_unobs_or_zero_occ_residues.auth_seq_id      -1 
_pdbx_unobs_or_zero_occ_residues.PDB_ins_code     ? 
_pdbx_unobs_or_zero_occ_residues.label_asym_id    A 
_pdbx_unobs_or_zero_occ_residues.label_comp_id    GLY 
_pdbx_unobs_or_zero_occ_residues.label_seq_id     1 
# 
loop_
_chem_comp_atom.comp_id 
_chem_comp_atom.atom_id 
_chem_comp_atom.type_symbol 
_chem_comp_atom.pdbx_aromatic_flag 
_chem_comp_atom.pdbx_stereo_config 
_chem_comp_atom.pdbx_ordinal 
ALA N    N N N 1   
ALA CA   C N S 2   
ALA C    C N N 3   
ALA O    O N N 4   
ALA CB   C N N 5   
ALA OXT  O N N 6   
ALA H    H N N 7   
ALA H2   H N N 8   
ALA HA   H N N 9   
ALA HB1  H N N 10  
ALA HB2  H N N 11  
ALA HB3  H N N 12  
ALA HXT  H N N 13  
ARG N    N N N 14  
ARG CA   C N S 15  
ARG C    C N N 16  
ARG O    O N N 17  
ARG CB   C N N 18  
ARG CG   C N N 19  
ARG CD   C N N 20  
ARG NE   N N N 21  
ARG CZ   C N N 22  
ARG NH1  N N N 23  
ARG NH2  N N N 24  
ARG OXT  O N N 25  
ARG H    H N N 26  
ARG H2   H N N 27  
ARG HA   H N N 28  
ARG HB2  H N N 29  
ARG HB3  H N N 30  
ARG HG2  H N N 31  
ARG HG3  H N N 32  
ARG HD2  H N N 33  
ARG HD3  H N N 34  
ARG HE   H N N 35  
ARG HH11 H N N 36  
ARG HH12 H N N 37  
ARG HH21 H N N 38  
ARG HH22 H N N 39  
ARG HXT  H N N 40  
ASN N    N N N 41  
ASN CA   C N S 42  
ASN C    C N N 43  
ASN O    O N N 44  
ASN CB   C N N 45  
ASN CG   C N N 46  
ASN OD1  O N N 47  
ASN ND2  N N N 48  
ASN OXT  O N N 49  
ASN H    H N N 50  
ASN H2   H N N 51  
ASN HA   H N N 52  
ASN HB2  H N N 53  
ASN HB3  H N N 54  
ASN HD21 H N N 55  
ASN HD22 H N N 56  
ASN HXT  H N N 57  
ASP N    N N N 58  
ASP CA   C N S 59  
ASP C    C N N 60  
ASP O    O N N 61  
ASP CB   C N N 62  
ASP CG   C N N 63  
ASP OD1  O N N 64  
ASP OD2  O N N 65  
ASP OXT  O N N 66  
ASP H    H N N 67  
ASP H2   H N N 68  
ASP HA   H N N 69  
ASP HB2  H N N 70  
ASP HB3  H N N 71  
ASP HD2  H N N 72  
ASP HXT  H N N 73  
GLN N    N N N 74  
GLN CA   C N S 75  
GLN C    C N N 76  
GLN O    O N N 77  
GLN CB   C N N 78  
GLN CG   C N N 79  
GLN CD   C N N 80  
GLN OE1  O N N 81  
GLN NE2  N N N 82  
GLN OXT  O N N 83  
GLN H    H N N 84  
GLN H2   H N N 85  
GLN HA   H N N 86  
GLN HB2  H N N 87  
GLN HB3  H N N 88  
GLN HG2  H N N 89  
GLN HG3  H N N 90  
GLN HE21 H N N 91  
GLN HE22 H N N 92  
GLN HXT  H N N 93  
GLU N    N N N 94  
GLU CA   C N S 95  
GLU C    C N N 96  
GLU O    O N N 97  
GLU CB   C N N 98  
GLU CG   C N N 99  
GLU CD   C N N 100 
GLU OE1  O N N 101 
GLU OE2  O N N 102 
GLU OXT  O N N 103 
GLU H    H N N 104 
GLU H2   H N N 105 
GLU HA   H N N 106 
GLU HB2  H N N 107 
GLU HB3  H N N 108 
GLU HG2  H N N 109 
GLU HG3  H N N 110 
GLU HE2  H N N 111 
GLU HXT  H N N 112 
GLY N    N N N 113 
GLY CA   C N N 114 
GLY C    C N N 115 
GLY O    O N N 116 
GLY OXT  O N N 117 
GLY H    H N N 118 
GLY H2   H N N 119 
GLY HA2  H N N 120 
GLY HA3  H N N 121 
GLY HXT  H N N 122 
HIS N    N N N 123 
HIS CA   C N S 124 
HIS C    C N N 125 
HIS O    O N N 126 
HIS CB   C N N 127 
HIS CG   C Y N 128 
HIS ND1  N Y N 129 
HIS CD2  C Y N 130 
HIS CE1  C Y N 131 
HIS NE2  N Y N 132 
HIS OXT  O N N 133 
HIS H    H N N 134 
HIS H2   H N N 135 
HIS HA   H N N 136 
HIS HB2  H N N 137 
HIS HB3  H N N 138 
HIS HD1  H N N 139 
HIS HD2  H N N 140 
HIS HE1  H N N 141 
HIS HE2  H N N 142 
HIS HXT  H N N 143 
HOH O    O N N 144 
HOH H1   H N N 145 
HOH H2   H N N 146 
ILE N    N N N 147 
ILE CA   C N S 148 
ILE C    C N N 149 
ILE O    O N N 150 
ILE CB   C N S 151 
ILE CG1  C N N 152 
ILE CG2  C N N 153 
ILE CD1  C N N 154 
ILE OXT  O N N 155 
ILE H    H N N 156 
ILE H2   H N N 157 
ILE HA   H N N 158 
ILE HB   H N N 159 
ILE HG12 H N N 160 
ILE HG13 H N N 161 
ILE HG21 H N N 162 
ILE HG22 H N N 163 
ILE HG23 H N N 164 
ILE HD11 H N N 165 
ILE HD12 H N N 166 
ILE HD13 H N N 167 
ILE HXT  H N N 168 
LEU N    N N N 169 
LEU CA   C N S 170 
LEU C    C N N 171 
LEU O    O N N 172 
LEU CB   C N N 173 
LEU CG   C N N 174 
LEU CD1  C N N 175 
LEU CD2  C N N 176 
LEU OXT  O N N 177 
LEU H    H N N 178 
LEU H2   H N N 179 
LEU HA   H N N 180 
LEU HB2  H N N 181 
LEU HB3  H N N 182 
LEU HG   H N N 183 
LEU HD11 H N N 184 
LEU HD12 H N N 185 
LEU HD13 H N N 186 
LEU HD21 H N N 187 
LEU HD22 H N N 188 
LEU HD23 H N N 189 
LEU HXT  H N N 190 
LYS N    N N N 191 
LYS CA   C N S 192 
LYS C    C N N 193 
LYS O    O N N 194 
LYS CB   C N N 195 
LYS CG   C N N 196 
LYS CD   C N N 197 
LYS CE   C N N 198 
LYS NZ   N N N 199 
LYS OXT  O N N 200 
LYS H    H N N 201 
LYS H2   H N N 202 
LYS HA   H N N 203 
LYS HB2  H N N 204 
LYS HB3  H N N 205 
LYS HG2  H N N 206 
LYS HG3  H N N 207 
LYS HD2  H N N 208 
LYS HD3  H N N 209 
LYS HE2  H N N 210 
LYS HE3  H N N 211 
LYS HZ1  H N N 212 
LYS HZ2  H N N 213 
LYS HZ3  H N N 214 
LYS HXT  H N N 215 
MET N    N N N 216 
MET CA   C N S 217 
MET C    C N N 218 
MET O    O N N 219 
MET CB   C N N 220 
MET CG   C N N 221 
MET SD   S N N 222 
MET CE   C N N 223 
MET OXT  O N N 224 
MET H    H N N 225 
MET H2   H N N 226 
MET HA   H N N 227 
MET HB2  H N N 228 
MET HB3  H N N 229 
MET HG2  H N N 230 
MET HG3  H N N 231 
MET HE1  H N N 232 
MET HE2  H N N 233 
MET HE3  H N N 234 
MET HXT  H N N 235 
PHE N    N N N 236 
PHE CA   C N S 237 
PHE C    C N N 238 
PHE O    O N N 239 
PHE CB   C N N 240 
PHE CG   C Y N 241 
PHE CD1  C Y N 242 
PHE CD2  C Y N 243 
PHE CE1  C Y N 244 
PHE CE2  C Y N 245 
PHE CZ   C Y N 246 
PHE OXT  O N N 247 
PHE H    H N N 248 
PHE H2   H N N 249 
PHE HA   H N N 250 
PHE HB2  H N N 251 
PHE HB3  H N N 252 
PHE HD1  H N N 253 
PHE HD2  H N N 254 
PHE HE1  H N N 255 
PHE HE2  H N N 256 
PHE HZ   H N N 257 
PHE HXT  H N N 258 
PRO N    N N N 259 
PRO CA   C N S 260 
PRO C    C N N 261 
PRO O    O N N 262 
PRO CB   C N N 263 
PRO CG   C N N 264 
PRO CD   C N N 265 
PRO OXT  O N N 266 
PRO H    H N N 267 
PRO HA   H N N 268 
PRO HB2  H N N 269 
PRO HB3  H N N 270 
PRO HG2  H N N 271 
PRO HG3  H N N 272 
PRO HD2  H N N 273 
PRO HD3  H N N 274 
PRO HXT  H N N 275 
SER N    N N N 276 
SER CA   C N S 277 
SER C    C N N 278 
SER O    O N N 279 
SER CB   C N N 280 
SER OG   O N N 281 
SER OXT  O N N 282 
SER H    H N N 283 
SER H2   H N N 284 
SER HA   H N N 285 
SER HB2  H N N 286 
SER HB3  H N N 287 
SER HG   H N N 288 
SER HXT  H N N 289 
THR N    N N N 290 
THR CA   C N S 291 
THR C    C N N 292 
THR O    O N N 293 
THR CB   C N R 294 
THR OG1  O N N 295 
THR CG2  C N N 296 
THR OXT  O N N 297 
THR H    H N N 298 
THR H2   H N N 299 
THR HA   H N N 300 
THR HB   H N N 301 
THR HG1  H N N 302 
THR HG21 H N N 303 
THR HG22 H N N 304 
THR HG23 H N N 305 
THR HXT  H N N 306 
TRP N    N N N 307 
TRP CA   C N S 308 
TRP C    C N N 309 
TRP O    O N N 310 
TRP CB   C N N 311 
TRP CG   C Y N 312 
TRP CD1  C Y N 313 
TRP CD2  C Y N 314 
TRP NE1  N Y N 315 
TRP CE2  C Y N 316 
TRP CE3  C Y N 317 
TRP CZ2  C Y N 318 
TRP CZ3  C Y N 319 
TRP CH2  C Y N 320 
TRP OXT  O N N 321 
TRP H    H N N 322 
TRP H2   H N N 323 
TRP HA   H N N 324 
TRP HB2  H N N 325 
TRP HB3  H N N 326 
TRP HD1  H N N 327 
TRP HE1  H N N 328 
TRP HE3  H N N 329 
TRP HZ2  H N N 330 
TRP HZ3  H N N 331 
TRP HH2  H N N 332 
TRP HXT  H N N 333 
TYR N    N N N 334 
TYR CA   C N S 335 
TYR C    C N N 336 
TYR O    O N N 337 
TYR CB   C N N 338 
TYR CG   C Y N 339 
TYR CD1  C Y N 340 
TYR CD2  C Y N 341 
TYR CE1  C Y N 342 
TYR CE2  C Y N 343 
TYR CZ   C Y N 344 
TYR OH   O N N 345 
TYR OXT  O N N 346 
TYR H    H N N 347 
TYR H2   H N N 348 
TYR HA   H N N 349 
TYR HB2  H N N 350 
TYR HB3  H N N 351 
TYR HD1  H N N 352 
TYR HD2  H N N 353 
TYR HE1  H N N 354 
TYR HE2  H N N 355 
TYR HH   H N N 356 
TYR HXT  H N N 357 
VAL N    N N N 358 
VAL CA   C N S 359 
VAL C    C N N 360 
VAL O    O N N 361 
VAL CB   C N N 362 
VAL CG1  C N N 363 
VAL CG2  C N N 364 
VAL OXT  O N N 365 
VAL H    H N N 366 
VAL H2   H N N 367 
VAL HA   H N N 368 
VAL HB   H N N 369 
VAL HG11 H N N 370 
VAL HG12 H N N 371 
VAL HG13 H N N 372 
VAL HG21 H N N 373 
VAL HG22 H N N 374 
VAL HG23 H N N 375 
VAL HXT  H N N 376 
# 
loop_
_chem_comp_bond.comp_id 
_chem_comp_bond.atom_id_1 
_chem_comp_bond.atom_id_2 
_chem_comp_bond.value_order 
_chem_comp_bond.pdbx_aromatic_flag 
_chem_comp_bond.pdbx_stereo_config 
_chem_comp_bond.pdbx_ordinal 
ALA N   CA   sing N N 1   
ALA N   H    sing N N 2   
ALA N   H2   sing N N 3   
ALA CA  C    sing N N 4   
ALA CA  CB   sing N N 5   
ALA CA  HA   sing N N 6   
ALA C   O    doub N N 7   
ALA C   OXT  sing N N 8   
ALA CB  HB1  sing N N 9   
ALA CB  HB2  sing N N 10  
ALA CB  HB3  sing N N 11  
ALA OXT HXT  sing N N 12  
ARG N   CA   sing N N 13  
ARG N   H    sing N N 14  
ARG N   H2   sing N N 15  
ARG CA  C    sing N N 16  
ARG CA  CB   sing N N 17  
ARG CA  HA   sing N N 18  
ARG C   O    doub N N 19  
ARG C   OXT  sing N N 20  
ARG CB  CG   sing N N 21  
ARG CB  HB2  sing N N 22  
ARG CB  HB3  sing N N 23  
ARG CG  CD   sing N N 24  
ARG CG  HG2  sing N N 25  
ARG CG  HG3  sing N N 26  
ARG CD  NE   sing N N 27  
ARG CD  HD2  sing N N 28  
ARG CD  HD3  sing N N 29  
ARG NE  CZ   sing N N 30  
ARG NE  HE   sing N N 31  
ARG CZ  NH1  sing N N 32  
ARG CZ  NH2  doub N N 33  
ARG NH1 HH11 sing N N 34  
ARG NH1 HH12 sing N N 35  
ARG NH2 HH21 sing N N 36  
ARG NH2 HH22 sing N N 37  
ARG OXT HXT  sing N N 38  
ASN N   CA   sing N N 39  
ASN N   H    sing N N 40  
ASN N   H2   sing N N 41  
ASN CA  C    sing N N 42  
ASN CA  CB   sing N N 43  
ASN CA  HA   sing N N 44  
ASN C   O    doub N N 45  
ASN C   OXT  sing N N 46  
ASN CB  CG   sing N N 47  
ASN CB  HB2  sing N N 48  
ASN CB  HB3  sing N N 49  
ASN CG  OD1  doub N N 50  
ASN CG  ND2  sing N N 51  
ASN ND2 HD21 sing N N 52  
ASN ND2 HD22 sing N N 53  
ASN OXT HXT  sing N N 54  
ASP N   CA   sing N N 55  
ASP N   H    sing N N 56  
ASP N   H2   sing N N 57  
ASP CA  C    sing N N 58  
ASP CA  CB   sing N N 59  
ASP CA  HA   sing N N 60  
ASP C   O    doub N N 61  
ASP C   OXT  sing N N 62  
ASP CB  CG   sing N N 63  
ASP CB  HB2  sing N N 64  
ASP CB  HB3  sing N N 65  
ASP CG  OD1  doub N N 66  
ASP CG  OD2  sing N N 67  
ASP OD2 HD2  sing N N 68  
ASP OXT HXT  sing N N 69  
GLN N   CA   sing N N 70  
GLN N   H    sing N N 71  
GLN N   H2   sing N N 72  
GLN CA  C    sing N N 73  
GLN CA  CB   sing N N 74  
GLN CA  HA   sing N N 75  
GLN C   O    doub N N 76  
GLN C   OXT  sing N N 77  
GLN CB  CG   sing N N 78  
GLN CB  HB2  sing N N 79  
GLN CB  HB3  sing N N 80  
GLN CG  CD   sing N N 81  
GLN CG  HG2  sing N N 82  
GLN CG  HG3  sing N N 83  
GLN CD  OE1  doub N N 84  
GLN CD  NE2  sing N N 85  
GLN NE2 HE21 sing N N 86  
GLN NE2 HE22 sing N N 87  
GLN OXT HXT  sing N N 88  
GLU N   CA   sing N N 89  
GLU N   H    sing N N 90  
GLU N   H2   sing N N 91  
GLU CA  C    sing N N 92  
GLU CA  CB   sing N N 93  
GLU CA  HA   sing N N 94  
GLU C   O    doub N N 95  
GLU C   OXT  sing N N 96  
GLU CB  CG   sing N N 97  
GLU CB  HB2  sing N N 98  
GLU CB  HB3  sing N N 99  
GLU CG  CD   sing N N 100 
GLU CG  HG2  sing N N 101 
GLU CG  HG3  sing N N 102 
GLU CD  OE1  doub N N 103 
GLU CD  OE2  sing N N 104 
GLU OE2 HE2  sing N N 105 
GLU OXT HXT  sing N N 106 
GLY N   CA   sing N N 107 
GLY N   H    sing N N 108 
GLY N   H2   sing N N 109 
GLY CA  C    sing N N 110 
GLY CA  HA2  sing N N 111 
GLY CA  HA3  sing N N 112 
GLY C   O    doub N N 113 
GLY C   OXT  sing N N 114 
GLY OXT HXT  sing N N 115 
HIS N   CA   sing N N 116 
HIS N   H    sing N N 117 
HIS N   H2   sing N N 118 
HIS CA  C    sing N N 119 
HIS CA  CB   sing N N 120 
HIS CA  HA   sing N N 121 
HIS C   O    doub N N 122 
HIS C   OXT  sing N N 123 
HIS CB  CG   sing N N 124 
HIS CB  HB2  sing N N 125 
HIS CB  HB3  sing N N 126 
HIS CG  ND1  sing Y N 127 
HIS CG  CD2  doub Y N 128 
HIS ND1 CE1  doub Y N 129 
HIS ND1 HD1  sing N N 130 
HIS CD2 NE2  sing Y N 131 
HIS CD2 HD2  sing N N 132 
HIS CE1 NE2  sing Y N 133 
HIS CE1 HE1  sing N N 134 
HIS NE2 HE2  sing N N 135 
HIS OXT HXT  sing N N 136 
HOH O   H1   sing N N 137 
HOH O   H2   sing N N 138 
ILE N   CA   sing N N 139 
ILE N   H    sing N N 140 
ILE N   H2   sing N N 141 
ILE CA  C    sing N N 142 
ILE CA  CB   sing N N 143 
ILE CA  HA   sing N N 144 
ILE C   O    doub N N 145 
ILE C   OXT  sing N N 146 
ILE CB  CG1  sing N N 147 
ILE CB  CG2  sing N N 148 
ILE CB  HB   sing N N 149 
ILE CG1 CD1  sing N N 150 
ILE CG1 HG12 sing N N 151 
ILE CG1 HG13 sing N N 152 
ILE CG2 HG21 sing N N 153 
ILE CG2 HG22 sing N N 154 
ILE CG2 HG23 sing N N 155 
ILE CD1 HD11 sing N N 156 
ILE CD1 HD12 sing N N 157 
ILE CD1 HD13 sing N N 158 
ILE OXT HXT  sing N N 159 
LEU N   CA   sing N N 160 
LEU N   H    sing N N 161 
LEU N   H2   sing N N 162 
LEU CA  C    sing N N 163 
LEU CA  CB   sing N N 164 
LEU CA  HA   sing N N 165 
LEU C   O    doub N N 166 
LEU C   OXT  sing N N 167 
LEU CB  CG   sing N N 168 
LEU CB  HB2  sing N N 169 
LEU CB  HB3  sing N N 170 
LEU CG  CD1  sing N N 171 
LEU CG  CD2  sing N N 172 
LEU CG  HG   sing N N 173 
LEU CD1 HD11 sing N N 174 
LEU CD1 HD12 sing N N 175 
LEU CD1 HD13 sing N N 176 
LEU CD2 HD21 sing N N 177 
LEU CD2 HD22 sing N N 178 
LEU CD2 HD23 sing N N 179 
LEU OXT HXT  sing N N 180 
LYS N   CA   sing N N 181 
LYS N   H    sing N N 182 
LYS N   H2   sing N N 183 
LYS CA  C    sing N N 184 
LYS CA  CB   sing N N 185 
LYS CA  HA   sing N N 186 
LYS C   O    doub N N 187 
LYS C   OXT  sing N N 188 
LYS CB  CG   sing N N 189 
LYS CB  HB2  sing N N 190 
LYS CB  HB3  sing N N 191 
LYS CG  CD   sing N N 192 
LYS CG  HG2  sing N N 193 
LYS CG  HG3  sing N N 194 
LYS CD  CE   sing N N 195 
LYS CD  HD2  sing N N 196 
LYS CD  HD3  sing N N 197 
LYS CE  NZ   sing N N 198 
LYS CE  HE2  sing N N 199 
LYS CE  HE3  sing N N 200 
LYS NZ  HZ1  sing N N 201 
LYS NZ  HZ2  sing N N 202 
LYS NZ  HZ3  sing N N 203 
LYS OXT HXT  sing N N 204 
MET N   CA   sing N N 205 
MET N   H    sing N N 206 
MET N   H2   sing N N 207 
MET CA  C    sing N N 208 
MET CA  CB   sing N N 209 
MET CA  HA   sing N N 210 
MET C   O    doub N N 211 
MET C   OXT  sing N N 212 
MET CB  CG   sing N N 213 
MET CB  HB2  sing N N 214 
MET CB  HB3  sing N N 215 
MET CG  SD   sing N N 216 
MET CG  HG2  sing N N 217 
MET CG  HG3  sing N N 218 
MET SD  CE   sing N N 219 
MET CE  HE1  sing N N 220 
MET CE  HE2  sing N N 221 
MET CE  HE3  sing N N 222 
MET OXT HXT  sing N N 223 
PHE N   CA   sing N N 224 
PHE N   H    sing N N 225 
PHE N   H2   sing N N 226 
PHE CA  C    sing N N 227 
PHE CA  CB   sing N N 228 
PHE CA  HA   sing N N 229 
PHE C   O    doub N N 230 
PHE C   OXT  sing N N 231 
PHE CB  CG   sing N N 232 
PHE CB  HB2  sing N N 233 
PHE CB  HB3  sing N N 234 
PHE CG  CD1  doub Y N 235 
PHE CG  CD2  sing Y N 236 
PHE CD1 CE1  sing Y N 237 
PHE CD1 HD1  sing N N 238 
PHE CD2 CE2  doub Y N 239 
PHE CD2 HD2  sing N N 240 
PHE CE1 CZ   doub Y N 241 
PHE CE1 HE1  sing N N 242 
PHE CE2 CZ   sing Y N 243 
PHE CE2 HE2  sing N N 244 
PHE CZ  HZ   sing N N 245 
PHE OXT HXT  sing N N 246 
PRO N   CA   sing N N 247 
PRO N   CD   sing N N 248 
PRO N   H    sing N N 249 
PRO CA  C    sing N N 250 
PRO CA  CB   sing N N 251 
PRO CA  HA   sing N N 252 
PRO C   O    doub N N 253 
PRO C   OXT  sing N N 254 
PRO CB  CG   sing N N 255 
PRO CB  HB2  sing N N 256 
PRO CB  HB3  sing N N 257 
PRO CG  CD   sing N N 258 
PRO CG  HG2  sing N N 259 
PRO CG  HG3  sing N N 260 
PRO CD  HD2  sing N N 261 
PRO CD  HD3  sing N N 262 
PRO OXT HXT  sing N N 263 
SER N   CA   sing N N 264 
SER N   H    sing N N 265 
SER N   H2   sing N N 266 
SER CA  C    sing N N 267 
SER CA  CB   sing N N 268 
SER CA  HA   sing N N 269 
SER C   O    doub N N 270 
SER C   OXT  sing N N 271 
SER CB  OG   sing N N 272 
SER CB  HB2  sing N N 273 
SER CB  HB3  sing N N 274 
SER OG  HG   sing N N 275 
SER OXT HXT  sing N N 276 
THR N   CA   sing N N 277 
THR N   H    sing N N 278 
THR N   H2   sing N N 279 
THR CA  C    sing N N 280 
THR CA  CB   sing N N 281 
THR CA  HA   sing N N 282 
THR C   O    doub N N 283 
THR C   OXT  sing N N 284 
THR CB  OG1  sing N N 285 
THR CB  CG2  sing N N 286 
THR CB  HB   sing N N 287 
THR OG1 HG1  sing N N 288 
THR CG2 HG21 sing N N 289 
THR CG2 HG22 sing N N 290 
THR CG2 HG23 sing N N 291 
THR OXT HXT  sing N N 292 
TRP N   CA   sing N N 293 
TRP N   H    sing N N 294 
TRP N   H2   sing N N 295 
TRP CA  C    sing N N 296 
TRP CA  CB   sing N N 297 
TRP CA  HA   sing N N 298 
TRP C   O    doub N N 299 
TRP C   OXT  sing N N 300 
TRP CB  CG   sing N N 301 
TRP CB  HB2  sing N N 302 
TRP CB  HB3  sing N N 303 
TRP CG  CD1  doub Y N 304 
TRP CG  CD2  sing Y N 305 
TRP CD1 NE1  sing Y N 306 
TRP CD1 HD1  sing N N 307 
TRP CD2 CE2  doub Y N 308 
TRP CD2 CE3  sing Y N 309 
TRP NE1 CE2  sing Y N 310 
TRP NE1 HE1  sing N N 311 
TRP CE2 CZ2  sing Y N 312 
TRP CE3 CZ3  doub Y N 313 
TRP CE3 HE3  sing N N 314 
TRP CZ2 CH2  doub Y N 315 
TRP CZ2 HZ2  sing N N 316 
TRP CZ3 CH2  sing Y N 317 
TRP CZ3 HZ3  sing N N 318 
TRP CH2 HH2  sing N N 319 
TRP OXT HXT  sing N N 320 
TYR N   CA   sing N N 321 
TYR N   H    sing N N 322 
TYR N   H2   sing N N 323 
TYR CA  C    sing N N 324 
TYR CA  CB   sing N N 325 
TYR CA  HA   sing N N 326 
TYR C   O    doub N N 327 
TYR C   OXT  sing N N 328 
TYR CB  CG   sing N N 329 
TYR CB  HB2  sing N N 330 
TYR CB  HB3  sing N N 331 
TYR CG  CD1  doub Y N 332 
TYR CG  CD2  sing Y N 333 
TYR CD1 CE1  sing Y N 334 
TYR CD1 HD1  sing N N 335 
TYR CD2 CE2  doub Y N 336 
TYR CD2 HD2  sing N N 337 
TYR CE1 CZ   doub Y N 338 
TYR CE1 HE1  sing N N 339 
TYR CE2 CZ   sing Y N 340 
TYR CE2 HE2  sing N N 341 
TYR CZ  OH   sing N N 342 
TYR OH  HH   sing N N 343 
TYR OXT HXT  sing N N 344 
VAL N   CA   sing N N 345 
VAL N   H    sing N N 346 
VAL N   H2   sing N N 347 
VAL CA  C    sing N N 348 
VAL CA  CB   sing N N 349 
VAL CA  HA   sing N N 350 
VAL C   O    doub N N 351 
VAL C   OXT  sing N N 352 
VAL CB  CG1  sing N N 353 
VAL CB  CG2  sing N N 354 
VAL CB  HB   sing N N 355 
VAL CG1 HG11 sing N N 356 
VAL CG1 HG12 sing N N 357 
VAL CG1 HG13 sing N N 358 
VAL CG2 HG21 sing N N 359 
VAL CG2 HG22 sing N N 360 
VAL CG2 HG23 sing N N 361 
VAL OXT HXT  sing N N 362 
# 
_pdbx_audit_support.funding_organization   'National Natural Science Foundation of China' 
_pdbx_audit_support.country                China 
_pdbx_audit_support.grant_number           31370735 
_pdbx_audit_support.ordinal                1 
# 
_pdbx_entity_nonpoly.entity_id   2 
_pdbx_entity_nonpoly.name        water 
_pdbx_entity_nonpoly.comp_id     HOH 
# 
_pdbx_initial_refinement_model.id               1 
_pdbx_initial_refinement_model.entity_id_list   ? 
_pdbx_initial_refinement_model.type             'experimental model' 
_pdbx_initial_refinement_model.source_name      PDB 
_pdbx_initial_refinement_model.accession_code   4KHB 
_pdbx_initial_refinement_model.details          ? 
# 
_pdbx_struct_assembly_auth_evidence.id                     1 
_pdbx_struct_assembly_auth_evidence.assembly_id            1 
_pdbx_struct_assembly_auth_evidence.experimental_support   'gel filtration' 
_pdbx_struct_assembly_auth_evidence.details                ? 
# 
_space_group.name_H-M_alt     'P 43' 
_space_group.name_Hall        'P 4cw' 
_space_group.IT_number        78 
_space_group.crystal_system   tetragonal 
_space_group.id               1 
# 
